data_4JFV
#
_entry.id   4JFV
#
_cell.length_a   55.540
_cell.length_b   187.001
_cell.length_c   97.671
_cell.angle_alpha   90.00
_cell.angle_beta   94.19
_cell.angle_gamma   90.00
#
_symmetry.space_group_name_H-M   'P 1 21 1'
#
loop_
_entity.id
_entity.type
_entity.pdbx_description
1 polymer alpha-L-fucosidase
2 non-polymer 'SULFATE ION'
3 non-polymer IMIDAZOLE
4 non-polymer (3alpha)-[({2-[(2S,3S,4R,5S)-3,4-dihydroxy-5-methylpyrrolidin-2-yl]ethyl}amino)methyl]ferrocene
5 water water
#
_entity_poly.entity_id   1
_entity_poly.type   'polypeptide(L)'
_entity_poly.pdbx_seq_one_letter_code
;EIPLKYGATNEGKRQDPAMQKFRDNRLGAFIHWGLYAIPGGEWNGKVYGGAAEWLKSWAKVPADEWLKLMDQWNPTKFDA
KKWAKMAKEMGTKYVKITTKHHEGFCLWPSKYTKYTVANTPYKRDILGELVKAYNDEGIDVHFYFSVMDWSNPDYRYDIK
SKEDSIAFSRFLEFTDNQLKELATRYPTVKDFWFDGTWDASVKKNGWWTAHAEQMLKELVPGVAINSRLRADDKGKRHFD
SNGRLMGDYESGYERRLPDPVKDLKVTQWDWEACMTIPENQWGYHKDWSLSYVKTPIEVIDRIVHAVSMGGNMVVNFGPQ
ADGDFRPEEKAMATAIGKWMNRYGKAVYACDYAGFEKQDWGYYTRGKNDEVYMVVFNQPYSERLIVKTPKGITVEKATLL
TTGEDITVVETTRNEYNVSVPKKNPGEPYVIQLKVRAAKGTKSIYRDALT
;
_entity_poly.pdbx_strand_id   A,B,C,D
#
loop_
_chem_comp.id
_chem_comp.type
_chem_comp.name
_chem_comp.formula
H57 non-polymer (3alpha)-[({2-[(2S,3S,4R,5S)-3,4-dihydroxy-5-methylpyrrolidin-2-yl]ethyl}amino)methyl]ferrocene 'C18 H26 Fe N2 O2'
IMD non-polymer IMIDAZOLE 'C3 H5 N2 1'
SO4 non-polymer 'SULFATE ION' 'O4 S -2'
#
# COMPACT_ATOMS: atom_id res chain seq x y z
N GLU A 1 -81.38 -6.60 -1.40
CA GLU A 1 -80.06 -7.19 -1.73
C GLU A 1 -79.63 -6.79 -3.15
N ILE A 2 -78.84 -5.71 -3.27
CA ILE A 2 -78.43 -5.13 -4.56
C ILE A 2 -77.22 -5.85 -5.17
N PRO A 3 -77.28 -6.27 -6.44
CA PRO A 3 -76.09 -6.94 -6.98
C PRO A 3 -75.03 -5.94 -7.42
N LEU A 4 -73.76 -6.32 -7.28
CA LEU A 4 -72.66 -5.37 -7.45
C LEU A 4 -71.47 -6.10 -7.98
N LYS A 5 -70.74 -5.48 -8.91
CA LYS A 5 -69.49 -6.07 -9.41
C LYS A 5 -68.29 -5.51 -8.63
N TYR A 6 -68.44 -4.33 -8.03
CA TYR A 6 -67.29 -3.64 -7.40
C TYR A 6 -67.50 -3.31 -5.91
N GLY A 7 -68.35 -4.10 -5.25
CA GLY A 7 -68.57 -3.97 -3.83
C GLY A 7 -67.59 -4.81 -3.04
N ALA A 8 -67.97 -5.14 -1.80
CA ALA A 8 -67.05 -5.77 -0.87
C ALA A 8 -66.50 -7.09 -1.38
N THR A 9 -65.24 -7.38 -1.01
CA THR A 9 -64.56 -8.61 -1.39
C THR A 9 -64.39 -9.56 -0.17
N ASN A 10 -63.86 -9.06 0.96
CA ASN A 10 -63.75 -9.85 2.21
C ASN A 10 -65.10 -10.11 2.86
N GLU A 11 -65.25 -11.29 3.46
CA GLU A 11 -66.51 -11.63 4.17
C GLU A 11 -66.46 -10.94 5.54
N GLY A 12 -65.59 -11.41 6.42
CA GLY A 12 -65.39 -10.69 7.71
C GLY A 12 -63.98 -10.10 7.75
N LYS A 13 -63.35 -10.12 8.92
CA LYS A 13 -61.94 -9.73 9.06
C LYS A 13 -61.02 -10.74 8.37
N ARG A 14 -59.97 -10.26 7.71
CA ARG A 14 -58.85 -11.13 7.30
C ARG A 14 -58.14 -11.73 8.50
N GLN A 15 -57.78 -12.99 8.42
CA GLN A 15 -57.03 -13.59 9.46
C GLN A 15 -55.69 -14.20 9.01
N ASP A 16 -55.24 -13.86 7.81
CA ASP A 16 -53.92 -14.24 7.38
C ASP A 16 -52.90 -13.52 8.24
N PRO A 17 -51.67 -14.06 8.31
CA PRO A 17 -50.63 -13.46 9.13
C PRO A 17 -50.32 -11.99 8.86
N ALA A 18 -50.35 -11.56 7.60
CA ALA A 18 -50.03 -10.16 7.32
C ALA A 18 -51.08 -9.21 7.93
N MET A 19 -52.36 -9.57 7.85
CA MET A 19 -53.39 -8.75 8.49
C MET A 19 -53.27 -8.80 10.00
N GLN A 20 -52.95 -9.97 10.54
CA GLN A 20 -52.73 -10.08 11.97
C GLN A 20 -51.60 -9.19 12.44
N LYS A 21 -50.58 -9.04 11.62
CA LYS A 21 -49.50 -8.18 11.93
C LYS A 21 -49.95 -6.73 11.87
N PHE A 22 -50.67 -6.38 10.83
CA PHE A 22 -51.18 -4.97 10.67
C PHE A 22 -51.99 -4.57 11.90
N ARG A 23 -52.86 -5.47 12.34
CA ARG A 23 -53.70 -5.29 13.52
C ARG A 23 -52.85 -5.24 14.81
N ASP A 24 -52.01 -6.26 15.01
CA ASP A 24 -51.27 -6.39 16.28
C ASP A 24 -50.32 -5.25 16.52
N ASN A 25 -49.80 -4.67 15.44
CA ASN A 25 -49.01 -3.47 15.57
C ASN A 25 -49.64 -2.37 16.45
N ARG A 26 -50.91 -2.14 16.20
CA ARG A 26 -51.79 -1.14 16.90
C ARG A 26 -51.42 0.34 16.84
N LEU A 27 -50.17 0.70 17.14
CA LEU A 27 -49.76 2.01 17.20
C LEU A 27 -48.84 2.36 16.07
N GLY A 28 -49.21 3.39 15.33
CA GLY A 28 -48.38 3.87 14.24
C GLY A 28 -48.13 5.32 14.31
N ALA A 29 -47.27 5.80 13.45
CA ALA A 29 -47.02 7.27 13.25
C ALA A 29 -47.29 7.63 11.83
N PHE A 30 -47.72 8.87 11.63
CA PHE A 30 -48.02 9.34 10.28
C PHE A 30 -46.97 10.41 10.02
N ILE A 31 -46.47 10.46 8.79
CA ILE A 31 -45.58 11.51 8.34
C ILE A 31 -46.21 12.19 7.13
N HIS A 32 -46.46 13.48 7.27
CA HIS A 32 -46.94 14.31 6.18
C HIS A 32 -45.77 15.21 5.88
N TRP A 33 -45.12 14.92 4.74
CA TRP A 33 -43.98 15.74 4.34
C TRP A 33 -44.04 15.95 2.82
N GLY A 34 -44.02 17.21 2.48
CA GLY A 34 -44.18 17.61 1.12
C GLY A 34 -43.81 19.07 1.03
N LEU A 35 -44.06 19.65 -0.16
CA LEU A 35 -43.62 21.06 -0.40
C LEU A 35 -44.21 22.06 0.50
N TYR A 36 -45.41 21.76 1.01
CA TYR A 36 -46.10 22.59 2.02
C TYR A 36 -45.28 22.87 3.23
N ALA A 37 -44.27 22.03 3.52
CA ALA A 37 -43.48 22.27 4.72
C ALA A 37 -42.64 23.51 4.60
N ILE A 38 -42.37 23.92 3.36
CA ILE A 38 -41.50 25.12 3.11
C ILE A 38 -42.20 26.37 3.54
N PRO A 39 -43.32 26.74 2.94
CA PRO A 39 -44.00 27.96 3.43
C PRO A 39 -44.61 27.80 4.86
N GLY A 40 -44.98 26.56 5.21
CA GLY A 40 -45.38 26.26 6.63
C GLY A 40 -46.60 27.05 7.11
N GLY A 41 -47.55 27.17 6.22
CA GLY A 41 -48.82 27.79 6.54
C GLY A 41 -48.87 29.27 6.17
N GLU A 42 -47.76 29.79 5.64
CA GLU A 42 -47.72 31.22 5.31
C GLU A 42 -47.43 31.44 3.86
N TRP A 43 -48.21 32.34 3.24
CA TRP A 43 -48.03 32.70 1.84
C TRP A 43 -48.12 34.21 1.65
N ASN A 44 -47.07 34.76 1.01
CA ASN A 44 -47.03 36.19 0.64
C ASN A 44 -47.36 37.02 1.88
N GLY A 45 -46.71 36.72 3.01
CA GLY A 45 -46.94 37.50 4.21
C GLY A 45 -48.24 37.26 4.98
N LYS A 46 -49.15 36.43 4.47
CA LYS A 46 -50.36 36.08 5.24
C LYS A 46 -50.23 34.66 5.84
N VAL A 47 -50.35 34.55 7.16
CA VAL A 47 -50.41 33.22 7.85
C VAL A 47 -51.83 32.71 7.80
N TYR A 48 -52.07 31.56 7.20
CA TYR A 48 -53.42 31.00 7.13
C TYR A 48 -53.61 29.96 8.26
N GLY A 49 -54.78 30.00 8.89
CA GLY A 49 -55.11 29.13 10.04
C GLY A 49 -55.48 27.71 9.63
N GLY A 50 -55.87 27.53 8.38
CA GLY A 50 -56.18 26.19 7.83
C GLY A 50 -55.00 25.21 7.80
N ALA A 51 -55.30 23.94 7.50
CA ALA A 51 -54.28 22.89 7.49
C ALA A 51 -53.18 23.29 6.47
N ALA A 52 -51.94 23.29 6.93
CA ALA A 52 -50.79 23.77 6.12
C ALA A 52 -50.63 23.04 4.83
N GLU A 53 -50.97 21.76 4.81
CA GLU A 53 -50.81 20.95 3.61
C GLU A 53 -51.84 21.33 2.53
N TRP A 54 -52.84 22.12 2.92
CA TRP A 54 -53.85 22.68 2.02
C TRP A 54 -53.58 24.18 1.70
N LEU A 55 -52.43 24.72 2.05
CA LEU A 55 -52.13 26.12 1.77
C LEU A 55 -52.30 26.52 0.29
N LYS A 56 -51.91 25.64 -0.65
CA LYS A 56 -52.12 25.94 -2.08
C LYS A 56 -53.56 26.38 -2.30
N SER A 57 -54.46 25.69 -1.60
CA SER A 57 -55.87 25.95 -1.72
C SER A 57 -56.28 27.21 -0.96
N TRP A 58 -55.93 27.35 0.31
CA TRP A 58 -56.27 28.58 1.09
C TRP A 58 -55.77 29.88 0.47
N ALA A 59 -54.55 29.87 -0.06
CA ALA A 59 -53.95 31.04 -0.65
C ALA A 59 -54.23 31.17 -2.16
N LYS A 60 -55.02 30.25 -2.72
CA LYS A 60 -55.35 30.25 -4.16
C LYS A 60 -54.09 30.28 -5.07
N VAL A 61 -53.11 29.42 -4.81
CA VAL A 61 -51.87 29.42 -5.59
C VAL A 61 -51.98 28.52 -6.81
N PRO A 62 -51.71 29.07 -8.03
CA PRO A 62 -51.66 28.19 -9.21
C PRO A 62 -50.62 27.07 -9.11
N ALA A 63 -50.91 25.96 -9.78
CA ALA A 63 -50.03 24.79 -9.76
C ALA A 63 -48.59 25.13 -10.12
N ASP A 64 -48.39 25.89 -11.22
CA ASP A 64 -47.06 26.17 -11.72
C ASP A 64 -46.29 26.85 -10.63
N GLU A 65 -46.91 27.86 -10.01
CA GLU A 65 -46.22 28.60 -8.96
C GLU A 65 -46.00 27.75 -7.66
N TRP A 66 -47.02 27.01 -7.26
CA TRP A 66 -46.85 26.16 -6.06
C TRP A 66 -45.66 25.18 -6.25
N LEU A 67 -45.65 24.50 -7.38
CA LEU A 67 -44.61 23.48 -7.67
C LEU A 67 -43.18 24.02 -7.82
N LYS A 68 -43.05 25.34 -8.06
CA LYS A 68 -41.72 25.99 -7.99
C LYS A 68 -41.08 25.83 -6.65
N LEU A 69 -41.87 25.55 -5.63
CA LEU A 69 -41.25 25.29 -4.34
C LEU A 69 -40.22 24.17 -4.40
N MET A 70 -40.37 23.27 -5.38
CA MET A 70 -39.33 22.25 -5.60
C MET A 70 -37.91 22.80 -5.59
N ASP A 71 -37.79 24.03 -6.09
CA ASP A 71 -36.48 24.66 -6.19
C ASP A 71 -35.91 24.91 -4.84
N GLN A 72 -36.74 24.96 -3.80
CA GLN A 72 -36.22 25.16 -2.42
C GLN A 72 -36.21 23.90 -1.59
N TRP A 73 -36.59 22.78 -2.17
CA TRP A 73 -36.56 21.49 -1.45
C TRP A 73 -35.15 20.99 -1.28
N ASN A 74 -34.62 21.23 -0.08
CA ASN A 74 -33.29 20.83 0.25
C ASN A 74 -33.17 20.59 1.76
N PRO A 75 -33.78 19.50 2.21
CA PRO A 75 -33.80 19.15 3.66
C PRO A 75 -32.45 18.62 4.15
N THR A 76 -31.57 19.58 4.35
CA THR A 76 -30.22 19.44 4.85
C THR A 76 -30.07 18.50 6.04
N LYS A 77 -31.00 18.62 6.97
CA LYS A 77 -30.93 17.88 8.22
C LYS A 77 -31.62 16.56 8.15
N PHE A 78 -32.16 16.20 7.00
CA PHE A 78 -32.81 14.90 6.88
C PHE A 78 -31.84 13.74 7.16
N ASP A 79 -32.24 12.81 8.03
CA ASP A 79 -31.47 11.62 8.24
C ASP A 79 -32.47 10.53 8.54
N ALA A 80 -32.67 9.61 7.59
CA ALA A 80 -33.66 8.57 7.75
C ALA A 80 -33.42 7.71 8.98
N LYS A 81 -32.16 7.44 9.30
CA LYS A 81 -31.85 6.61 10.46
C LYS A 81 -32.33 7.28 11.75
N LYS A 82 -32.20 8.59 11.82
CA LYS A 82 -32.69 9.32 13.00
C LYS A 82 -34.22 9.29 13.10
N TRP A 83 -34.88 9.47 11.97
CA TRP A 83 -36.31 9.41 11.92
C TRP A 83 -36.76 8.05 12.41
N ALA A 84 -36.08 7.00 11.97
CA ALA A 84 -36.47 5.67 12.38
C ALA A 84 -36.20 5.43 13.84
N LYS A 85 -35.10 5.97 14.35
CA LYS A 85 -34.82 5.91 15.80
C LYS A 85 -35.91 6.65 16.61
N MET A 86 -36.32 7.84 16.13
CA MET A 86 -37.42 8.53 16.78
C MET A 86 -38.71 7.68 16.84
N ALA A 87 -39.03 7.00 15.74
CA ALA A 87 -40.22 6.21 15.71
C ALA A 87 -40.08 5.01 16.64
N LYS A 88 -38.89 4.41 16.66
CA LYS A 88 -38.67 3.25 17.55
C LYS A 88 -38.85 3.66 18.98
N GLU A 89 -38.28 4.79 19.33
CA GLU A 89 -38.28 5.36 20.71
CA GLU A 89 -38.28 5.24 20.71
C GLU A 89 -39.72 5.63 21.14
N MET A 90 -40.54 6.11 20.19
CA MET A 90 -41.95 6.40 20.50
C MET A 90 -42.76 5.16 20.79
N GLY A 91 -42.28 3.99 20.36
CA GLY A 91 -43.01 2.77 20.51
C GLY A 91 -43.96 2.48 19.32
N THR A 92 -43.82 3.19 18.22
CA THR A 92 -44.58 2.88 17.03
C THR A 92 -44.11 1.61 16.35
N LYS A 93 -45.01 0.82 15.85
CA LYS A 93 -44.68 -0.44 15.18
C LYS A 93 -44.74 -0.31 13.66
N TYR A 94 -45.24 0.86 13.22
CA TYR A 94 -45.35 1.16 11.82
C TYR A 94 -45.43 2.62 11.60
N VAL A 95 -45.08 3.02 10.40
CA VAL A 95 -45.16 4.41 9.95
C VAL A 95 -45.85 4.46 8.60
N LYS A 96 -46.86 5.36 8.49
CA LYS A 96 -47.57 5.66 7.23
C LYS A 96 -46.96 6.99 6.68
N ILE A 97 -46.47 6.97 5.44
CA ILE A 97 -45.77 8.10 4.84
C ILE A 97 -46.45 8.60 3.60
N THR A 98 -46.54 9.93 3.48
CA THR A 98 -47.15 10.55 2.32
C THR A 98 -46.23 10.41 1.16
N THR A 99 -46.52 9.44 0.29
CA THR A 99 -45.75 9.25 -0.94
C THR A 99 -45.96 10.40 -1.89
N LYS A 100 -47.21 10.86 -1.93
CA LYS A 100 -47.61 12.03 -2.75
C LYS A 100 -48.93 12.57 -2.10
N HIS A 101 -48.97 13.86 -1.79
CA HIS A 101 -50.16 14.46 -1.24
C HIS A 101 -50.92 15.12 -2.39
N HIS A 102 -51.98 15.88 -2.09
CA HIS A 102 -52.81 16.45 -3.15
C HIS A 102 -51.95 17.31 -4.09
N GLU A 103 -50.94 17.98 -3.57
CA GLU A 103 -50.05 18.86 -4.39
C GLU A 103 -49.37 18.08 -5.52
N GLY A 104 -49.24 16.75 -5.41
CA GLY A 104 -48.72 15.94 -6.49
C GLY A 104 -47.21 15.76 -6.54
N PHE A 105 -46.49 16.38 -5.62
CA PHE A 105 -45.05 16.22 -5.49
C PHE A 105 -44.70 14.87 -4.89
N CYS A 106 -43.88 14.09 -5.59
CA CYS A 106 -43.58 12.71 -5.14
C CYS A 106 -42.30 12.61 -4.34
N LEU A 107 -42.38 11.88 -3.22
CA LEU A 107 -41.20 11.69 -2.39
C LEU A 107 -40.29 10.57 -2.87
N TRP A 108 -40.66 9.91 -3.98
CA TRP A 108 -39.84 8.95 -4.68
C TRP A 108 -39.70 9.44 -6.12
N PRO A 109 -38.64 9.01 -6.82
CA PRO A 109 -38.35 9.55 -8.17
C PRO A 109 -39.21 8.90 -9.25
N SER A 110 -40.49 9.25 -9.29
CA SER A 110 -41.41 8.59 -10.18
C SER A 110 -40.97 8.87 -11.61
N LYS A 111 -41.11 7.84 -12.41
CA LYS A 111 -40.74 8.01 -13.85
C LYS A 111 -41.94 8.60 -14.62
N TYR A 112 -43.09 8.81 -13.96
CA TYR A 112 -44.31 9.26 -14.63
C TYR A 112 -44.68 10.76 -14.47
N THR A 113 -43.83 11.55 -13.84
CA THR A 113 -44.05 13.00 -13.72
C THR A 113 -42.73 13.60 -13.39
N LYS A 114 -42.59 14.87 -13.66
CA LYS A 114 -41.39 15.59 -13.27
C LYS A 114 -41.44 16.22 -11.87
N TYR A 115 -42.61 16.17 -11.25
CA TYR A 115 -42.78 16.76 -9.90
C TYR A 115 -42.37 15.75 -8.84
N THR A 116 -41.06 15.51 -8.76
CA THR A 116 -40.53 14.54 -7.83
C THR A 116 -39.30 15.05 -7.11
N VAL A 117 -38.93 14.33 -6.04
CA VAL A 117 -37.67 14.58 -5.34
C VAL A 117 -36.41 14.60 -6.28
N ALA A 118 -36.44 13.81 -7.37
CA ALA A 118 -35.34 13.80 -8.38
C ALA A 118 -35.01 15.20 -8.88
N ASN A 119 -36.03 16.03 -9.08
CA ASN A 119 -35.81 17.36 -9.70
C ASN A 119 -35.80 18.51 -8.72
N THR A 120 -35.17 18.27 -7.60
CA THR A 120 -34.98 19.25 -6.56
C THR A 120 -33.50 19.27 -6.29
N PRO A 121 -33.02 20.30 -5.61
CA PRO A 121 -31.61 20.28 -5.26
C PRO A 121 -31.21 19.01 -4.52
N TYR A 122 -32.12 18.47 -3.74
CA TYR A 122 -31.74 17.39 -2.84
C TYR A 122 -31.59 16.09 -3.62
N LYS A 123 -32.35 15.93 -4.70
CA LYS A 123 -32.31 14.81 -5.62
C LYS A 123 -32.66 13.42 -5.09
N ARG A 124 -32.39 13.13 -3.84
CA ARG A 124 -32.43 11.76 -3.35
C ARG A 124 -33.83 11.15 -3.17
N ASP A 125 -33.91 9.81 -3.30
CA ASP A 125 -35.11 9.08 -3.10
C ASP A 125 -35.39 9.02 -1.56
N ILE A 126 -36.00 10.08 -1.06
CA ILE A 126 -36.45 10.12 0.37
C ILE A 126 -37.24 8.92 0.82
N LEU A 127 -38.17 8.51 0.00
CA LEU A 127 -39.06 7.44 0.34
C LEU A 127 -38.31 6.13 0.50
N GLY A 128 -37.43 5.85 -0.48
CA GLY A 128 -36.57 4.69 -0.42
C GLY A 128 -35.67 4.70 0.82
N GLU A 129 -35.14 5.86 1.15
CA GLU A 129 -34.31 5.95 2.37
C GLU A 129 -35.12 5.65 3.65
N LEU A 130 -36.34 6.17 3.68
CA LEU A 130 -37.20 5.92 4.83
C LEU A 130 -37.60 4.48 4.93
N VAL A 131 -37.97 3.87 3.81
CA VAL A 131 -38.35 2.46 3.85
C VAL A 131 -37.27 1.59 4.46
N LYS A 132 -36.06 1.80 3.96
CA LYS A 132 -34.88 1.06 4.45
C LYS A 132 -34.64 1.25 5.94
N ALA A 133 -34.59 2.49 6.34
CA ALA A 133 -34.37 2.85 7.76
C ALA A 133 -35.41 2.34 8.72
N TYR A 134 -36.70 2.49 8.34
CA TYR A 134 -37.71 1.99 9.22
C TYR A 134 -37.61 0.52 9.29
N ASN A 135 -37.53 -0.12 8.13
CA ASN A 135 -37.46 -1.59 8.09
C ASN A 135 -36.28 -2.12 8.88
N ASP A 136 -35.20 -1.39 8.85
CA ASP A 136 -33.98 -1.76 9.60
C ASP A 136 -34.26 -1.73 11.09
N GLU A 137 -35.26 -0.95 11.52
CA GLU A 137 -35.64 -0.92 12.92
C GLU A 137 -36.74 -1.82 13.25
N GLY A 138 -37.18 -2.66 12.31
CA GLY A 138 -38.24 -3.58 12.55
C GLY A 138 -39.63 -2.92 12.51
N ILE A 139 -39.72 -1.81 11.82
CA ILE A 139 -40.94 -1.03 11.70
C ILE A 139 -41.53 -1.19 10.32
N ASP A 140 -42.77 -1.58 10.26
CA ASP A 140 -43.51 -1.73 8.97
C ASP A 140 -43.75 -0.37 8.36
N VAL A 141 -43.79 -0.32 7.06
CA VAL A 141 -44.02 0.93 6.33
C VAL A 141 -45.29 0.82 5.48
N HIS A 142 -46.15 1.83 5.61
CA HIS A 142 -47.42 1.95 4.89
C HIS A 142 -47.32 3.23 4.04
N PHE A 143 -47.98 3.21 2.87
CA PHE A 143 -47.89 4.35 1.94
C PHE A 143 -49.22 5.07 1.83
N TYR A 144 -49.20 6.30 2.25
CA TYR A 144 -50.32 7.19 1.97
C TYR A 144 -50.18 7.54 0.51
N PHE A 145 -51.31 7.61 -0.19
CA PHE A 145 -51.33 8.06 -1.63
C PHE A 145 -52.59 8.88 -1.92
N SER A 146 -52.42 10.12 -2.33
CA SER A 146 -53.52 10.92 -2.74
C SER A 146 -53.87 10.65 -4.23
N VAL A 147 -55.10 10.22 -4.49
CA VAL A 147 -55.56 10.06 -5.86
C VAL A 147 -55.69 11.45 -6.49
N MET A 148 -56.46 12.30 -5.87
CA MET A 148 -56.54 13.69 -6.32
C MET A 148 -55.15 14.23 -6.42
N ASP A 149 -54.86 14.85 -7.57
CA ASP A 149 -53.53 15.34 -7.84
C ASP A 149 -53.69 16.70 -8.51
N TRP A 150 -53.32 17.75 -7.78
CA TRP A 150 -53.42 19.15 -8.27
C TRP A 150 -52.37 19.51 -9.33
N SER A 151 -51.41 18.61 -9.53
CA SER A 151 -50.28 18.89 -10.47
C SER A 151 -50.53 18.36 -11.89
N ASN A 152 -51.49 17.45 -12.06
CA ASN A 152 -51.71 16.72 -13.31
C ASN A 152 -52.97 17.26 -13.93
N PRO A 153 -52.84 17.94 -15.08
CA PRO A 153 -54.02 18.59 -15.70
C PRO A 153 -55.08 17.60 -16.23
N ASP A 154 -54.80 16.30 -16.30
CA ASP A 154 -55.84 15.33 -16.65
C ASP A 154 -56.81 14.98 -15.51
N TYR A 155 -56.48 15.42 -14.29
CA TYR A 155 -57.38 15.18 -13.16
C TYR A 155 -58.70 15.92 -13.46
N ARG A 156 -59.83 15.31 -13.08
CA ARG A 156 -61.14 15.94 -13.12
C ARG A 156 -61.89 15.73 -11.79
N TYR A 157 -62.58 16.78 -11.33
CA TYR A 157 -63.44 16.71 -10.13
C TYR A 157 -64.74 15.95 -10.41
N ASP A 158 -65.18 16.05 -11.65
CA ASP A 158 -66.37 15.36 -12.13
C ASP A 158 -66.25 15.03 -13.63
N ILE A 159 -67.05 14.06 -14.09
CA ILE A 159 -67.15 13.67 -15.52
C ILE A 159 -68.43 14.29 -16.11
N LYS A 160 -68.28 15.40 -16.84
CA LYS A 160 -69.42 16.15 -17.41
C LYS A 160 -69.42 16.15 -18.97
N SER A 161 -68.46 15.47 -19.59
CA SER A 161 -68.33 15.41 -21.05
C SER A 161 -67.53 14.18 -21.47
N LYS A 162 -67.55 13.87 -22.76
CA LYS A 162 -66.72 12.78 -23.30
C LYS A 162 -65.20 13.19 -23.22
N GLU A 163 -64.91 14.50 -23.32
CA GLU A 163 -63.54 15.01 -23.12
C GLU A 163 -63.04 14.74 -21.68
N ASP A 164 -63.91 15.02 -20.71
CA ASP A 164 -63.61 14.80 -19.29
C ASP A 164 -63.29 13.33 -19.07
N SER A 165 -64.12 12.47 -19.64
CA SER A 165 -63.96 11.05 -19.49
C SER A 165 -62.64 10.55 -20.12
N ILE A 166 -62.31 11.12 -21.27
CA ILE A 166 -61.06 10.81 -21.94
C ILE A 166 -59.86 11.19 -21.04
N ALA A 167 -59.84 12.43 -20.57
CA ALA A 167 -58.77 12.99 -19.77
C ALA A 167 -58.58 12.11 -18.50
N PHE A 168 -59.69 11.85 -17.83
CA PHE A 168 -59.67 11.17 -16.55
C PHE A 168 -59.23 9.74 -16.74
N SER A 169 -59.57 9.15 -17.87
CA SER A 169 -59.13 7.78 -18.13
C SER A 169 -57.60 7.74 -18.19
N ARG A 170 -57.00 8.76 -18.81
CA ARG A 170 -55.54 8.87 -18.93
C ARG A 170 -54.94 9.16 -17.51
N PHE A 171 -55.66 9.94 -16.72
CA PHE A 171 -55.30 10.17 -15.32
C PHE A 171 -55.28 8.88 -14.49
N LEU A 172 -56.27 8.03 -14.67
CA LEU A 172 -56.31 6.75 -13.94
C LEU A 172 -55.17 5.85 -14.36
N GLU A 173 -54.77 5.95 -15.62
CA GLU A 173 -53.68 5.14 -16.12
C GLU A 173 -52.36 5.61 -15.47
N PHE A 174 -52.20 6.93 -15.45
CA PHE A 174 -51.10 7.57 -14.78
C PHE A 174 -51.04 7.11 -13.31
N THR A 175 -52.20 7.12 -12.66
CA THR A 175 -52.28 6.73 -11.26
C THR A 175 -51.88 5.27 -11.10
N ASP A 176 -52.38 4.41 -11.97
CA ASP A 176 -52.03 2.98 -11.91
C ASP A 176 -50.51 2.78 -12.06
N ASN A 177 -49.93 3.57 -12.96
CA ASN A 177 -48.51 3.54 -13.22
C ASN A 177 -47.70 3.91 -11.98
N GLN A 178 -48.10 4.98 -11.29
CA GLN A 178 -47.44 5.30 -10.03
C GLN A 178 -47.64 4.22 -8.98
N LEU A 179 -48.85 3.72 -8.86
CA LEU A 179 -49.08 2.67 -7.87
C LEU A 179 -48.24 1.41 -8.10
N LYS A 180 -48.16 0.96 -9.35
CA LYS A 180 -47.36 -0.22 -9.70
C LYS A 180 -45.91 0.04 -9.45
N GLU A 181 -45.48 1.26 -9.78
CA GLU A 181 -44.15 1.68 -9.52
C GLU A 181 -43.82 1.59 -8.03
N LEU A 182 -44.74 2.08 -7.19
CA LEU A 182 -44.47 2.09 -5.76
C LEU A 182 -44.41 0.65 -5.23
N ALA A 183 -45.30 -0.18 -5.73
CA ALA A 183 -45.39 -1.57 -5.29
C ALA A 183 -44.16 -2.41 -5.71
N THR A 184 -43.61 -2.10 -6.87
CA THR A 184 -42.47 -2.87 -7.40
C THR A 184 -41.12 -2.32 -6.95
N ARG A 185 -41.01 -0.99 -6.87
CA ARG A 185 -39.83 -0.42 -6.26
C ARG A 185 -39.63 -0.81 -4.79
N TYR A 186 -40.72 -0.89 -4.00
CA TYR A 186 -40.65 -0.94 -2.54
C TYR A 186 -41.52 -2.10 -2.08
N PRO A 187 -41.10 -3.32 -2.42
CA PRO A 187 -41.93 -4.48 -2.17
C PRO A 187 -42.16 -4.87 -0.72
N THR A 188 -41.47 -4.26 0.23
CA THR A 188 -41.76 -4.47 1.66
C THR A 188 -42.96 -3.64 2.18
N VAL A 189 -43.49 -2.75 1.35
CA VAL A 189 -44.70 -2.05 1.69
C VAL A 189 -45.80 -3.01 2.22
N LYS A 190 -46.49 -2.62 3.30
CA LYS A 190 -47.51 -3.44 3.89
C LYS A 190 -48.93 -2.95 3.73
N ASP A 191 -49.11 -1.73 3.22
CA ASP A 191 -50.40 -1.10 3.21
C ASP A 191 -50.35 0.08 2.26
N PHE A 192 -51.44 0.30 1.53
CA PHE A 192 -51.67 1.56 0.81
C PHE A 192 -52.96 2.23 1.36
N TRP A 193 -52.80 3.49 1.74
CA TRP A 193 -53.84 4.26 2.43
C TRP A 193 -54.15 5.41 1.50
N PHE A 194 -55.27 5.25 0.78
CA PHE A 194 -55.67 6.22 -0.20
C PHE A 194 -56.46 7.38 0.42
N ASP A 195 -56.23 8.56 -0.12
CA ASP A 195 -56.91 9.76 0.24
C ASP A 195 -57.30 10.48 -1.09
N GLY A 196 -58.04 11.59 -0.99
CA GLY A 196 -58.39 12.39 -2.13
C GLY A 196 -59.22 11.57 -3.12
N THR A 197 -60.15 10.75 -2.61
CA THR A 197 -60.96 9.88 -3.43
C THR A 197 -62.45 10.24 -3.35
N TRP A 198 -62.77 11.41 -2.82
CA TRP A 198 -64.16 11.77 -2.55
C TRP A 198 -64.84 12.41 -3.74
N ASP A 199 -64.09 12.82 -4.76
CA ASP A 199 -64.71 13.59 -5.85
C ASP A 199 -65.67 12.73 -6.67
N ALA A 200 -66.67 13.39 -7.26
CA ALA A 200 -67.63 12.72 -8.14
C ALA A 200 -66.97 11.89 -9.24
N SER A 201 -65.80 12.32 -9.73
CA SER A 201 -65.08 11.55 -10.77
C SER A 201 -64.73 10.15 -10.31
N VAL A 202 -64.26 10.07 -9.07
CA VAL A 202 -63.88 8.78 -8.53
C VAL A 202 -65.12 7.97 -8.19
N LYS A 203 -66.10 8.61 -7.56
CA LYS A 203 -67.36 7.93 -7.20
C LYS A 203 -68.03 7.27 -8.41
N LYS A 204 -67.92 7.93 -9.55
CA LYS A 204 -68.43 7.41 -10.82
C LYS A 204 -67.59 6.29 -11.41
N ASN A 205 -66.41 6.04 -10.86
CA ASN A 205 -65.51 5.05 -11.40
C ASN A 205 -65.14 4.04 -10.35
N GLY A 206 -66.17 3.54 -9.71
CA GLY A 206 -66.06 2.53 -8.71
C GLY A 206 -65.18 1.40 -9.16
N TRP A 207 -65.36 0.97 -10.40
CA TRP A 207 -64.65 -0.16 -10.99
C TRP A 207 -63.15 0.02 -10.85
N TRP A 208 -62.68 1.25 -11.02
CA TRP A 208 -61.28 1.54 -10.95
C TRP A 208 -60.72 1.30 -9.50
N THR A 209 -61.51 1.72 -8.49
CA THR A 209 -61.13 1.54 -7.11
C THR A 209 -60.95 0.08 -6.82
N ALA A 210 -61.86 -0.75 -7.31
CA ALA A 210 -61.77 -2.19 -7.04
C ALA A 210 -60.58 -2.79 -7.77
N HIS A 211 -60.32 -2.25 -8.95
CA HIS A 211 -59.21 -2.73 -9.78
C HIS A 211 -57.87 -2.39 -9.10
N ALA A 212 -57.80 -1.19 -8.57
CA ALA A 212 -56.60 -0.74 -7.90
C ALA A 212 -56.30 -1.65 -6.70
N GLU A 213 -57.34 -1.99 -5.95
CA GLU A 213 -57.19 -2.88 -4.84
C GLU A 213 -56.62 -4.25 -5.29
N GLN A 214 -57.24 -4.84 -6.33
CA GLN A 214 -56.87 -6.19 -6.82
C GLN A 214 -55.48 -6.14 -7.44
N MET A 215 -55.18 -5.05 -8.14
CA MET A 215 -53.89 -4.89 -8.78
C MET A 215 -52.75 -4.90 -7.76
N LEU A 216 -52.95 -4.17 -6.65
CA LEU A 216 -51.91 -4.05 -5.64
C LEU A 216 -51.80 -5.32 -4.85
N LYS A 217 -52.94 -5.96 -4.59
CA LYS A 217 -52.91 -7.24 -3.88
C LYS A 217 -52.17 -8.35 -4.68
N GLU A 218 -52.25 -8.30 -6.01
CA GLU A 218 -51.48 -9.21 -6.88
C GLU A 218 -49.99 -8.88 -6.87
N LEU A 219 -49.66 -7.60 -6.82
CA LEU A 219 -48.25 -7.21 -6.76
C LEU A 219 -47.54 -7.35 -5.40
N VAL A 220 -48.29 -7.23 -4.28
CA VAL A 220 -47.72 -7.22 -2.95
C VAL A 220 -48.45 -8.21 -2.08
N PRO A 221 -47.93 -9.42 -2.00
CA PRO A 221 -48.67 -10.42 -1.19
C PRO A 221 -49.00 -9.96 0.25
N GLY A 222 -50.25 -10.11 0.64
CA GLY A 222 -50.71 -9.78 2.00
C GLY A 222 -50.90 -8.28 2.27
N VAL A 223 -50.65 -7.43 1.26
CA VAL A 223 -50.83 -5.99 1.43
C VAL A 223 -52.25 -5.65 1.88
N ALA A 224 -52.35 -4.60 2.71
CA ALA A 224 -53.63 -4.08 3.22
C ALA A 224 -54.01 -2.86 2.41
N ILE A 225 -55.30 -2.63 2.27
CA ILE A 225 -55.83 -1.49 1.45
C ILE A 225 -57.00 -0.86 2.22
N ASN A 226 -56.96 0.44 2.41
CA ASN A 226 -57.97 1.13 3.26
C ASN A 226 -59.31 1.29 2.55
N SER A 227 -60.35 1.41 3.36
CA SER A 227 -61.70 1.55 2.86
C SER A 227 -61.90 2.85 2.07
N ARG A 228 -61.15 3.87 2.39
CA ARG A 228 -61.31 5.21 1.82
C ARG A 228 -61.07 5.22 0.31
N LEU A 229 -60.28 4.27 -0.18
CA LEU A 229 -60.11 4.06 -1.64
C LEU A 229 -61.42 3.81 -2.35
N ARG A 230 -62.29 3.04 -1.70
CA ARG A 230 -63.23 2.24 -2.46
C ARG A 230 -64.60 2.91 -2.63
N ALA A 231 -65.06 2.88 -3.88
CA ALA A 231 -66.47 3.18 -4.22
C ALA A 231 -67.03 1.96 -4.94
N ASP A 232 -68.32 1.69 -4.74
CA ASP A 232 -68.95 0.56 -5.46
C ASP A 232 -69.57 1.06 -6.81
N ASP A 233 -70.28 0.14 -7.46
CA ASP A 233 -71.01 0.41 -8.71
C ASP A 233 -71.91 1.66 -8.64
N LYS A 234 -72.50 1.94 -7.47
CA LYS A 234 -73.45 3.06 -7.31
C LYS A 234 -72.79 4.30 -6.78
N GLY A 235 -71.47 4.27 -6.59
CA GLY A 235 -70.75 5.44 -6.08
C GLY A 235 -70.75 5.55 -4.54
N LYS A 236 -71.26 4.52 -3.85
CA LYS A 236 -71.25 4.50 -2.37
C LYS A 236 -69.79 4.23 -1.90
N ARG A 237 -69.29 5.03 -0.96
CA ARG A 237 -67.87 4.95 -0.50
C ARG A 237 -67.66 4.28 0.87
N HIS A 238 -66.50 3.65 1.07
CA HIS A 238 -66.14 2.89 2.31
C HIS A 238 -66.93 1.62 2.48
N PHE A 239 -68.25 1.74 2.67
CA PHE A 239 -69.10 0.56 2.74
C PHE A 239 -69.98 0.56 1.47
N ASP A 240 -70.18 -0.61 0.89
CA ASP A 240 -70.91 -0.71 -0.38
C ASP A 240 -72.42 -0.54 -0.14
N SER A 241 -73.19 -0.62 -1.24
CA SER A 241 -74.64 -0.47 -1.23
C SER A 241 -75.39 -1.53 -0.42
N ASN A 242 -74.79 -2.68 -0.18
CA ASN A 242 -75.32 -3.68 0.77
C ASN A 242 -74.73 -3.57 2.20
N GLY A 243 -74.13 -2.42 2.53
CA GLY A 243 -73.59 -2.16 3.87
C GLY A 243 -72.31 -2.86 4.21
N ARG A 244 -71.66 -3.52 3.24
CA ARG A 244 -70.48 -4.30 3.53
C ARG A 244 -69.22 -3.43 3.34
N LEU A 245 -68.27 -3.58 4.27
CA LEU A 245 -67.01 -2.84 4.22
C LEU A 245 -66.15 -3.27 3.02
N MET A 246 -65.70 -2.29 2.24
CA MET A 246 -64.76 -2.52 1.14
C MET A 246 -63.36 -2.19 1.63
N GLY A 247 -62.38 -2.81 0.97
CA GLY A 247 -61.03 -2.79 1.49
C GLY A 247 -60.88 -3.67 2.72
N ASP A 248 -59.71 -3.57 3.35
CA ASP A 248 -59.35 -4.51 4.39
C ASP A 248 -59.65 -3.99 5.79
N TYR A 249 -59.89 -2.71 5.87
CA TYR A 249 -60.16 -2.06 7.15
C TYR A 249 -60.80 -0.69 6.94
N GLU A 250 -61.52 -0.27 7.97
CA GLU A 250 -62.21 1.02 7.95
C GLU A 250 -61.32 2.15 8.35
N SER A 251 -61.35 3.21 7.57
CA SER A 251 -60.43 4.30 7.67
C SER A 251 -61.11 5.67 7.61
N GLY A 252 -62.26 5.81 8.21
CA GLY A 252 -62.90 7.13 8.28
C GLY A 252 -62.75 7.93 9.57
N TYR A 253 -62.11 7.40 10.62
CA TYR A 253 -62.12 8.08 11.90
C TYR A 253 -60.86 8.88 11.89
N GLU A 254 -61.00 10.14 11.49
CA GLU A 254 -59.87 11.01 11.25
C GLU A 254 -60.10 12.19 12.14
N ARG A 255 -59.29 12.33 13.19
CA ARG A 255 -59.49 13.37 14.19
C ARG A 255 -60.82 13.23 14.94
N ARG A 256 -61.37 12.01 14.97
CA ARG A 256 -62.50 11.70 15.87
C ARG A 256 -62.49 10.16 16.08
N LEU A 257 -63.23 9.67 17.09
CA LEU A 257 -63.24 8.24 17.44
C LEU A 257 -64.64 7.72 17.70
N PRO A 258 -64.87 6.42 17.45
CA PRO A 258 -66.20 5.89 17.78
C PRO A 258 -66.51 5.96 19.27
N ASP A 259 -67.80 6.17 19.57
CA ASP A 259 -68.27 6.28 20.93
C ASP A 259 -68.20 4.90 21.59
N PRO A 260 -67.64 4.83 22.75
CA PRO A 260 -67.42 3.50 23.41
C PRO A 260 -68.65 2.78 23.90
N VAL A 261 -69.78 3.49 23.94
CA VAL A 261 -71.06 2.89 24.31
C VAL A 261 -71.93 2.66 23.05
N LYS A 262 -71.96 3.63 22.15
CA LYS A 262 -72.93 3.63 21.03
C LYS A 262 -72.43 3.08 19.72
N ASP A 263 -71.11 2.97 19.57
CA ASP A 263 -70.54 2.60 18.28
C ASP A 263 -69.79 1.25 18.36
N LEU A 264 -70.29 0.31 19.15
CA LEU A 264 -69.66 -1.03 19.26
C LEU A 264 -69.64 -1.85 17.92
N LYS A 265 -70.43 -1.42 16.95
CA LYS A 265 -70.42 -2.02 15.61
C LYS A 265 -69.01 -2.11 15.03
N VAL A 266 -68.16 -1.16 15.38
CA VAL A 266 -66.82 -1.10 14.78
C VAL A 266 -65.94 -2.27 15.22
N THR A 267 -66.30 -2.96 16.31
CA THR A 267 -65.57 -4.12 16.72
C THR A 267 -65.71 -5.28 15.74
N GLN A 268 -66.64 -5.18 14.79
CA GLN A 268 -66.90 -6.23 13.81
C GLN A 268 -65.96 -6.21 12.63
N TRP A 269 -65.23 -5.11 12.44
CA TRP A 269 -64.25 -5.05 11.40
C TRP A 269 -62.92 -4.46 11.85
N ASP A 270 -61.88 -4.66 11.02
CA ASP A 270 -60.62 -3.96 11.27
C ASP A 270 -60.78 -2.50 10.92
N TRP A 271 -60.10 -1.65 11.67
CA TRP A 271 -60.21 -0.21 11.45
C TRP A 271 -58.99 0.51 12.03
N GLU A 272 -58.70 1.67 11.47
CA GLU A 272 -57.58 2.46 11.85
C GLU A 272 -57.97 3.94 11.89
N ALA A 273 -57.73 4.56 13.03
CA ALA A 273 -57.89 5.99 13.20
C ALA A 273 -56.59 6.73 13.02
N CYS A 274 -56.68 7.98 12.60
CA CYS A 274 -55.54 8.82 12.55
CA CYS A 274 -55.55 8.84 12.50
C CYS A 274 -55.85 10.12 13.23
N MET A 275 -54.83 10.77 13.74
CA MET A 275 -55.02 12.02 14.49
C MET A 275 -53.87 12.98 14.33
N THR A 276 -54.15 14.24 14.58
CA THR A 276 -53.20 15.32 14.67
C THR A 276 -52.93 15.78 16.06
N ILE A 277 -51.78 16.41 16.29
CA ILE A 277 -51.42 16.96 17.57
C ILE A 277 -52.13 18.31 17.84
N PRO A 278 -52.00 19.29 16.95
CA PRO A 278 -52.93 20.38 17.02
C PRO A 278 -54.30 19.95 16.49
N GLU A 279 -55.23 20.89 16.43
CA GLU A 279 -56.57 20.58 16.02
C GLU A 279 -56.71 20.07 14.61
N ASN A 280 -56.07 20.73 13.63
CA ASN A 280 -56.12 20.27 12.27
C ASN A 280 -54.91 20.76 11.46
N GLN A 281 -53.76 20.19 11.75
CA GLN A 281 -52.52 20.47 10.98
C GLN A 281 -51.88 19.13 10.75
N TRP A 282 -51.75 18.72 9.49
CA TRP A 282 -51.06 17.51 9.16
C TRP A 282 -49.64 17.80 8.68
N GLY A 283 -49.53 18.63 7.65
CA GLY A 283 -48.22 19.15 7.27
C GLY A 283 -47.71 20.16 8.26
N TYR A 284 -46.41 20.43 8.20
CA TYR A 284 -45.77 21.41 9.05
C TYR A 284 -46.42 22.78 8.92
N HIS A 285 -46.88 23.31 10.04
CA HIS A 285 -47.33 24.71 10.17
C HIS A 285 -46.50 25.46 11.17
N LYS A 286 -46.07 26.68 10.81
CA LYS A 286 -45.06 27.34 11.61
C LYS A 286 -45.59 27.89 12.91
N ASP A 287 -46.88 28.02 13.04
CA ASP A 287 -47.43 28.64 14.25
C ASP A 287 -48.51 27.76 14.92
N TRP A 288 -48.08 26.97 15.88
CA TRP A 288 -49.02 26.08 16.57
C TRP A 288 -49.85 26.80 17.65
N SER A 289 -49.54 28.07 17.91
CA SER A 289 -50.32 28.84 18.86
C SER A 289 -51.75 29.08 18.35
N LEU A 290 -52.05 28.82 17.08
CA LEU A 290 -53.35 29.18 16.54
C LEU A 290 -54.49 28.25 16.89
N SER A 291 -54.19 27.05 17.40
CA SER A 291 -55.27 26.12 17.79
C SER A 291 -54.77 25.32 18.99
N TYR A 292 -55.70 24.58 19.59
CA TYR A 292 -55.38 23.76 20.73
C TYR A 292 -54.39 22.66 20.35
N VAL A 293 -53.34 22.53 21.13
CA VAL A 293 -52.30 21.48 21.00
C VAL A 293 -52.50 20.43 22.13
N LYS A 294 -52.71 19.20 21.72
CA LYS A 294 -52.96 18.12 22.66
C LYS A 294 -51.76 17.79 23.50
N THR A 295 -51.99 17.42 24.74
CA THR A 295 -50.93 16.98 25.64
C THR A 295 -50.66 15.48 25.39
N PRO A 296 -49.54 14.98 25.91
CA PRO A 296 -49.26 13.56 25.73
C PRO A 296 -50.34 12.67 26.31
N ILE A 297 -50.88 13.03 27.47
CA ILE A 297 -51.92 12.15 28.04
C ILE A 297 -53.14 12.15 27.15
N GLU A 298 -53.47 13.34 26.59
CA GLU A 298 -54.60 13.40 25.69
C GLU A 298 -54.42 12.50 24.49
N VAL A 299 -53.20 12.39 24.00
CA VAL A 299 -52.93 11.52 22.88
C VAL A 299 -52.98 10.04 23.32
N ILE A 300 -52.36 9.74 24.45
CA ILE A 300 -52.34 8.36 24.96
C ILE A 300 -53.79 7.86 25.20
N ASP A 301 -54.63 8.73 25.73
CA ASP A 301 -56.07 8.42 25.86
C ASP A 301 -56.71 7.94 24.56
N ARG A 302 -56.49 8.69 23.48
CA ARG A 302 -57.00 8.35 22.17
C ARG A 302 -56.47 7.03 21.65
N ILE A 303 -55.18 6.79 21.84
CA ILE A 303 -54.56 5.54 21.40
C ILE A 303 -55.23 4.35 22.08
N VAL A 304 -55.35 4.44 23.41
CA VAL A 304 -55.93 3.34 24.16
C VAL A 304 -57.40 3.16 23.78
N HIS A 305 -58.11 4.30 23.66
CA HIS A 305 -59.50 4.29 23.19
C HIS A 305 -59.66 3.45 21.91
N ALA A 306 -58.86 3.72 20.90
CA ALA A 306 -58.89 2.99 19.67
C ALA A 306 -58.70 1.48 19.84
N VAL A 307 -57.68 1.09 20.60
CA VAL A 307 -57.38 -0.33 20.81
C VAL A 307 -58.46 -1.03 21.60
N SER A 308 -59.02 -0.33 22.56
CA SER A 308 -60.17 -0.85 23.34
C SER A 308 -61.38 -1.16 22.52
N MET A 309 -61.48 -0.61 21.32
CA MET A 309 -62.61 -0.87 20.43
C MET A 309 -62.18 -1.62 19.19
N GLY A 310 -61.03 -2.26 19.28
CA GLY A 310 -60.56 -3.13 18.21
C GLY A 310 -59.93 -2.38 17.04
N GLY A 311 -59.44 -1.16 17.24
CA GLY A 311 -58.80 -0.41 16.17
C GLY A 311 -57.35 0.04 16.43
N ASN A 312 -56.66 0.45 15.35
CA ASN A 312 -55.35 1.01 15.38
C ASN A 312 -55.40 2.51 15.51
N MET A 313 -54.37 3.13 16.06
CA MET A 313 -54.25 4.59 16.07
C MET A 313 -52.94 5.03 15.47
N VAL A 314 -52.99 6.10 14.68
CA VAL A 314 -51.83 6.62 14.03
C VAL A 314 -51.70 8.10 14.38
N VAL A 315 -50.58 8.46 15.00
CA VAL A 315 -50.36 9.82 15.47
C VAL A 315 -49.52 10.55 14.40
N ASN A 316 -49.98 11.70 13.97
CA ASN A 316 -49.29 12.44 12.91
C ASN A 316 -48.19 13.36 13.34
N PHE A 317 -47.14 13.40 12.49
CA PHE A 317 -46.04 14.35 12.58
C PHE A 317 -45.88 15.06 11.22
N GLY A 318 -45.55 16.33 11.25
CA GLY A 318 -45.33 17.13 10.05
C GLY A 318 -43.94 17.72 10.05
N PRO A 319 -42.97 16.94 9.52
CA PRO A 319 -41.57 17.41 9.69
C PRO A 319 -41.33 18.81 9.10
N GLN A 320 -40.36 19.50 9.67
CA GLN A 320 -39.88 20.80 9.17
C GLN A 320 -39.26 20.69 7.73
N ALA A 321 -39.21 21.82 7.02
CA ALA A 321 -38.66 21.83 5.67
C ALA A 321 -37.19 21.36 5.70
N ASP A 322 -36.48 21.58 6.80
CA ASP A 322 -35.09 21.13 6.84
C ASP A 322 -34.88 19.66 7.05
N GLY A 323 -35.93 18.89 7.34
CA GLY A 323 -35.77 17.45 7.54
C GLY A 323 -35.58 17.03 9.00
N ASP A 324 -35.70 17.97 9.89
CA ASP A 324 -35.78 17.70 11.32
C ASP A 324 -37.24 17.85 11.83
N PHE A 325 -37.48 17.44 13.06
CA PHE A 325 -38.80 17.60 13.70
C PHE A 325 -38.76 18.73 14.71
N ARG A 326 -39.84 19.45 14.79
CA ARG A 326 -40.02 20.52 15.75
C ARG A 326 -40.02 19.97 17.18
N PRO A 327 -39.77 20.87 18.14
CA PRO A 327 -39.53 20.38 19.52
C PRO A 327 -40.76 19.81 20.17
N GLU A 328 -41.94 20.33 19.83
CA GLU A 328 -43.17 19.81 20.40
C GLU A 328 -43.37 18.34 20.00
N GLU A 329 -43.00 18.00 18.78
CA GLU A 329 -43.13 16.63 18.26
C GLU A 329 -42.10 15.70 18.86
N LYS A 330 -40.86 16.18 19.04
CA LYS A 330 -39.89 15.39 19.80
C LYS A 330 -40.33 15.10 21.22
N ALA A 331 -40.84 16.10 21.88
CA ALA A 331 -41.33 15.93 23.25
C ALA A 331 -42.49 14.93 23.31
N MET A 332 -43.40 15.05 22.35
CA MET A 332 -44.52 14.12 22.20
C MET A 332 -44.09 12.69 22.01
N ALA A 333 -43.18 12.45 21.05
CA ALA A 333 -42.79 11.08 20.75
C ALA A 333 -42.13 10.47 21.99
N THR A 334 -41.29 11.25 22.63
CA THR A 334 -40.57 10.81 23.80
C THR A 334 -41.52 10.47 24.93
N ALA A 335 -42.50 11.33 25.16
CA ALA A 335 -43.53 11.07 26.23
C ALA A 335 -44.36 9.85 25.96
N ILE A 336 -44.80 9.71 24.70
CA ILE A 336 -45.52 8.48 24.34
C ILE A 336 -44.67 7.25 24.53
N GLY A 337 -43.43 7.33 24.09
CA GLY A 337 -42.47 6.21 24.27
C GLY A 337 -42.31 5.73 25.69
N LYS A 338 -42.17 6.70 26.57
CA LYS A 338 -41.99 6.44 28.00
C LYS A 338 -43.18 5.67 28.55
N TRP A 339 -44.38 6.11 28.21
CA TRP A 339 -45.56 5.43 28.73
C TRP A 339 -45.78 4.06 28.10
N MET A 340 -45.53 3.95 26.79
CA MET A 340 -45.69 2.68 26.10
C MET A 340 -44.66 1.64 26.57
N ASN A 341 -43.47 2.09 26.93
CA ASN A 341 -42.45 1.17 27.43
C ASN A 341 -42.94 0.58 28.74
N ARG A 342 -43.65 1.37 29.53
CA ARG A 342 -44.18 0.86 30.78
C ARG A 342 -45.48 0.07 30.65
N TYR A 343 -46.38 0.53 29.78
CA TYR A 343 -47.77 0.03 29.80
C TYR A 343 -48.25 -0.64 28.51
N GLY A 344 -47.33 -0.76 27.56
CA GLY A 344 -47.59 -1.31 26.23
C GLY A 344 -48.10 -2.67 26.10
N LYS A 345 -47.94 -3.51 27.11
CA LYS A 345 -48.58 -4.80 27.12
C LYS A 345 -50.09 -4.70 27.02
N ALA A 346 -50.67 -3.54 27.42
CA ALA A 346 -52.12 -3.30 27.29
C ALA A 346 -52.52 -2.67 25.95
N VAL A 347 -51.54 -2.40 25.10
CA VAL A 347 -51.82 -1.83 23.78
C VAL A 347 -51.45 -2.81 22.65
N TYR A 348 -50.18 -3.16 22.56
CA TYR A 348 -49.74 -4.02 21.46
C TYR A 348 -50.38 -5.35 21.49
N ALA A 349 -50.80 -5.77 20.31
CA ALA A 349 -51.49 -7.07 20.15
C ALA A 349 -52.74 -7.23 21.04
N CYS A 350 -53.38 -6.13 21.40
CA CYS A 350 -54.62 -6.16 22.18
C CYS A 350 -55.82 -5.78 21.33
N ASP A 351 -57.00 -5.95 21.92
CA ASP A 351 -58.26 -5.86 21.22
C ASP A 351 -59.41 -5.59 22.17
N TYR A 352 -60.59 -5.49 21.59
CA TYR A 352 -61.81 -5.23 22.34
C TYR A 352 -62.04 -6.34 23.34
N ALA A 353 -62.44 -5.99 24.54
CA ALA A 353 -62.63 -7.00 25.60
C ALA A 353 -64.02 -7.48 25.79
N GLY A 354 -65.00 -6.81 25.19
CA GLY A 354 -66.40 -7.19 25.37
C GLY A 354 -67.06 -6.93 26.72
N PHE A 355 -66.47 -6.02 27.50
CA PHE A 355 -67.01 -5.55 28.75
C PHE A 355 -67.68 -4.17 28.57
N GLU A 356 -68.70 -3.96 29.34
CA GLU A 356 -69.38 -2.63 29.38
C GLU A 356 -68.42 -1.56 29.81
N LYS A 357 -68.39 -0.45 29.05
CA LYS A 357 -67.51 0.66 29.33
C LYS A 357 -67.81 1.21 30.75
N GLN A 358 -66.76 1.51 31.48
CA GLN A 358 -66.83 2.22 32.71
C GLN A 358 -66.07 3.55 32.66
N ASP A 359 -66.36 4.41 33.62
CA ASP A 359 -65.87 5.81 33.59
C ASP A 359 -64.37 5.98 33.86
N TRP A 360 -63.75 5.00 34.51
CA TRP A 360 -62.39 5.14 34.90
C TRP A 360 -61.41 5.11 33.75
N GLY A 361 -61.84 4.57 32.61
CA GLY A 361 -60.95 4.36 31.50
C GLY A 361 -61.43 3.32 30.56
N TYR A 362 -60.50 2.48 30.07
CA TYR A 362 -60.81 1.55 28.98
C TYR A 362 -60.33 0.14 29.33
N TYR A 363 -61.04 -0.85 28.87
CA TYR A 363 -60.51 -2.20 28.90
C TYR A 363 -59.78 -2.53 27.63
N THR A 364 -58.71 -3.35 27.71
CA THR A 364 -58.22 -4.03 26.50
C THR A 364 -58.00 -5.55 26.82
N ARG A 365 -58.00 -6.36 25.77
CA ARG A 365 -57.90 -7.82 25.89
C ARG A 365 -56.63 -8.28 25.19
N GLY A 366 -55.77 -8.96 25.94
CA GLY A 366 -54.54 -9.55 25.44
C GLY A 366 -54.78 -10.84 24.67
N LYS A 367 -53.73 -11.33 24.01
CA LYS A 367 -53.82 -12.56 23.20
C LYS A 367 -54.09 -13.80 24.04
N ASN A 368 -53.78 -13.74 25.31
CA ASN A 368 -54.07 -14.86 26.19
C ASN A 368 -55.19 -14.58 27.16
N ASP A 369 -56.18 -13.81 26.73
CA ASP A 369 -57.35 -13.46 27.52
C ASP A 369 -57.08 -12.66 28.75
N GLU A 370 -55.90 -12.05 28.85
CA GLU A 370 -55.64 -11.05 29.90
C GLU A 370 -56.70 -9.92 29.65
N VAL A 371 -57.27 -9.35 30.72
CA VAL A 371 -58.12 -8.13 30.57
C VAL A 371 -57.46 -7.00 31.33
N TYR A 372 -57.01 -5.99 30.60
CA TYR A 372 -56.31 -4.89 31.14
C TYR A 372 -57.33 -3.76 31.40
N MET A 373 -57.22 -3.17 32.57
CA MET A 373 -57.94 -1.92 32.95
C MET A 373 -56.96 -0.82 32.81
N VAL A 374 -57.18 0.07 31.84
CA VAL A 374 -56.31 1.22 31.67
C VAL A 374 -57.04 2.41 32.25
N VAL A 375 -56.56 2.86 33.41
CA VAL A 375 -57.21 3.87 34.23
C VAL A 375 -56.69 5.27 33.92
N PHE A 376 -57.59 6.13 33.40
CA PHE A 376 -57.32 7.53 33.10
C PHE A 376 -58.02 8.52 34.08
N ASN A 377 -59.08 8.09 34.75
CA ASN A 377 -59.89 8.91 35.63
C ASN A 377 -60.00 8.22 36.97
N GLN A 378 -59.33 8.76 37.97
CA GLN A 378 -59.18 8.10 39.26
C GLN A 378 -60.38 8.42 40.16
N PRO A 379 -61.14 7.40 40.53
CA PRO A 379 -62.31 7.63 41.39
C PRO A 379 -61.97 7.99 42.79
N TYR A 380 -62.61 9.03 43.29
CA TYR A 380 -62.50 9.40 44.69
C TYR A 380 -63.02 8.30 45.59
N SER A 381 -63.91 7.46 45.06
CA SER A 381 -64.40 6.28 45.83
C SER A 381 -63.33 5.25 46.14
N GLU A 382 -62.21 5.33 45.43
CA GLU A 382 -61.07 4.38 45.54
C GLU A 382 -61.44 3.00 45.03
N ARG A 383 -62.53 2.94 44.26
CA ARG A 383 -63.04 1.71 43.77
C ARG A 383 -63.28 1.85 42.29
N LEU A 384 -62.85 0.88 41.51
CA LEU A 384 -62.99 0.85 40.07
C LEU A 384 -64.02 -0.17 39.76
N ILE A 385 -65.17 0.25 39.24
CA ILE A 385 -66.25 -0.67 38.96
C ILE A 385 -65.97 -1.56 37.77
N VAL A 386 -66.17 -2.88 37.95
CA VAL A 386 -66.01 -3.82 36.86
C VAL A 386 -67.24 -4.67 36.77
N LYS A 387 -68.02 -4.45 35.74
CA LYS A 387 -69.22 -5.24 35.42
C LYS A 387 -68.86 -6.25 34.35
N THR A 388 -69.07 -7.53 34.67
CA THR A 388 -68.59 -8.60 33.82
C THR A 388 -69.72 -9.07 32.91
N PRO A 389 -69.39 -9.51 31.70
CA PRO A 389 -70.37 -10.21 30.89
C PRO A 389 -70.85 -11.53 31.56
N LYS A 390 -71.98 -12.08 31.06
CA LYS A 390 -72.62 -13.29 31.69
C LYS A 390 -71.59 -14.40 31.67
N GLY A 391 -71.47 -15.10 32.77
CA GLY A 391 -70.54 -16.22 32.87
C GLY A 391 -69.09 -15.92 33.11
N ILE A 392 -68.70 -14.65 33.23
CA ILE A 392 -67.33 -14.27 33.43
C ILE A 392 -67.16 -13.80 34.86
N THR A 393 -66.15 -14.34 35.52
CA THR A 393 -65.75 -13.89 36.87
C THR A 393 -64.34 -13.33 36.82
N VAL A 394 -64.02 -12.53 37.83
CA VAL A 394 -62.71 -11.97 38.02
C VAL A 394 -62.04 -12.71 39.16
N GLU A 395 -60.92 -13.36 38.89
CA GLU A 395 -60.23 -14.19 39.91
C GLU A 395 -59.13 -13.50 40.54
N LYS A 396 -58.50 -12.56 39.84
CA LYS A 396 -57.39 -11.84 40.43
C LYS A 396 -57.25 -10.47 39.72
N ALA A 397 -56.67 -9.53 40.44
CA ALA A 397 -56.22 -8.26 39.88
C ALA A 397 -54.80 -7.97 40.35
N THR A 398 -54.01 -7.47 39.43
CA THR A 398 -52.57 -7.22 39.69
C THR A 398 -52.18 -5.88 39.00
N LEU A 399 -51.46 -5.07 39.71
CA LEU A 399 -50.90 -3.83 39.16
C LEU A 399 -49.76 -4.18 38.22
N LEU A 400 -49.94 -3.84 36.96
CA LEU A 400 -49.04 -4.30 35.91
C LEU A 400 -47.57 -4.01 36.21
N THR A 401 -47.25 -2.79 36.61
CA THR A 401 -45.87 -2.41 36.76
C THR A 401 -45.16 -3.16 37.90
N THR A 402 -45.84 -3.41 39.02
CA THR A 402 -45.16 -3.96 40.21
C THR A 402 -45.48 -5.41 40.48
N GLY A 403 -46.55 -5.95 39.89
CA GLY A 403 -47.04 -7.26 40.24
C GLY A 403 -47.78 -7.31 41.58
N GLU A 404 -48.00 -6.17 42.25
CA GLU A 404 -48.74 -6.21 43.52
C GLU A 404 -50.19 -6.64 43.35
N ASP A 405 -50.67 -7.45 44.30
CA ASP A 405 -52.03 -7.93 44.29
C ASP A 405 -53.00 -6.79 44.64
N ILE A 406 -54.13 -6.78 43.97
CA ILE A 406 -55.13 -5.67 44.14
C ILE A 406 -56.45 -6.33 44.56
N THR A 407 -57.05 -5.83 45.62
CA THR A 407 -58.25 -6.38 46.13
C THR A 407 -59.44 -6.26 45.18
N VAL A 408 -60.16 -7.34 45.05
CA VAL A 408 -61.38 -7.40 44.27
C VAL A 408 -62.51 -7.78 45.17
N VAL A 409 -63.57 -6.99 45.18
CA VAL A 409 -64.72 -7.25 46.03
C VAL A 409 -65.94 -7.40 45.18
N GLU A 410 -66.67 -8.48 45.36
CA GLU A 410 -67.87 -8.67 44.60
C GLU A 410 -68.99 -7.82 45.20
N THR A 411 -69.68 -7.03 44.38
CA THR A 411 -70.72 -6.14 44.93
C THR A 411 -72.15 -6.64 44.57
N THR A 412 -72.29 -7.25 43.42
CA THR A 412 -73.57 -7.80 42.96
C THR A 412 -73.19 -9.01 42.09
N ARG A 413 -74.18 -9.74 41.62
CA ARG A 413 -73.98 -10.75 40.60
C ARG A 413 -73.37 -10.02 39.37
N ASN A 414 -72.29 -10.47 38.84
CA ASN A 414 -71.71 -9.72 37.68
C ASN A 414 -71.15 -8.28 37.89
N GLU A 415 -70.94 -7.86 39.13
CA GLU A 415 -70.18 -6.67 39.35
C GLU A 415 -69.24 -6.76 40.52
N TYR A 416 -68.09 -6.11 40.36
CA TYR A 416 -67.06 -5.98 41.35
C TYR A 416 -66.59 -4.54 41.55
N ASN A 417 -66.05 -4.24 42.72
CA ASN A 417 -65.16 -3.15 42.96
C ASN A 417 -63.74 -3.66 42.95
N VAL A 418 -62.92 -3.19 42.04
CA VAL A 418 -61.46 -3.40 42.04
C VAL A 418 -60.85 -2.21 42.70
N SER A 419 -60.12 -2.42 43.81
CA SER A 419 -59.52 -1.34 44.51
C SER A 419 -58.45 -0.61 43.64
N VAL A 420 -58.34 0.69 43.82
CA VAL A 420 -57.24 1.41 43.26
C VAL A 420 -55.95 0.98 44.04
N PRO A 421 -54.80 1.16 43.42
CA PRO A 421 -53.57 0.76 44.14
C PRO A 421 -53.36 1.54 45.41
N LYS A 422 -52.65 0.93 46.34
CA LYS A 422 -52.39 1.58 47.60
C LYS A 422 -51.70 2.94 47.40
N LYS A 423 -50.74 3.03 46.48
CA LYS A 423 -50.11 4.28 46.17
C LYS A 423 -50.63 4.76 44.81
N ASN A 424 -51.04 6.01 44.73
CA ASN A 424 -51.58 6.55 43.47
C ASN A 424 -50.53 6.57 42.44
N PRO A 425 -50.70 5.85 41.33
CA PRO A 425 -49.58 5.84 40.36
C PRO A 425 -49.24 7.18 39.77
N GLY A 426 -50.13 8.14 39.88
CA GLY A 426 -49.86 9.53 39.39
C GLY A 426 -49.79 9.73 37.90
N GLU A 427 -50.25 8.77 37.13
CA GLU A 427 -50.30 8.84 35.67
C GLU A 427 -51.36 7.78 35.29
N PRO A 428 -51.80 7.75 34.04
CA PRO A 428 -52.69 6.64 33.61
C PRO A 428 -51.96 5.31 33.76
N TYR A 429 -52.64 4.36 34.36
CA TYR A 429 -51.97 3.11 34.76
C TYR A 429 -52.79 1.89 34.41
N VAL A 430 -52.18 0.69 34.57
CA VAL A 430 -52.85 -0.53 34.19
C VAL A 430 -52.97 -1.56 35.34
N ILE A 431 -54.16 -2.09 35.49
CA ILE A 431 -54.40 -3.24 36.35
C ILE A 431 -54.70 -4.36 35.40
N GLN A 432 -54.01 -5.50 35.57
CA GLN A 432 -54.32 -6.68 34.81
C GLN A 432 -55.26 -7.58 35.60
N LEU A 433 -56.31 -8.02 34.93
CA LEU A 433 -57.26 -8.96 35.52
C LEU A 433 -57.01 -10.38 34.96
N LYS A 434 -57.20 -11.34 35.84
CA LYS A 434 -57.37 -12.72 35.41
C LYS A 434 -58.84 -13.04 35.48
N VAL A 435 -59.41 -13.44 34.36
CA VAL A 435 -60.82 -13.74 34.29
C VAL A 435 -61.06 -15.21 33.94
N ARG A 436 -62.22 -15.72 34.30
CA ARG A 436 -62.56 -17.13 34.05
C ARG A 436 -63.95 -17.15 33.46
N ALA A 437 -64.12 -17.91 32.38
CA ALA A 437 -65.40 -18.08 31.74
C ALA A 437 -66.03 -19.43 32.18
N ALA A 438 -67.29 -19.47 32.58
CA ALA A 438 -67.88 -20.74 33.05
C ALA A 438 -68.10 -21.69 31.87
N LYS A 439 -67.97 -23.00 32.11
CA LYS A 439 -68.19 -24.05 31.09
C LYS A 439 -69.38 -23.78 30.15
N GLU B 1 -30.79 -8.28 -43.95
CA GLU B 1 -30.69 -8.56 -42.48
C GLU B 1 -31.87 -9.25 -41.75
N ILE B 2 -31.54 -10.15 -40.82
CA ILE B 2 -32.56 -10.99 -40.11
C ILE B 2 -33.40 -10.12 -39.19
N PRO B 3 -34.74 -10.26 -39.21
CA PRO B 3 -35.49 -9.41 -38.33
C PRO B 3 -35.50 -9.94 -36.89
N LEU B 4 -35.50 -9.01 -35.92
CA LEU B 4 -35.33 -9.36 -34.54
C LEU B 4 -36.10 -8.42 -33.69
N LYS B 5 -36.69 -8.93 -32.61
CA LYS B 5 -37.28 -8.05 -31.61
C LYS B 5 -36.35 -7.79 -30.42
N TYR B 6 -35.37 -8.66 -30.19
CA TYR B 6 -34.54 -8.61 -28.96
C TYR B 6 -33.05 -8.52 -29.29
N GLY B 7 -32.75 -7.99 -30.46
CA GLY B 7 -31.39 -7.65 -30.83
C GLY B 7 -30.97 -6.26 -30.36
N ALA B 8 -29.93 -5.73 -30.99
CA ALA B 8 -29.27 -4.52 -30.52
C ALA B 8 -30.23 -3.34 -30.40
N THR B 9 -29.99 -2.49 -29.40
CA THR B 9 -30.74 -1.27 -29.15
C THR B 9 -29.93 -0.02 -29.53
N ASN B 10 -28.69 0.12 -29.04
CA ASN B 10 -27.81 1.27 -29.41
C ASN B 10 -27.31 1.12 -30.84
N GLU B 11 -27.15 2.24 -31.55
CA GLU B 11 -26.55 2.23 -32.89
C GLU B 11 -25.04 2.18 -32.76
N GLY B 12 -24.41 3.25 -32.30
CA GLY B 12 -22.94 3.21 -32.02
C GLY B 12 -22.73 3.37 -30.51
N LYS B 13 -21.65 4.06 -30.12
CA LYS B 13 -21.34 4.30 -28.70
C LYS B 13 -22.35 5.25 -28.09
N ARG B 14 -22.82 4.94 -26.88
CA ARG B 14 -23.47 5.95 -26.05
C ARG B 14 -22.52 7.15 -25.81
N GLN B 15 -23.06 8.36 -25.89
CA GLN B 15 -22.31 9.53 -25.55
C GLN B 15 -22.96 10.43 -24.52
N ASP B 16 -23.93 9.90 -23.80
CA ASP B 16 -24.42 10.60 -22.64
C ASP B 16 -23.34 10.66 -21.56
N PRO B 17 -23.49 11.57 -20.58
CA PRO B 17 -22.48 11.76 -19.57
C PRO B 17 -22.21 10.50 -18.70
N ALA B 18 -23.22 9.72 -18.37
CA ALA B 18 -22.99 8.52 -17.55
C ALA B 18 -22.08 7.51 -18.30
N MET B 19 -22.31 7.27 -19.58
CA MET B 19 -21.44 6.40 -20.35
C MET B 19 -20.07 7.00 -20.47
N GLN B 20 -20.00 8.33 -20.67
CA GLN B 20 -18.69 8.95 -20.73
C GLN B 20 -17.92 8.74 -19.47
N LYS B 21 -18.62 8.77 -18.35
CA LYS B 21 -18.00 8.59 -17.07
C LYS B 21 -17.51 7.08 -16.94
N PHE B 22 -18.36 6.16 -17.33
CA PHE B 22 -18.01 4.67 -17.33
C PHE B 22 -16.70 4.49 -18.11
N ARG B 23 -16.60 5.17 -19.27
CA ARG B 23 -15.45 5.08 -20.17
C ARG B 23 -14.26 5.74 -19.59
N ASP B 24 -14.42 7.01 -19.21
CA ASP B 24 -13.26 7.76 -18.81
C ASP B 24 -12.61 7.20 -17.56
N ASN B 25 -13.41 6.60 -16.69
CA ASN B 25 -12.86 5.95 -15.51
C ASN B 25 -11.67 5.06 -15.88
N ARG B 26 -11.84 4.30 -16.93
CA ARG B 26 -10.84 3.37 -17.50
C ARG B 26 -10.35 2.18 -16.62
N LEU B 27 -9.89 2.45 -15.42
CA LEU B 27 -9.30 1.45 -14.55
C LEU B 27 -10.23 1.14 -13.40
N GLY B 28 -10.59 -0.12 -13.30
CA GLY B 28 -11.37 -0.57 -12.19
C GLY B 28 -10.77 -1.75 -11.49
N ALA B 29 -11.35 -2.06 -10.34
CA ALA B 29 -11.04 -3.30 -9.62
C ALA B 29 -12.23 -4.19 -9.56
N PHE B 30 -11.97 -5.51 -9.51
CA PHE B 30 -13.08 -6.47 -9.34
C PHE B 30 -12.90 -7.09 -7.93
N ILE B 31 -14.01 -7.34 -7.26
CA ILE B 31 -14.06 -8.03 -5.96
C ILE B 31 -14.90 -9.26 -6.15
N HIS B 32 -14.27 -10.44 -6.00
CA HIS B 32 -15.01 -11.72 -5.94
C HIS B 32 -14.95 -12.12 -4.49
N TRP B 33 -16.07 -12.00 -3.78
CA TRP B 33 -16.10 -12.42 -2.41
C TRP B 33 -17.43 -13.15 -2.21
N GLY B 34 -17.28 -14.33 -1.64
CA GLY B 34 -18.42 -15.20 -1.41
C GLY B 34 -18.00 -16.37 -0.52
N LEU B 35 -18.91 -17.31 -0.31
CA LEU B 35 -18.62 -18.45 0.59
C LEU B 35 -17.38 -19.26 0.23
N TYR B 36 -17.06 -19.27 -1.06
CA TYR B 36 -15.82 -19.85 -1.58
C TYR B 36 -14.56 -19.37 -0.93
N ALA B 37 -14.58 -18.20 -0.31
CA ALA B 37 -13.36 -17.72 0.33
C ALA B 37 -12.99 -18.56 1.60
N ILE B 38 -13.98 -19.18 2.21
CA ILE B 38 -13.78 -19.96 3.43
C ILE B 38 -12.92 -21.18 3.17
N PRO B 39 -13.36 -22.09 2.32
CA PRO B 39 -12.45 -23.19 2.00
C PRO B 39 -11.21 -22.82 1.16
N GLY B 40 -11.34 -21.79 0.35
CA GLY B 40 -10.15 -21.23 -0.33
C GLY B 40 -9.48 -22.22 -1.22
N GLY B 41 -10.27 -22.98 -1.95
CA GLY B 41 -9.74 -23.87 -2.98
C GLY B 41 -9.52 -25.31 -2.48
N GLU B 42 -9.82 -25.53 -1.21
CA GLU B 42 -9.55 -26.84 -0.58
C GLU B 42 -10.78 -27.40 0.02
N TRP B 43 -11.01 -28.67 -0.30
CA TRP B 43 -12.17 -29.42 0.22
C TRP B 43 -11.75 -30.81 0.73
N ASN B 44 -12.05 -31.05 2.00
CA ASN B 44 -11.77 -32.37 2.63
C ASN B 44 -10.33 -32.74 2.42
N GLY B 45 -9.44 -31.80 2.69
CA GLY B 45 -8.00 -32.08 2.60
C GLY B 45 -7.39 -32.04 1.23
N LYS B 46 -8.20 -31.93 0.18
CA LYS B 46 -7.63 -31.88 -1.13
C LYS B 46 -7.68 -30.39 -1.67
N VAL B 47 -6.54 -29.90 -2.11
CA VAL B 47 -6.44 -28.57 -2.76
C VAL B 47 -6.68 -28.77 -4.26
N TYR B 48 -7.73 -28.19 -4.77
CA TYR B 48 -8.02 -28.24 -6.19
C TYR B 48 -7.42 -27.01 -6.93
N GLY B 49 -6.89 -27.25 -8.13
CA GLY B 49 -6.14 -26.29 -8.95
C GLY B 49 -7.05 -25.36 -9.73
N GLY B 50 -8.29 -25.78 -9.95
CA GLY B 50 -9.28 -24.94 -10.62
C GLY B 50 -9.62 -23.67 -9.84
N ALA B 51 -10.35 -22.77 -10.49
CA ALA B 51 -10.74 -21.52 -9.92
C ALA B 51 -11.52 -21.77 -8.61
N ALA B 52 -11.10 -21.11 -7.53
CA ALA B 52 -11.66 -21.35 -6.18
C ALA B 52 -13.11 -21.07 -6.04
N GLU B 53 -13.61 -20.08 -6.78
CA GLU B 53 -15.01 -19.77 -6.75
C GLU B 53 -15.90 -20.88 -7.36
N TRP B 54 -15.25 -21.82 -8.05
CA TRP B 54 -15.93 -23.00 -8.66
C TRP B 54 -15.67 -24.29 -7.86
N LEU B 55 -15.13 -24.18 -6.66
CA LEU B 55 -14.83 -25.37 -5.86
C LEU B 55 -16.07 -26.26 -5.67
N LYS B 56 -17.25 -25.68 -5.46
CA LYS B 56 -18.48 -26.47 -5.30
C LYS B 56 -18.56 -27.51 -6.43
N SER B 57 -18.16 -27.07 -7.61
CA SER B 57 -18.16 -27.90 -8.77
C SER B 57 -17.01 -28.87 -8.77
N TRP B 58 -15.75 -28.42 -8.61
CA TRP B 58 -14.61 -29.32 -8.70
C TRP B 58 -14.70 -30.47 -7.65
N ALA B 59 -15.18 -30.15 -6.47
CA ALA B 59 -15.23 -31.12 -5.36
C ALA B 59 -16.60 -31.82 -5.31
N LYS B 60 -17.48 -31.53 -6.26
CA LYS B 60 -18.80 -32.15 -6.30
C LYS B 60 -19.60 -31.99 -5.00
N VAL B 61 -19.65 -30.79 -4.45
CA VAL B 61 -20.38 -30.53 -3.21
C VAL B 61 -21.85 -30.17 -3.43
N PRO B 62 -22.76 -30.89 -2.74
CA PRO B 62 -24.20 -30.56 -2.92
C PRO B 62 -24.53 -29.18 -2.37
N ALA B 63 -25.58 -28.59 -2.92
CA ALA B 63 -25.99 -27.24 -2.53
C ALA B 63 -26.16 -27.07 -1.04
N ASP B 64 -26.90 -27.99 -0.41
CA ASP B 64 -27.19 -27.85 1.00
C ASP B 64 -25.92 -27.79 1.71
N GLU B 65 -25.01 -28.72 1.41
CA GLU B 65 -23.74 -28.74 2.13
C GLU B 65 -22.84 -27.52 1.82
N TRP B 66 -22.75 -27.13 0.58
CA TRP B 66 -22.00 -25.90 0.24
C TRP B 66 -22.50 -24.67 0.98
N LEU B 67 -23.82 -24.44 0.94
CA LEU B 67 -24.43 -23.30 1.61
C LEU B 67 -24.32 -23.27 3.16
N LYS B 68 -24.10 -24.43 3.79
CA LYS B 68 -23.79 -24.47 5.21
C LYS B 68 -22.54 -23.70 5.55
N LEU B 69 -21.73 -23.35 4.53
CA LEU B 69 -20.62 -22.45 4.79
C LEU B 69 -21.07 -21.14 5.36
N MET B 70 -22.32 -20.75 5.11
CA MET B 70 -22.89 -19.56 5.77
C MET B 70 -22.67 -19.51 7.29
N ASP B 71 -22.67 -20.70 7.92
CA ASP B 71 -22.49 -20.78 9.34
C ASP B 71 -21.12 -20.35 9.76
N GLN B 72 -20.17 -20.31 8.84
CA GLN B 72 -18.82 -19.89 9.16
C GLN B 72 -18.47 -18.49 8.62
N TRP B 73 -19.42 -17.82 8.01
CA TRP B 73 -19.21 -16.49 7.46
C TRP B 73 -19.19 -15.48 8.59
N ASN B 74 -17.99 -15.12 8.98
CA ASN B 74 -17.79 -14.14 10.02
C ASN B 74 -16.48 -13.38 9.80
N PRO B 75 -16.44 -12.51 8.74
CA PRO B 75 -15.25 -11.73 8.35
C PRO B 75 -14.98 -10.60 9.31
N THR B 76 -14.47 -11.00 10.46
CA THR B 76 -14.26 -10.07 11.51
C THR B 76 -13.27 -8.98 11.21
N LYS B 77 -12.31 -9.17 10.30
CA LYS B 77 -11.40 -8.09 9.89
C LYS B 77 -11.98 -7.15 8.81
N PHE B 78 -13.20 -7.40 8.35
CA PHE B 78 -13.79 -6.57 7.30
C PHE B 78 -13.97 -5.11 7.72
N ASP B 79 -13.51 -4.17 6.89
CA ASP B 79 -13.71 -2.77 7.17
C ASP B 79 -13.83 -2.05 5.82
N ALA B 80 -15.03 -1.66 5.49
CA ALA B 80 -15.32 -1.14 4.17
C ALA B 80 -14.51 0.09 3.84
N LYS B 81 -14.27 0.91 4.84
CA LYS B 81 -13.51 2.14 4.64
C LYS B 81 -12.10 1.82 4.25
N LYS B 82 -11.55 0.77 4.83
CA LYS B 82 -10.21 0.35 4.50
C LYS B 82 -10.12 -0.24 3.05
N TRP B 83 -11.12 -1.02 2.70
CA TRP B 83 -11.25 -1.52 1.34
C TRP B 83 -11.32 -0.33 0.33
N ALA B 84 -12.11 0.69 0.66
CA ALA B 84 -12.20 1.81 -0.23
C ALA B 84 -10.94 2.61 -0.32
N LYS B 85 -10.23 2.75 0.79
CA LYS B 85 -8.92 3.39 0.78
C LYS B 85 -7.94 2.61 -0.10
N MET B 86 -7.94 1.28 0.01
CA MET B 86 -7.09 0.47 -0.83
C MET B 86 -7.35 0.74 -2.34
N ALA B 87 -8.61 0.83 -2.69
CA ALA B 87 -8.98 1.05 -4.09
C ALA B 87 -8.57 2.43 -4.50
N LYS B 88 -8.77 3.42 -3.59
CA LYS B 88 -8.37 4.80 -3.92
C LYS B 88 -6.88 4.91 -4.14
N GLU B 89 -6.10 4.25 -3.28
CA GLU B 89 -4.65 4.27 -3.37
C GLU B 89 -4.18 3.58 -4.65
N MET B 90 -4.87 2.52 -5.09
CA MET B 90 -4.47 1.82 -6.30
C MET B 90 -4.66 2.70 -7.55
N GLY B 91 -5.46 3.73 -7.44
CA GLY B 91 -5.85 4.52 -8.58
C GLY B 91 -7.04 4.02 -9.37
N THR B 92 -7.84 3.10 -8.78
CA THR B 92 -9.06 2.64 -9.43
C THR B 92 -10.15 3.67 -9.33
N LYS B 93 -10.93 3.84 -10.39
CA LYS B 93 -11.98 4.83 -10.43
C LYS B 93 -13.34 4.20 -10.21
N TYR B 94 -13.35 2.87 -10.21
CA TYR B 94 -14.55 2.11 -9.95
C TYR B 94 -14.20 0.71 -9.48
N VAL B 95 -15.17 0.09 -8.82
CA VAL B 95 -15.09 -1.25 -8.35
C VAL B 95 -16.34 -2.05 -8.70
N LYS B 96 -16.14 -3.28 -9.20
CA LYS B 96 -17.22 -4.18 -9.63
C LYS B 96 -17.26 -5.26 -8.55
N ILE B 97 -18.42 -5.48 -7.91
CA ILE B 97 -18.54 -6.31 -6.78
C ILE B 97 -19.47 -7.48 -7.06
N THR B 98 -19.05 -8.70 -6.70
CA THR B 98 -19.90 -9.83 -6.83
C THR B 98 -21.02 -9.68 -5.80
N THR B 99 -22.18 -9.27 -6.26
CA THR B 99 -23.42 -9.27 -5.41
C THR B 99 -23.90 -10.69 -5.08
N LYS B 100 -23.78 -11.57 -6.05
CA LYS B 100 -24.13 -13.00 -5.94
C LYS B 100 -23.37 -13.71 -7.03
N HIS B 101 -22.63 -14.74 -6.67
CA HIS B 101 -21.91 -15.55 -7.63
C HIS B 101 -22.73 -16.84 -7.90
N HIS B 102 -22.19 -17.79 -8.65
CA HIS B 102 -22.96 -18.94 -9.10
C HIS B 102 -23.50 -19.70 -7.90
N GLU B 103 -22.75 -19.70 -6.79
CA GLU B 103 -23.20 -20.37 -5.56
C GLU B 103 -24.56 -19.83 -5.05
N GLY B 104 -24.92 -18.59 -5.38
CA GLY B 104 -26.22 -18.06 -4.98
C GLY B 104 -26.28 -17.31 -3.65
N PHE B 105 -25.17 -17.28 -2.89
CA PHE B 105 -25.07 -16.53 -1.66
C PHE B 105 -25.01 -15.04 -1.94
N CYS B 106 -25.93 -14.28 -1.36
CA CYS B 106 -26.01 -12.85 -1.60
C CYS B 106 -25.25 -12.01 -0.57
N LEU B 107 -24.54 -10.99 -1.06
CA LEU B 107 -23.79 -10.14 -0.17
C LEU B 107 -24.62 -8.99 0.34
N TRP B 108 -25.90 -8.95 -0.04
CA TRP B 108 -26.88 -8.03 0.52
C TRP B 108 -28.02 -8.89 1.09
N PRO B 109 -28.79 -8.30 1.98
CA PRO B 109 -29.87 -9.07 2.64
C PRO B 109 -31.13 -9.15 1.77
N SER B 110 -31.07 -9.97 0.73
CA SER B 110 -32.17 -10.07 -0.19
C SER B 110 -33.39 -10.63 0.57
N LYS B 111 -34.56 -10.10 0.19
CA LYS B 111 -35.82 -10.60 0.77
C LYS B 111 -36.28 -11.85 -0.01
N TYR B 112 -35.61 -12.24 -1.11
CA TYR B 112 -36.06 -13.32 -1.98
C TYR B 112 -35.39 -14.69 -1.82
N THR B 113 -34.47 -14.81 -0.88
CA THR B 113 -33.85 -16.09 -0.58
C THR B 113 -33.33 -15.96 0.82
N LYS B 114 -33.15 -17.11 1.47
CA LYS B 114 -32.50 -17.16 2.75
C LYS B 114 -30.95 -17.28 2.71
N TYR B 115 -30.40 -17.46 1.52
CA TYR B 115 -28.93 -17.57 1.33
C TYR B 115 -28.29 -16.20 1.17
N THR B 116 -28.26 -15.46 2.27
CA THR B 116 -27.73 -14.12 2.30
C THR B 116 -26.87 -13.84 3.52
N VAL B 117 -26.15 -12.74 3.47
CA VAL B 117 -25.37 -12.25 4.61
C VAL B 117 -26.17 -12.08 5.90
N ALA B 118 -27.48 -11.82 5.77
CA ALA B 118 -28.38 -11.65 6.95
C ALA B 118 -28.40 -12.88 7.81
N ASN B 119 -28.31 -14.04 7.18
CA ASN B 119 -28.39 -15.29 7.92
C ASN B 119 -27.05 -15.98 8.17
N THR B 120 -26.09 -15.18 8.56
CA THR B 120 -24.78 -15.65 8.93
C THR B 120 -24.47 -15.00 10.27
N PRO B 121 -23.46 -15.47 10.95
CA PRO B 121 -23.06 -14.82 12.18
C PRO B 121 -22.73 -13.34 12.02
N TYR B 122 -22.19 -12.97 10.87
CA TYR B 122 -21.83 -11.58 10.68
C TYR B 122 -23.03 -10.66 10.52
N LYS B 123 -24.09 -11.14 9.90
CA LYS B 123 -25.37 -10.45 9.69
C LYS B 123 -25.39 -9.20 8.81
N ARG B 124 -24.33 -8.42 8.81
CA ARG B 124 -24.36 -7.10 8.19
C ARG B 124 -24.44 -7.06 6.63
N ASP B 125 -25.00 -5.97 6.13
CA ASP B 125 -25.20 -5.79 4.71
C ASP B 125 -23.86 -5.35 4.11
N ILE B 126 -23.03 -6.35 3.81
CA ILE B 126 -21.68 -6.10 3.26
C ILE B 126 -21.75 -5.19 2.03
N LEU B 127 -22.68 -5.50 1.12
CA LEU B 127 -22.75 -4.78 -0.14
C LEU B 127 -23.06 -3.30 0.15
N GLY B 128 -24.02 -3.06 1.04
CA GLY B 128 -24.41 -1.72 1.39
C GLY B 128 -23.25 -0.95 2.00
N GLU B 129 -22.50 -1.65 2.82
CA GLU B 129 -21.35 -0.99 3.45
C GLU B 129 -20.27 -0.62 2.40
N LEU B 130 -20.08 -1.52 1.46
CA LEU B 130 -19.12 -1.21 0.40
C LEU B 130 -19.55 -0.06 -0.44
N VAL B 131 -20.81 -0.03 -0.81
CA VAL B 131 -21.32 0.98 -1.70
C VAL B 131 -21.09 2.37 -1.13
N LYS B 132 -21.47 2.49 0.15
CA LYS B 132 -21.24 3.71 0.90
C LYS B 132 -19.78 4.12 0.89
N ALA B 133 -18.93 3.19 1.27
CA ALA B 133 -17.51 3.47 1.48
C ALA B 133 -16.81 3.84 0.18
N TYR B 134 -17.08 3.08 -0.87
CA TYR B 134 -16.45 3.41 -2.16
C TYR B 134 -16.94 4.76 -2.66
N ASN B 135 -18.24 4.96 -2.61
CA ASN B 135 -18.81 6.22 -3.02
C ASN B 135 -18.23 7.42 -2.23
N ASP B 136 -17.98 7.21 -0.96
CA ASP B 136 -17.40 8.23 -0.08
C ASP B 136 -16.00 8.57 -0.51
N GLU B 137 -15.35 7.67 -1.26
CA GLU B 137 -14.08 7.98 -1.83
C GLU B 137 -14.12 8.48 -3.25
N GLY B 138 -15.30 8.73 -3.77
CA GLY B 138 -15.46 9.17 -5.15
C GLY B 138 -15.31 8.05 -6.21
N ILE B 139 -15.58 6.81 -5.82
CA ILE B 139 -15.38 5.63 -6.65
C ILE B 139 -16.76 5.10 -7.01
N ASP B 140 -17.00 4.91 -8.30
CA ASP B 140 -18.23 4.34 -8.78
C ASP B 140 -18.31 2.83 -8.46
N VAL B 141 -19.53 2.36 -8.23
CA VAL B 141 -19.74 0.97 -7.92
C VAL B 141 -20.56 0.30 -9.00
N HIS B 142 -20.09 -0.85 -9.43
CA HIS B 142 -20.75 -1.66 -10.46
C HIS B 142 -21.08 -2.98 -9.75
N PHE B 143 -22.16 -3.62 -10.16
CA PHE B 143 -22.61 -4.87 -9.55
C PHE B 143 -22.46 -6.04 -10.53
N TYR B 144 -21.60 -7.00 -10.18
CA TYR B 144 -21.57 -8.28 -10.86
C TYR B 144 -22.78 -9.03 -10.38
N PHE B 145 -23.44 -9.73 -11.29
CA PHE B 145 -24.60 -10.59 -10.92
C PHE B 145 -24.63 -11.85 -11.77
N SER B 146 -24.59 -13.03 -11.13
CA SER B 146 -24.67 -14.29 -11.83
C SER B 146 -26.14 -14.74 -12.02
N VAL B 147 -26.54 -14.91 -13.26
CA VAL B 147 -27.89 -15.39 -13.52
C VAL B 147 -27.97 -16.84 -13.07
N MET B 148 -27.08 -17.68 -13.58
CA MET B 148 -26.98 -19.03 -13.06
C MET B 148 -26.88 -19.00 -11.56
N ASP B 149 -27.70 -19.83 -10.91
CA ASP B 149 -27.76 -19.82 -9.43
C ASP B 149 -27.91 -21.28 -8.97
N TRP B 150 -26.84 -21.81 -8.38
CA TRP B 150 -26.78 -23.20 -7.93
C TRP B 150 -27.65 -23.46 -6.69
N SER B 151 -28.18 -22.39 -6.09
CA SER B 151 -28.91 -22.49 -4.80
C SER B 151 -30.42 -22.61 -5.01
N ASN B 152 -30.89 -22.26 -6.21
CA ASN B 152 -32.33 -22.17 -6.51
C ASN B 152 -32.68 -23.34 -7.43
N PRO B 153 -33.46 -24.31 -6.92
CA PRO B 153 -33.83 -25.48 -7.72
C PRO B 153 -34.69 -25.22 -8.95
N ASP B 154 -35.22 -24.01 -9.14
CA ASP B 154 -35.92 -23.70 -10.40
C ASP B 154 -35.01 -23.37 -11.57
N TYR B 155 -33.71 -23.23 -11.28
CA TYR B 155 -32.74 -22.95 -12.37
C TYR B 155 -32.77 -24.15 -13.27
N ARG B 156 -32.61 -23.92 -14.56
CA ARG B 156 -32.39 -24.96 -15.54
C ARG B 156 -31.24 -24.60 -16.48
N TYR B 157 -30.43 -25.61 -16.85
CA TYR B 157 -29.33 -25.47 -17.82
C TYR B 157 -29.86 -25.42 -19.24
N ASP B 158 -30.98 -26.10 -19.44
CA ASP B 158 -31.64 -26.10 -20.72
C ASP B 158 -33.16 -26.28 -20.53
N ILE B 159 -33.92 -25.93 -21.56
CA ILE B 159 -35.38 -26.05 -21.57
C ILE B 159 -35.74 -27.23 -22.49
N LYS B 160 -36.03 -28.38 -21.90
CA LYS B 160 -36.28 -29.61 -22.65
C LYS B 160 -37.70 -30.12 -22.48
N SER B 161 -38.51 -29.39 -21.72
CA SER B 161 -39.86 -29.83 -21.41
C SER B 161 -40.68 -28.65 -20.96
N LYS B 162 -41.97 -28.84 -20.89
CA LYS B 162 -42.83 -27.81 -20.42
C LYS B 162 -42.57 -27.58 -18.95
N GLU B 163 -42.26 -28.66 -18.22
CA GLU B 163 -41.95 -28.55 -16.78
C GLU B 163 -40.73 -27.61 -16.61
N ASP B 164 -39.75 -27.79 -17.48
CA ASP B 164 -38.52 -26.99 -17.47
C ASP B 164 -38.84 -25.53 -17.69
N SER B 165 -39.69 -25.29 -18.67
CA SER B 165 -40.14 -23.96 -18.96
C SER B 165 -40.90 -23.28 -17.81
N ILE B 166 -41.72 -24.06 -17.14
CA ILE B 166 -42.50 -23.51 -16.03
C ILE B 166 -41.55 -23.11 -14.88
N ALA B 167 -40.66 -24.03 -14.53
CA ALA B 167 -39.69 -23.84 -13.47
C ALA B 167 -38.82 -22.61 -13.79
N PHE B 168 -38.35 -22.55 -15.01
CA PHE B 168 -37.41 -21.46 -15.41
C PHE B 168 -38.08 -20.12 -15.46
N SER B 169 -39.37 -20.10 -15.81
CA SER B 169 -40.14 -18.87 -15.78
C SER B 169 -40.24 -18.30 -14.37
N ARG B 170 -40.42 -19.17 -13.38
CA ARG B 170 -40.38 -18.76 -11.96
C ARG B 170 -38.98 -18.24 -11.58
N PHE B 171 -37.99 -18.94 -12.09
CA PHE B 171 -36.58 -18.57 -11.85
C PHE B 171 -36.27 -17.15 -12.36
N LEU B 172 -36.77 -16.82 -13.54
CA LEU B 172 -36.58 -15.51 -14.12
C LEU B 172 -37.29 -14.46 -13.34
N GLU B 173 -38.41 -14.83 -12.72
CA GLU B 173 -39.14 -13.86 -11.91
C GLU B 173 -38.38 -13.56 -10.62
N PHE B 174 -37.87 -14.63 -10.00
CA PHE B 174 -37.00 -14.53 -8.85
C PHE B 174 -35.76 -13.66 -9.15
N THR B 175 -35.17 -13.89 -10.32
CA THR B 175 -34.03 -13.11 -10.73
C THR B 175 -34.42 -11.60 -10.89
N ASP B 176 -35.54 -11.32 -11.49
CA ASP B 176 -36.00 -9.95 -11.67
C ASP B 176 -36.20 -9.26 -10.35
N ASN B 177 -36.75 -10.02 -9.39
CA ASN B 177 -36.97 -9.55 -8.05
C ASN B 177 -35.67 -9.15 -7.35
N GLN B 178 -34.65 -10.00 -7.46
CA GLN B 178 -33.33 -9.60 -6.94
C GLN B 178 -32.74 -8.38 -7.68
N LEU B 179 -32.84 -8.35 -8.99
CA LEU B 179 -32.33 -7.22 -9.76
C LEU B 179 -32.97 -5.87 -9.37
N LYS B 180 -34.30 -5.84 -9.27
CA LYS B 180 -35.04 -4.61 -8.87
C LYS B 180 -34.69 -4.19 -7.49
N GLU B 181 -34.55 -5.17 -6.62
CA GLU B 181 -34.17 -4.94 -5.29
C GLU B 181 -32.79 -4.26 -5.20
N LEU B 182 -31.83 -4.76 -5.97
CA LEU B 182 -30.52 -4.17 -5.96
C LEU B 182 -30.56 -2.78 -6.49
N ALA B 183 -31.31 -2.58 -7.55
CA ALA B 183 -31.38 -1.29 -8.25
C ALA B 183 -32.03 -0.21 -7.37
N THR B 184 -33.01 -0.61 -6.57
CA THR B 184 -33.72 0.36 -5.67
C THR B 184 -33.10 0.54 -4.30
N ARG B 185 -32.55 -0.53 -3.72
CA ARG B 185 -31.81 -0.40 -2.46
C ARG B 185 -30.53 0.41 -2.61
N TYR B 186 -29.86 0.35 -3.77
CA TYR B 186 -28.53 0.92 -3.94
C TYR B 186 -28.53 1.73 -5.27
N PRO B 187 -29.24 2.85 -5.24
CA PRO B 187 -29.48 3.60 -6.44
C PRO B 187 -28.28 4.29 -7.03
N THR B 188 -27.18 4.31 -6.32
CA THR B 188 -25.93 4.87 -6.91
C THR B 188 -25.15 3.89 -7.82
N VAL B 189 -25.65 2.66 -7.90
CA VAL B 189 -25.09 1.68 -8.85
C VAL B 189 -24.99 2.25 -10.28
N LYS B 190 -23.83 2.08 -10.91
CA LYS B 190 -23.63 2.58 -12.28
C LYS B 190 -23.65 1.56 -13.40
N ASP B 191 -23.66 0.26 -13.06
CA ASP B 191 -23.48 -0.78 -14.03
C ASP B 191 -23.94 -2.08 -13.43
N PHE B 192 -24.54 -2.94 -14.25
CA PHE B 192 -24.79 -4.35 -13.92
C PHE B 192 -24.01 -5.18 -14.95
N TRP B 193 -23.14 -6.02 -14.43
CA TRP B 193 -22.27 -6.88 -15.21
C TRP B 193 -22.75 -8.30 -14.98
N PHE B 194 -23.47 -8.84 -15.95
CA PHE B 194 -24.01 -10.15 -15.82
C PHE B 194 -22.99 -11.22 -16.19
N ASP B 195 -23.08 -12.33 -15.49
CA ASP B 195 -22.34 -13.55 -15.80
C ASP B 195 -23.27 -14.73 -15.68
N GLY B 196 -22.78 -15.92 -16.02
CA GLY B 196 -23.56 -17.15 -15.82
C GLY B 196 -24.80 -17.13 -16.74
N THR B 197 -24.61 -16.60 -17.96
CA THR B 197 -25.70 -16.44 -18.91
C THR B 197 -25.45 -17.20 -20.21
N TRP B 198 -24.52 -18.13 -20.18
CA TRP B 198 -24.16 -18.91 -21.37
C TRP B 198 -25.08 -20.16 -21.59
N ASP B 199 -25.83 -20.59 -20.57
CA ASP B 199 -26.60 -21.82 -20.69
C ASP B 199 -27.68 -21.71 -21.77
N ALA B 200 -27.97 -22.85 -22.42
CA ALA B 200 -29.06 -22.93 -23.39
C ALA B 200 -30.40 -22.36 -22.89
N SER B 201 -30.69 -22.50 -21.60
CA SER B 201 -31.92 -21.91 -21.05
C SER B 201 -32.03 -20.41 -21.31
N VAL B 202 -30.91 -19.73 -21.09
CA VAL B 202 -30.90 -18.29 -21.23
C VAL B 202 -30.86 -17.91 -22.69
N LYS B 203 -30.11 -18.67 -23.48
CA LYS B 203 -30.03 -18.47 -24.94
C LYS B 203 -31.44 -18.58 -25.58
N LYS B 204 -32.25 -19.49 -25.07
CA LYS B 204 -33.64 -19.64 -25.54
C LYS B 204 -34.59 -18.56 -25.02
N ASN B 205 -34.13 -17.73 -24.09
CA ASN B 205 -34.96 -16.72 -23.52
C ASN B 205 -34.32 -15.39 -23.71
N GLY B 206 -33.95 -15.15 -24.95
CA GLY B 206 -33.45 -13.86 -25.38
C GLY B 206 -34.27 -12.67 -24.91
N TRP B 207 -35.60 -12.78 -25.08
CA TRP B 207 -36.57 -11.73 -24.68
C TRP B 207 -36.34 -11.26 -23.25
N TRP B 208 -36.01 -12.20 -22.35
CA TRP B 208 -35.83 -11.88 -20.97
C TRP B 208 -34.57 -10.97 -20.82
N THR B 209 -33.52 -11.28 -21.56
CA THR B 209 -32.25 -10.53 -21.45
C THR B 209 -32.47 -9.10 -21.85
N ALA B 210 -33.25 -8.87 -22.88
CA ALA B 210 -33.55 -7.53 -23.33
C ALA B 210 -34.44 -6.83 -22.33
N HIS B 211 -35.36 -7.57 -21.74
CA HIS B 211 -36.27 -7.05 -20.71
C HIS B 211 -35.50 -6.62 -19.43
N ALA B 212 -34.54 -7.44 -19.05
CA ALA B 212 -33.74 -7.16 -17.91
C ALA B 212 -32.95 -5.88 -18.17
N GLU B 213 -32.37 -5.75 -19.36
CA GLU B 213 -31.66 -4.50 -19.74
C GLU B 213 -32.55 -3.27 -19.62
N GLN B 214 -33.75 -3.37 -20.15
CA GLN B 214 -34.68 -2.24 -20.17
C GLN B 214 -35.26 -1.93 -18.80
N MET B 215 -35.57 -2.97 -18.05
CA MET B 215 -36.06 -2.80 -16.71
C MET B 215 -35.09 -2.07 -15.83
N LEU B 216 -33.80 -2.41 -15.92
CA LEU B 216 -32.82 -1.77 -15.08
C LEU B 216 -32.57 -0.32 -15.55
N LYS B 217 -32.58 -0.11 -16.86
CA LYS B 217 -32.32 1.20 -17.42
C LYS B 217 -33.42 2.18 -16.98
N GLU B 218 -34.61 1.65 -16.80
CA GLU B 218 -35.73 2.45 -16.27
C GLU B 218 -35.59 2.74 -14.80
N LEU B 219 -35.03 1.82 -14.03
CA LEU B 219 -34.87 2.03 -12.62
C LEU B 219 -33.66 2.87 -12.22
N VAL B 220 -32.61 2.86 -13.07
CA VAL B 220 -31.36 3.52 -12.73
C VAL B 220 -30.93 4.34 -13.91
N PRO B 221 -31.26 5.62 -13.86
CA PRO B 221 -30.89 6.44 -15.04
C PRO B 221 -29.39 6.38 -15.41
N GLY B 222 -29.12 6.15 -16.69
CA GLY B 222 -27.79 6.15 -17.21
C GLY B 222 -26.98 4.88 -16.91
N VAL B 223 -27.56 3.91 -16.22
CA VAL B 223 -26.89 2.67 -15.91
C VAL B 223 -26.35 2.03 -17.19
N ALA B 224 -25.19 1.39 -17.03
CA ALA B 224 -24.60 0.58 -18.09
C ALA B 224 -24.91 -0.88 -17.86
N ILE B 225 -24.97 -1.63 -18.95
CA ILE B 225 -25.31 -3.02 -18.93
C ILE B 225 -24.40 -3.73 -19.89
N ASN B 226 -23.74 -4.81 -19.43
CA ASN B 226 -22.77 -5.51 -20.29
C ASN B 226 -23.37 -6.40 -21.36
N SER B 227 -22.59 -6.62 -22.42
CA SER B 227 -23.00 -7.46 -23.55
C SER B 227 -23.25 -8.90 -23.16
N ARG B 228 -22.57 -9.39 -22.11
CA ARG B 228 -22.63 -10.76 -21.69
C ARG B 228 -24.02 -11.19 -21.21
N LEU B 229 -24.81 -10.25 -20.72
CA LEU B 229 -26.23 -10.49 -20.41
C LEU B 229 -27.02 -11.00 -21.62
N ARG B 230 -26.73 -10.45 -22.80
CA ARG B 230 -27.70 -10.42 -23.88
C ARG B 230 -27.63 -11.59 -24.85
N ALA B 231 -28.82 -12.14 -25.12
CA ALA B 231 -29.04 -13.01 -26.24
C ALA B 231 -30.20 -12.43 -27.09
N ASP B 232 -30.12 -12.62 -28.38
CA ASP B 232 -31.21 -12.21 -29.27
C ASP B 232 -32.26 -13.33 -29.44
N ASP B 233 -33.22 -13.05 -30.33
CA ASP B 233 -34.31 -14.01 -30.66
C ASP B 233 -33.82 -15.40 -31.06
N LYS B 234 -32.65 -15.46 -31.67
CA LYS B 234 -32.09 -16.71 -32.15
C LYS B 234 -31.07 -17.36 -31.22
N GLY B 235 -30.88 -16.78 -30.05
CA GLY B 235 -29.96 -17.32 -29.07
C GLY B 235 -28.52 -16.86 -29.27
N LYS B 236 -28.28 -15.94 -30.22
CA LYS B 236 -26.89 -15.41 -30.44
C LYS B 236 -26.52 -14.39 -29.31
N ARG B 237 -25.33 -14.55 -28.71
CA ARG B 237 -24.92 -13.81 -27.52
C ARG B 237 -23.93 -12.73 -27.81
N HIS B 238 -24.01 -11.65 -27.02
CA HIS B 238 -23.13 -10.47 -27.11
C HIS B 238 -23.45 -9.61 -28.33
N PHE B 239 -23.20 -10.13 -29.51
CA PHE B 239 -23.57 -9.43 -30.72
C PHE B 239 -24.76 -10.20 -31.35
N ASP B 240 -25.75 -9.47 -31.84
CA ASP B 240 -26.99 -10.14 -32.34
C ASP B 240 -26.72 -10.81 -33.71
N SER B 241 -27.78 -11.40 -34.25
CA SER B 241 -27.72 -12.14 -35.51
C SER B 241 -27.38 -11.27 -36.72
N ASN B 242 -27.56 -9.96 -36.61
CA ASN B 242 -27.07 -9.03 -37.61
C ASN B 242 -25.70 -8.39 -37.30
N GLY B 243 -24.93 -9.01 -36.39
CA GLY B 243 -23.61 -8.54 -36.04
C GLY B 243 -23.55 -7.28 -35.17
N ARG B 244 -24.68 -6.79 -34.63
CA ARG B 244 -24.67 -5.57 -33.83
C ARG B 244 -24.51 -5.88 -32.33
N LEU B 245 -23.70 -5.08 -31.66
CA LEU B 245 -23.46 -5.25 -30.20
C LEU B 245 -24.69 -4.94 -29.41
N MET B 246 -25.06 -5.89 -28.53
CA MET B 246 -26.15 -5.69 -27.58
C MET B 246 -25.57 -5.23 -26.26
N GLY B 247 -26.38 -4.57 -25.47
CA GLY B 247 -25.90 -3.90 -24.27
C GLY B 247 -25.08 -2.66 -24.61
N ASP B 248 -24.43 -2.09 -23.59
CA ASP B 248 -23.75 -0.85 -23.74
C ASP B 248 -22.30 -0.94 -24.04
N TYR B 249 -21.72 -2.10 -23.76
CA TYR B 249 -20.30 -2.31 -24.03
C TYR B 249 -19.98 -3.84 -24.09
N GLU B 250 -18.93 -4.13 -24.82
CA GLU B 250 -18.50 -5.50 -25.03
C GLU B 250 -17.71 -5.99 -23.84
N SER B 251 -18.05 -7.19 -23.36
CA SER B 251 -17.52 -7.72 -22.14
C SER B 251 -17.09 -9.18 -22.29
N GLY B 252 -16.54 -9.54 -23.40
CA GLY B 252 -15.98 -10.88 -23.54
C GLY B 252 -14.48 -11.10 -23.33
N TYR B 253 -13.67 -10.05 -23.12
CA TYR B 253 -12.25 -10.21 -23.10
C TYR B 253 -11.95 -10.40 -21.64
N GLU B 254 -11.85 -11.69 -21.26
CA GLU B 254 -11.77 -12.08 -19.86
C GLU B 254 -10.51 -12.90 -19.78
N ARG B 255 -9.47 -12.36 -19.16
CA ARG B 255 -8.15 -12.98 -19.18
C ARG B 255 -7.56 -13.14 -20.56
N ARG B 256 -7.98 -12.30 -21.50
CA ARG B 256 -7.32 -12.16 -22.78
CA ARG B 256 -7.16 -12.06 -22.72
C ARG B 256 -7.63 -10.73 -23.29
N LEU B 257 -6.87 -10.29 -24.31
CA LEU B 257 -7.02 -8.94 -24.88
C LEU B 257 -6.94 -8.92 -26.40
N PRO B 258 -7.57 -7.92 -27.02
CA PRO B 258 -7.51 -7.89 -28.50
C PRO B 258 -6.14 -7.59 -28.99
N ASP B 259 -5.81 -8.12 -30.17
CA ASP B 259 -4.51 -7.93 -30.77
C ASP B 259 -4.39 -6.50 -31.32
N PRO B 260 -3.31 -5.79 -30.95
CA PRO B 260 -3.15 -4.36 -31.32
C PRO B 260 -3.01 -4.07 -32.78
N VAL B 261 -2.71 -5.09 -33.56
CA VAL B 261 -2.58 -4.93 -35.02
C VAL B 261 -3.83 -5.47 -35.71
N LYS B 262 -4.31 -6.65 -35.28
CA LYS B 262 -5.32 -7.38 -36.01
C LYS B 262 -6.78 -7.14 -35.60
N ASP B 263 -7.01 -6.61 -34.40
CA ASP B 263 -8.34 -6.52 -33.84
C ASP B 263 -8.79 -5.08 -33.60
N LEU B 264 -8.35 -4.18 -34.48
CA LEU B 264 -8.76 -2.77 -34.38
C LEU B 264 -10.30 -2.53 -34.45
N LYS B 265 -11.04 -3.53 -34.91
CA LYS B 265 -12.49 -3.43 -34.90
C LYS B 265 -13.05 -3.03 -33.53
N VAL B 266 -12.35 -3.42 -32.45
CA VAL B 266 -12.89 -3.17 -31.12
C VAL B 266 -12.98 -1.69 -30.81
N THR B 267 -12.21 -0.87 -31.55
CA THR B 267 -12.22 0.56 -31.30
C THR B 267 -13.56 1.17 -31.68
N GLN B 268 -14.43 0.41 -32.31
CA GLN B 268 -15.73 0.91 -32.79
C GLN B 268 -16.77 0.88 -31.75
N TRP B 269 -16.52 0.15 -30.65
CA TRP B 269 -17.51 0.13 -29.55
C TRP B 269 -16.84 0.25 -28.18
N ASP B 270 -17.65 0.58 -27.16
CA ASP B 270 -17.12 0.56 -25.78
C ASP B 270 -16.91 -0.92 -25.38
N TRP B 271 -15.91 -1.14 -24.55
CA TRP B 271 -15.62 -2.52 -24.10
C TRP B 271 -14.85 -2.45 -22.81
N GLU B 272 -14.92 -3.53 -22.03
CA GLU B 272 -14.24 -3.62 -20.77
C GLU B 272 -13.65 -5.05 -20.68
N ALA B 273 -12.34 -5.10 -20.44
CA ALA B 273 -11.67 -6.34 -20.14
C ALA B 273 -11.56 -6.58 -18.64
N CYS B 274 -11.51 -7.84 -18.21
CA CYS B 274 -11.25 -8.13 -16.83
CA CYS B 274 -11.32 -8.17 -16.83
C CYS B 274 -10.13 -9.16 -16.79
N MET B 275 -9.36 -9.13 -15.72
CA MET B 275 -8.20 -10.02 -15.55
C MET B 275 -7.97 -10.45 -14.12
N THR B 276 -7.29 -11.57 -13.99
CA THR B 276 -6.86 -12.12 -12.70
C THR B 276 -5.38 -11.96 -12.56
N ILE B 277 -4.93 -12.01 -11.30
CA ILE B 277 -3.47 -11.91 -11.00
C ILE B 277 -2.79 -13.25 -11.26
N PRO B 278 -3.27 -14.35 -10.62
CA PRO B 278 -2.82 -15.65 -11.14
C PRO B 278 -3.46 -15.95 -12.47
N GLU B 279 -3.23 -17.14 -12.97
CA GLU B 279 -3.77 -17.51 -14.27
C GLU B 279 -5.28 -17.56 -14.32
N ASN B 280 -5.92 -18.20 -13.34
CA ASN B 280 -7.35 -18.30 -13.33
C ASN B 280 -7.92 -18.57 -11.96
N GLN B 281 -7.82 -17.57 -11.12
CA GLN B 281 -8.40 -17.57 -9.79
C GLN B 281 -9.08 -16.24 -9.59
N TRP B 282 -10.40 -16.27 -9.39
CA TRP B 282 -11.15 -15.01 -9.10
C TRP B 282 -11.44 -14.90 -7.64
N GLY B 283 -12.10 -15.89 -7.09
CA GLY B 283 -12.20 -16.01 -5.61
C GLY B 283 -10.89 -16.34 -4.92
N TYR B 284 -10.84 -16.16 -3.59
CA TYR B 284 -9.73 -16.45 -2.81
C TYR B 284 -9.35 -17.92 -2.94
N HIS B 285 -8.13 -18.15 -3.38
CA HIS B 285 -7.49 -19.48 -3.36
C HIS B 285 -6.26 -19.44 -2.47
N LYS B 286 -6.15 -20.40 -1.56
CA LYS B 286 -5.09 -20.32 -0.57
C LYS B 286 -3.68 -20.60 -1.10
N ASP B 287 -3.55 -21.21 -2.27
CA ASP B 287 -2.25 -21.54 -2.82
C ASP B 287 -1.97 -21.01 -4.25
N TRP B 288 -1.41 -19.83 -4.30
CA TRP B 288 -1.04 -19.22 -5.57
C TRP B 288 0.21 -19.83 -6.23
N SER B 289 0.90 -20.78 -5.55
CA SER B 289 2.06 -21.40 -6.14
C SER B 289 1.65 -22.31 -7.31
N LEU B 290 0.36 -22.61 -7.48
CA LEU B 290 -0.03 -23.57 -8.46
C LEU B 290 -0.06 -23.09 -9.90
N SER B 291 -0.03 -21.77 -10.12
CA SER B 291 -0.01 -21.27 -11.48
C SER B 291 0.83 -19.99 -11.50
N TYR B 292 1.13 -19.52 -12.69
CA TYR B 292 1.88 -18.26 -12.85
C TYR B 292 1.10 -17.06 -12.27
N VAL B 293 1.80 -16.21 -11.51
CA VAL B 293 1.30 -15.04 -10.88
C VAL B 293 1.95 -13.80 -11.54
N LYS B 294 1.10 -12.95 -12.08
CA LYS B 294 1.59 -11.78 -12.79
C LYS B 294 2.28 -10.78 -11.91
N THR B 295 3.37 -10.21 -12.41
CA THR B 295 4.00 -9.12 -11.76
C THR B 295 3.24 -7.79 -12.02
N PRO B 296 3.52 -6.78 -11.21
CA PRO B 296 2.84 -5.51 -11.43
C PRO B 296 3.06 -4.94 -12.82
N ILE B 297 4.26 -5.06 -13.38
CA ILE B 297 4.49 -4.47 -14.71
C ILE B 297 3.69 -5.23 -15.75
N GLU B 298 3.51 -6.55 -15.56
CA GLU B 298 2.70 -7.33 -16.43
C GLU B 298 1.23 -6.89 -16.40
N VAL B 299 0.73 -6.52 -15.22
CA VAL B 299 -0.59 -6.04 -15.06
C VAL B 299 -0.73 -4.63 -15.71
N ILE B 300 0.23 -3.77 -15.47
CA ILE B 300 0.22 -2.38 -15.96
C ILE B 300 0.25 -2.39 -17.50
N ASP B 301 1.03 -3.29 -18.06
CA ASP B 301 1.00 -3.53 -19.51
C ASP B 301 -0.41 -3.85 -20.10
N ARG B 302 -1.16 -4.74 -19.43
CA ARG B 302 -2.47 -5.05 -19.80
C ARG B 302 -3.42 -3.90 -19.65
N ILE B 303 -3.31 -3.15 -18.57
CA ILE B 303 -4.17 -1.98 -18.38
C ILE B 303 -3.96 -1.00 -19.55
N VAL B 304 -2.73 -0.70 -19.82
CA VAL B 304 -2.41 0.32 -20.90
C VAL B 304 -2.82 -0.22 -22.27
N HIS B 305 -2.53 -1.50 -22.52
CA HIS B 305 -3.04 -2.19 -23.73
C HIS B 305 -4.54 -1.96 -23.94
N ALA B 306 -5.36 -2.20 -22.95
CA ALA B 306 -6.77 -2.01 -23.05
C ALA B 306 -7.15 -0.57 -23.45
N VAL B 307 -6.61 0.39 -22.75
CA VAL B 307 -6.96 1.79 -22.97
C VAL B 307 -6.46 2.23 -24.36
N SER B 308 -5.29 1.75 -24.76
CA SER B 308 -4.74 1.98 -26.13
C SER B 308 -5.65 1.49 -27.25
N MET B 309 -6.56 0.61 -26.96
CA MET B 309 -7.55 0.12 -27.90
C MET B 309 -8.94 0.47 -27.58
N GLY B 310 -9.08 1.50 -26.77
CA GLY B 310 -10.41 2.08 -26.50
C GLY B 310 -11.22 1.34 -25.50
N GLY B 311 -10.58 0.56 -24.65
CA GLY B 311 -11.30 -0.24 -23.65
C GLY B 311 -10.90 0.03 -22.18
N ASN B 312 -11.73 -0.43 -21.26
CA ASN B 312 -11.50 -0.39 -19.83
C ASN B 312 -10.81 -1.65 -19.37
N MET B 313 -10.05 -1.58 -18.27
CA MET B 313 -9.47 -2.82 -17.64
C MET B 313 -9.86 -2.90 -16.20
N VAL B 314 -10.27 -4.10 -15.75
CA VAL B 314 -10.63 -4.33 -14.42
C VAL B 314 -9.74 -5.43 -13.85
N VAL B 315 -9.01 -5.11 -12.77
CA VAL B 315 -8.11 -6.07 -12.12
C VAL B 315 -8.79 -6.69 -10.93
N ASN B 316 -8.76 -8.00 -10.89
CA ASN B 316 -9.48 -8.74 -9.83
C ASN B 316 -8.73 -8.97 -8.51
N PHE B 317 -9.49 -8.91 -7.40
CA PHE B 317 -9.07 -9.23 -6.06
C PHE B 317 -10.05 -10.21 -5.46
N GLY B 318 -9.56 -11.22 -4.75
CA GLY B 318 -10.36 -12.21 -4.09
C GLY B 318 -10.07 -12.14 -2.58
N PRO B 319 -10.87 -11.33 -1.86
CA PRO B 319 -10.54 -11.17 -0.44
C PRO B 319 -10.61 -12.49 0.36
N GLN B 320 -9.82 -12.51 1.43
CA GLN B 320 -9.78 -13.64 2.36
C GLN B 320 -11.14 -13.78 3.07
N ALA B 321 -11.37 -14.95 3.66
CA ALA B 321 -12.60 -15.19 4.46
C ALA B 321 -12.69 -14.25 5.65
N ASP B 322 -11.55 -13.83 6.19
CA ASP B 322 -11.64 -12.91 7.31
C ASP B 322 -11.98 -11.48 6.97
N GLY B 323 -11.97 -11.10 5.70
CA GLY B 323 -12.36 -9.76 5.30
C GLY B 323 -11.16 -8.85 5.06
N ASP B 324 -9.97 -9.42 5.14
CA ASP B 324 -8.74 -8.70 4.76
C ASP B 324 -8.25 -9.20 3.39
N PHE B 325 -7.29 -8.49 2.79
CA PHE B 325 -6.67 -8.92 1.55
C PHE B 325 -5.34 -9.56 1.82
N ARG B 326 -5.03 -10.57 1.04
CA ARG B 326 -3.75 -11.22 1.08
C ARG B 326 -2.62 -10.27 0.68
N PRO B 327 -1.41 -10.59 1.13
CA PRO B 327 -0.29 -9.71 0.90
C PRO B 327 0.07 -9.50 -0.52
N GLU B 328 -0.07 -10.52 -1.35
CA GLU B 328 0.24 -10.39 -2.79
C GLU B 328 -0.65 -9.30 -3.45
N GLU B 329 -1.88 -9.20 -2.99
CA GLU B 329 -2.85 -8.24 -3.53
C GLU B 329 -2.59 -6.87 -3.00
N LYS B 330 -2.24 -6.76 -1.72
CA LYS B 330 -1.83 -5.43 -1.20
C LYS B 330 -0.63 -4.90 -1.96
N ALA B 331 0.34 -5.76 -2.21
CA ALA B 331 1.53 -5.30 -2.91
C ALA B 331 1.21 -4.86 -4.33
N MET B 332 0.31 -5.64 -4.97
CA MET B 332 -0.16 -5.33 -6.33
C MET B 332 -0.86 -4.03 -6.39
N ALA B 333 -1.80 -3.79 -5.48
CA ALA B 333 -2.56 -2.53 -5.52
C ALA B 333 -1.65 -1.33 -5.31
N THR B 334 -0.73 -1.48 -4.36
CA THR B 334 0.19 -0.40 -4.07
C THR B 334 1.09 -0.11 -5.29
N ALA B 335 1.63 -1.14 -5.93
CA ALA B 335 2.52 -0.95 -7.09
C ALA B 335 1.78 -0.31 -8.25
N ILE B 336 0.58 -0.79 -8.51
CA ILE B 336 -0.27 -0.12 -9.57
C ILE B 336 -0.55 1.32 -9.20
N GLY B 337 -0.93 1.57 -7.94
CA GLY B 337 -1.11 2.96 -7.45
C GLY B 337 0.06 3.92 -7.67
N LYS B 338 1.24 3.46 -7.34
CA LYS B 338 2.42 4.25 -7.53
C LYS B 338 2.58 4.64 -8.98
N TRP B 339 2.49 3.66 -9.85
CA TRP B 339 2.64 3.93 -11.29
C TRP B 339 1.56 4.84 -11.83
N MET B 340 0.29 4.62 -11.44
CA MET B 340 -0.79 5.44 -11.92
C MET B 340 -0.69 6.87 -11.41
N ASN B 341 -0.21 7.02 -10.19
CA ASN B 341 -0.06 8.37 -9.66
C ASN B 341 0.95 9.14 -10.52
N ARG B 342 1.93 8.44 -11.04
CA ARG B 342 2.90 9.07 -11.84
C ARG B 342 2.49 9.24 -13.30
N TYR B 343 1.85 8.23 -13.88
CA TYR B 343 1.65 8.16 -15.33
C TYR B 343 0.20 8.13 -15.80
N GLY B 344 -0.71 8.23 -14.85
CA GLY B 344 -2.14 8.12 -15.08
C GLY B 344 -2.80 9.04 -16.01
N LYS B 345 -2.15 10.17 -16.25
CA LYS B 345 -2.66 11.08 -17.24
C LYS B 345 -2.73 10.42 -18.65
N ALA B 346 -1.93 9.37 -18.86
CA ALA B 346 -1.98 8.56 -20.12
C ALA B 346 -3.01 7.45 -20.10
N VAL B 347 -3.72 7.33 -19.01
CA VAL B 347 -4.73 6.26 -18.85
C VAL B 347 -6.11 6.85 -18.67
N TYR B 348 -6.30 7.65 -17.64
CA TYR B 348 -7.64 8.14 -17.33
C TYR B 348 -8.12 9.03 -18.43
N ALA B 349 -9.36 8.84 -18.84
CA ALA B 349 -9.99 9.58 -19.87
C ALA B 349 -9.22 9.55 -21.20
N CYS B 350 -8.45 8.46 -21.45
CA CYS B 350 -7.76 8.30 -22.69
C CYS B 350 -8.42 7.19 -23.55
N ASP B 351 -7.95 7.09 -24.80
CA ASP B 351 -8.58 6.34 -25.84
C ASP B 351 -7.60 5.98 -26.90
N TYR B 352 -8.11 5.22 -27.86
CA TYR B 352 -7.35 4.81 -29.03
C TYR B 352 -6.82 6.00 -29.81
N ALA B 353 -5.57 5.98 -30.22
CA ALA B 353 -4.94 7.12 -30.88
C ALA B 353 -4.93 7.09 -32.42
N GLY B 354 -5.28 5.97 -33.00
CA GLY B 354 -5.24 5.85 -34.43
C GLY B 354 -3.90 5.79 -35.11
N PHE B 355 -2.83 5.46 -34.35
CA PHE B 355 -1.46 5.34 -34.89
C PHE B 355 -1.16 3.85 -35.05
N GLU B 356 -0.34 3.54 -36.02
CA GLU B 356 0.22 2.19 -36.19
C GLU B 356 1.04 1.77 -34.95
N LYS B 357 0.76 0.56 -34.46
CA LYS B 357 1.43 0.02 -33.33
C LYS B 357 2.90 -0.13 -33.56
N GLN B 358 3.70 0.30 -32.60
CA GLN B 358 5.12 0.11 -32.62
C GLN B 358 5.55 -0.80 -31.43
N ASP B 359 6.79 -1.31 -31.54
CA ASP B 359 7.26 -2.36 -30.59
C ASP B 359 7.59 -1.86 -29.20
N TRP B 360 7.90 -0.55 -29.05
CA TRP B 360 8.27 0.01 -27.81
C TRP B 360 7.13 0.05 -26.75
N GLY B 361 5.89 -0.09 -27.18
CA GLY B 361 4.76 0.04 -26.28
C GLY B 361 3.49 0.50 -26.97
N TYR B 362 2.75 1.39 -26.32
CA TYR B 362 1.40 1.68 -26.72
C TYR B 362 1.24 3.18 -26.82
N TYR B 363 0.41 3.58 -27.73
CA TYR B 363 -0.09 4.95 -27.74
C TYR B 363 -1.41 5.05 -27.02
N THR B 364 -1.61 6.16 -26.30
CA THR B 364 -2.97 6.55 -25.92
C THR B 364 -3.24 8.03 -26.28
N ARG B 365 -4.49 8.33 -26.39
CA ARG B 365 -4.94 9.71 -26.81
C ARG B 365 -5.79 10.29 -25.76
N GLY B 366 -5.40 11.48 -25.34
CA GLY B 366 -6.17 12.27 -24.36
C GLY B 366 -7.39 12.91 -24.98
N LYS B 367 -8.22 13.48 -24.09
CA LYS B 367 -9.43 14.22 -24.48
C LYS B 367 -9.19 15.38 -25.38
N ASN B 368 -8.04 15.99 -25.27
CA ASN B 368 -7.76 17.14 -26.09
C ASN B 368 -6.62 16.90 -27.04
N ASP B 369 -6.61 15.70 -27.59
CA ASP B 369 -5.65 15.30 -28.58
C ASP B 369 -4.18 15.28 -28.16
N GLU B 370 -3.91 15.21 -26.88
CA GLU B 370 -2.61 14.78 -26.40
C GLU B 370 -2.35 13.34 -26.92
N VAL B 371 -1.16 13.01 -27.38
CA VAL B 371 -0.85 11.61 -27.73
C VAL B 371 0.28 11.16 -26.83
N TYR B 372 0.02 10.12 -26.05
CA TYR B 372 0.99 9.59 -25.11
C TYR B 372 1.65 8.34 -25.64
N MET B 373 2.98 8.29 -25.50
CA MET B 373 3.78 7.13 -25.80
C MET B 373 4.05 6.48 -24.48
N VAL B 374 3.49 5.28 -24.28
CA VAL B 374 3.78 4.54 -23.07
C VAL B 374 4.79 3.42 -23.39
N VAL B 375 6.02 3.60 -22.91
CA VAL B 375 7.17 2.83 -23.32
C VAL B 375 7.38 1.67 -22.32
N PHE B 376 7.19 0.46 -22.79
CA PHE B 376 7.43 -0.79 -21.97
C PHE B 376 8.71 -1.55 -22.39
N ASN B 377 9.17 -1.34 -23.64
CA ASN B 377 10.29 -2.06 -24.23
C ASN B 377 11.25 -1.03 -24.77
N GLN B 378 12.39 -0.89 -24.09
CA GLN B 378 13.33 0.19 -24.38
C GLN B 378 14.24 -0.24 -25.53
N PRO B 379 14.24 0.53 -26.62
CA PRO B 379 15.13 0.18 -27.74
C PRO B 379 16.59 0.44 -27.48
N TYR B 380 17.43 -0.54 -27.78
CA TYR B 380 18.86 -0.33 -27.80
C TYR B 380 19.28 0.80 -28.77
N SER B 381 18.50 1.02 -29.79
CA SER B 381 18.81 2.09 -30.78
C SER B 381 18.69 3.48 -30.18
N GLU B 382 18.08 3.58 -29.00
CA GLU B 382 17.84 4.84 -28.25
C GLU B 382 16.87 5.72 -29.00
N ARG B 383 16.13 5.12 -29.92
CA ARG B 383 15.20 5.82 -30.79
C ARG B 383 13.87 5.10 -30.78
N LEU B 384 12.80 5.85 -30.54
CA LEU B 384 11.45 5.31 -30.50
C LEU B 384 10.73 5.71 -31.78
N ILE B 385 10.38 4.75 -32.61
CA ILE B 385 9.78 5.00 -33.93
C ILE B 385 8.33 5.44 -33.77
N VAL B 386 8.00 6.56 -34.44
CA VAL B 386 6.63 7.03 -34.48
C VAL B 386 6.26 7.29 -35.93
N LYS B 387 5.38 6.47 -36.45
CA LYS B 387 4.81 6.63 -37.74
C LYS B 387 3.42 7.25 -37.58
N THR B 388 3.24 8.42 -38.21
CA THR B 388 2.05 9.22 -38.05
C THR B 388 1.05 8.93 -39.14
N PRO B 389 -0.24 9.05 -38.84
CA PRO B 389 -1.22 8.87 -39.86
C PRO B 389 -1.11 10.10 -40.83
N LYS B 390 -1.77 9.98 -41.98
CA LYS B 390 -1.71 10.95 -43.09
C LYS B 390 -2.17 12.23 -42.48
N GLY B 391 -1.42 13.27 -42.72
CA GLY B 391 -1.83 14.62 -42.30
C GLY B 391 -1.44 15.00 -40.90
N ILE B 392 -0.83 14.09 -40.12
CA ILE B 392 -0.45 14.38 -38.75
C ILE B 392 1.05 14.57 -38.67
N THR B 393 1.49 15.62 -38.01
CA THR B 393 2.88 15.86 -37.66
C THR B 393 3.06 15.89 -36.15
N VAL B 394 4.27 15.65 -35.72
CA VAL B 394 4.65 15.74 -34.37
C VAL B 394 5.41 17.05 -34.18
N GLU B 395 4.94 17.94 -33.30
CA GLU B 395 5.58 19.26 -33.07
C GLU B 395 6.46 19.27 -31.86
N LYS B 396 6.19 18.42 -30.88
CA LYS B 396 6.99 18.46 -29.68
C LYS B 396 6.82 17.08 -28.95
N ALA B 397 7.84 16.74 -28.21
CA ALA B 397 7.82 15.59 -27.25
C ALA B 397 8.32 16.01 -25.92
N THR B 398 7.62 15.56 -24.86
CA THR B 398 7.91 15.93 -23.51
C THR B 398 7.83 14.73 -22.57
N LEU B 399 8.82 14.57 -21.75
CA LEU B 399 8.80 13.51 -20.77
C LEU B 399 7.76 13.89 -19.71
N LEU B 400 6.77 13.03 -19.57
CA LEU B 400 5.65 13.37 -18.67
C LEU B 400 6.03 13.69 -17.26
N THR B 401 6.90 12.91 -16.65
CA THR B 401 7.19 13.13 -15.22
C THR B 401 7.99 14.40 -14.95
N THR B 402 8.88 14.77 -15.84
CA THR B 402 9.76 15.90 -15.59
C THR B 402 9.43 17.16 -16.39
N GLY B 403 8.68 17.05 -17.47
CA GLY B 403 8.49 18.15 -18.38
C GLY B 403 9.70 18.47 -19.24
N GLU B 404 10.76 17.68 -19.15
CA GLU B 404 11.90 17.86 -20.07
C GLU B 404 11.58 17.61 -21.57
N ASP B 405 12.17 18.40 -22.44
CA ASP B 405 11.98 18.31 -23.83
C ASP B 405 12.72 17.11 -24.36
N ILE B 406 12.11 16.44 -25.31
CA ILE B 406 12.67 15.25 -25.90
C ILE B 406 12.83 15.46 -27.39
N THR B 407 14.01 15.16 -27.91
CA THR B 407 14.31 15.39 -29.31
C THR B 407 13.43 14.57 -30.23
N VAL B 408 12.88 15.21 -31.26
CA VAL B 408 12.15 14.53 -32.30
C VAL B 408 12.87 14.74 -33.66
N VAL B 409 13.20 13.64 -34.37
CA VAL B 409 13.90 13.74 -35.63
C VAL B 409 13.04 13.11 -36.70
N GLU B 410 12.77 13.87 -37.75
CA GLU B 410 12.04 13.32 -38.83
C GLU B 410 12.94 12.37 -39.65
N THR B 411 12.47 11.19 -39.99
CA THR B 411 13.32 10.26 -40.70
C THR B 411 12.83 10.10 -42.10
N THR B 412 11.54 10.18 -42.27
CA THR B 412 10.94 10.15 -43.59
C THR B 412 9.65 10.94 -43.52
N ARG B 413 8.94 11.09 -44.63
CA ARG B 413 7.62 11.71 -44.56
C ARG B 413 6.76 10.83 -43.58
N ASN B 414 6.08 11.41 -42.64
CA ASN B 414 5.26 10.54 -41.75
C ASN B 414 5.98 9.55 -40.78
N GLU B 415 7.28 9.64 -40.65
CA GLU B 415 7.96 8.93 -39.62
C GLU B 415 8.97 9.76 -38.93
N TYR B 416 9.03 9.58 -37.60
CA TYR B 416 10.02 10.19 -36.75
C TYR B 416 10.73 9.20 -35.82
N ASN B 417 11.92 9.57 -35.40
CA ASN B 417 12.57 8.98 -34.26
C ASN B 417 12.39 9.93 -33.09
N VAL B 418 11.72 9.48 -32.04
CA VAL B 418 11.65 10.21 -30.79
C VAL B 418 12.75 9.65 -29.92
N SER B 419 13.64 10.50 -29.42
CA SER B 419 14.73 10.01 -28.59
C SER B 419 14.19 9.47 -27.24
N VAL B 420 14.87 8.45 -26.69
CA VAL B 420 14.64 8.02 -25.32
C VAL B 420 15.16 9.17 -24.42
N PRO B 421 14.65 9.27 -23.23
CA PRO B 421 15.20 10.25 -22.31
C PRO B 421 16.66 10.04 -22.01
N LYS B 422 17.34 11.13 -21.71
CA LYS B 422 18.79 11.05 -21.46
C LYS B 422 19.12 10.15 -20.32
N LYS B 423 18.29 10.14 -19.29
CA LYS B 423 18.40 9.17 -18.20
C LYS B 423 17.31 8.18 -18.25
N ASN B 424 17.69 6.93 -18.22
CA ASN B 424 16.73 5.85 -18.36
C ASN B 424 15.74 5.88 -17.21
N PRO B 425 14.42 6.00 -17.49
CA PRO B 425 13.50 6.07 -16.34
C PRO B 425 13.50 4.82 -15.45
N GLY B 426 13.94 3.71 -15.97
CA GLY B 426 14.04 2.45 -15.22
C GLY B 426 12.73 1.76 -14.89
N GLU B 427 11.63 2.12 -15.61
CA GLU B 427 10.28 1.56 -15.43
C GLU B 427 9.51 2.02 -16.66
N PRO B 428 8.34 1.44 -16.93
CA PRO B 428 7.61 1.85 -18.09
C PRO B 428 7.22 3.32 -17.90
N TYR B 429 7.37 4.12 -18.94
CA TYR B 429 7.31 5.59 -18.78
C TYR B 429 6.55 6.21 -19.94
N VAL B 430 6.22 7.51 -19.80
CA VAL B 430 5.43 8.17 -20.77
C VAL B 430 6.11 9.40 -21.39
N ILE B 431 6.04 9.48 -22.69
CA ILE B 431 6.42 10.69 -23.43
C ILE B 431 5.14 11.22 -24.05
N GLN B 432 4.85 12.51 -23.83
CA GLN B 432 3.67 13.12 -24.37
C GLN B 432 4.06 13.86 -25.63
N LEU B 433 3.29 13.67 -26.67
CA LEU B 433 3.51 14.31 -27.96
C LEU B 433 2.46 15.38 -28.15
N LYS B 434 2.89 16.46 -28.76
CA LYS B 434 1.99 17.46 -29.30
C LYS B 434 1.94 17.24 -30.77
N VAL B 435 0.74 16.96 -31.29
CA VAL B 435 0.59 16.70 -32.69
C VAL B 435 -0.27 17.76 -33.36
N ARG B 436 -0.18 17.84 -34.67
CA ARG B 436 -0.92 18.87 -35.44
C ARG B 436 -1.50 18.15 -36.59
N ALA B 437 -2.76 18.37 -36.86
CA ALA B 437 -3.42 17.78 -38.06
C ALA B 437 -3.51 18.86 -39.20
N ALA B 438 -3.17 18.54 -40.45
CA ALA B 438 -3.24 19.57 -41.50
C ALA B 438 -4.70 19.88 -41.87
N LYS B 439 -4.97 21.16 -42.22
CA LYS B 439 -6.35 21.66 -42.50
C LYS B 439 -7.20 20.82 -43.46
N GLU C 1 26.93 -1.85 50.20
CA GLU C 1 27.63 -1.94 48.87
C GLU C 1 28.38 -3.24 48.77
N ILE C 2 27.82 -4.22 48.08
CA ILE C 2 28.57 -5.45 47.74
C ILE C 2 29.71 -5.00 46.85
N PRO C 3 30.96 -5.41 47.15
CA PRO C 3 32.03 -4.90 46.29
C PRO C 3 32.11 -5.77 45.03
N LEU C 4 32.49 -5.14 43.93
CA LEU C 4 32.37 -5.78 42.62
C LEU C 4 33.46 -5.29 41.73
N LYS C 5 34.06 -6.18 40.97
CA LYS C 5 35.05 -5.76 40.00
C LYS C 5 34.45 -5.58 38.60
N TYR C 6 33.31 -6.19 38.34
CA TYR C 6 32.69 -6.16 37.01
C TYR C 6 31.25 -5.62 36.99
N GLY C 7 30.94 -4.76 37.96
CA GLY C 7 29.66 -4.07 37.98
C GLY C 7 29.70 -2.76 37.23
N ALA C 8 28.79 -1.85 37.58
CA ALA C 8 28.57 -0.65 36.79
C ALA C 8 29.78 0.23 36.65
N THR C 9 29.89 0.92 35.53
CA THR C 9 31.01 1.82 35.24
C THR C 9 30.55 3.28 35.23
N ASN C 10 29.49 3.62 34.49
CA ASN C 10 28.90 5.00 34.49
C ASN C 10 28.16 5.27 35.82
N GLU C 11 28.20 6.51 36.30
CA GLU C 11 27.38 6.89 37.48
C GLU C 11 25.94 7.16 37.03
N GLY C 12 25.71 8.22 36.27
CA GLY C 12 24.35 8.47 35.71
C GLY C 12 24.39 8.36 34.19
N LYS C 13 23.63 9.21 33.50
CA LYS C 13 23.64 9.26 32.02
C LYS C 13 24.94 9.79 31.48
N ARG C 14 25.46 9.18 30.44
CA ARG C 14 26.52 9.82 29.65
C ARG C 14 26.01 11.11 29.00
N GLN C 15 26.86 12.15 28.96
CA GLN C 15 26.46 13.39 28.31
C GLN C 15 27.43 13.86 27.26
N ASP C 16 28.34 13.00 26.86
CA ASP C 16 29.17 13.30 25.69
C ASP C 16 28.30 13.42 24.46
N PRO C 17 28.81 14.08 23.42
CA PRO C 17 28.04 14.24 22.17
C PRO C 17 27.56 12.95 21.51
N ALA C 18 28.33 11.89 21.56
CA ALA C 18 27.90 10.61 20.92
C ALA C 18 26.66 10.06 21.62
N MET C 19 26.63 10.09 22.94
CA MET C 19 25.46 9.63 23.64
C MET C 19 24.31 10.53 23.42
N GLN C 20 24.57 11.83 23.37
CA GLN C 20 23.48 12.75 23.07
C GLN C 20 22.85 12.50 21.75
N LYS C 21 23.67 12.15 20.77
CA LYS C 21 23.20 11.83 19.45
C LYS C 21 22.36 10.54 19.50
N PHE C 22 22.84 9.54 20.22
CA PHE C 22 22.14 8.23 20.32
C PHE C 22 20.77 8.46 20.86
N ARG C 23 20.69 9.32 21.88
CA ARG C 23 19.45 9.70 22.52
C ARG C 23 18.56 10.54 21.64
N ASP C 24 19.12 11.61 21.08
CA ASP C 24 18.29 12.52 20.30
C ASP C 24 17.72 11.91 19.02
N ASN C 25 18.43 10.98 18.46
CA ASN C 25 17.90 10.17 17.34
C ASN C 25 16.48 9.70 17.63
N ARG C 26 16.25 9.19 18.82
CA ARG C 26 14.99 8.61 19.33
C ARG C 26 14.35 7.44 18.58
N LEU C 27 14.17 7.55 17.26
CA LEU C 27 13.48 6.54 16.49
C LEU C 27 14.46 5.78 15.64
N GLY C 28 14.44 4.47 15.79
CA GLY C 28 15.30 3.59 15.01
C GLY C 28 14.51 2.46 14.34
N ALA C 29 15.15 1.80 13.38
CA ALA C 29 14.61 0.57 12.82
C ALA C 29 15.53 -0.57 13.16
N PHE C 30 14.95 -1.76 13.33
CA PHE C 30 15.77 -2.94 13.51
C PHE C 30 15.68 -3.75 12.19
N ILE C 31 16.79 -4.39 11.80
CA ILE C 31 16.83 -5.37 10.69
C ILE C 31 17.29 -6.69 11.24
N HIS C 32 16.42 -7.71 11.14
CA HIS C 32 16.77 -9.07 11.41
C HIS C 32 16.80 -9.78 10.07
N TRP C 33 18.00 -10.12 9.62
CA TRP C 33 18.17 -10.78 8.29
C TRP C 33 19.24 -11.78 8.43
N GLY C 34 18.90 -13.01 8.07
CA GLY C 34 19.76 -14.11 8.26
C GLY C 34 19.18 -15.30 7.50
N LEU C 35 19.80 -16.46 7.65
CA LEU C 35 19.40 -17.65 6.84
C LEU C 35 17.94 -18.03 7.09
N TYR C 36 17.47 -17.72 8.27
CA TYR C 36 16.04 -17.95 8.67
C TYR C 36 15.08 -17.32 7.78
N ALA C 37 15.47 -16.33 6.99
CA ALA C 37 14.56 -15.74 6.08
C ALA C 37 14.14 -16.70 4.94
N ILE C 38 15.01 -17.65 4.61
CA ILE C 38 14.77 -18.56 3.49
C ILE C 38 13.59 -19.50 3.82
N PRO C 39 13.71 -20.36 4.81
CA PRO C 39 12.52 -21.13 5.16
C PRO C 39 11.31 -20.32 5.69
N GLY C 40 11.56 -19.18 6.35
CA GLY C 40 10.50 -18.26 6.70
C GLY C 40 9.45 -18.83 7.61
N GLY C 41 9.92 -19.57 8.57
CA GLY C 41 9.06 -20.10 9.62
C GLY C 41 8.62 -21.54 9.37
N GLU C 42 8.96 -22.03 8.19
CA GLU C 42 8.49 -23.32 7.75
C GLU C 42 9.66 -24.26 7.54
N TRP C 43 9.61 -25.42 8.16
CA TRP C 43 10.64 -26.41 7.92
C TRP C 43 10.03 -27.70 7.36
N ASN C 44 10.48 -28.04 6.15
CA ASN C 44 10.14 -29.31 5.53
C ASN C 44 8.61 -29.53 5.54
N GLY C 45 7.88 -28.56 5.00
CA GLY C 45 6.42 -28.64 4.93
C GLY C 45 5.62 -28.33 6.19
N LYS C 46 6.25 -28.09 7.32
CA LYS C 46 5.54 -27.73 8.53
C LYS C 46 5.80 -26.24 9.00
N VAL C 47 4.74 -25.45 9.19
CA VAL C 47 4.83 -24.05 9.58
C VAL C 47 4.81 -23.95 11.10
N TYR C 48 5.85 -23.39 11.69
CA TYR C 48 5.92 -23.27 13.17
C TYR C 48 5.51 -21.84 13.56
N GLY C 49 4.75 -21.72 14.64
CA GLY C 49 4.18 -20.46 15.13
C GLY C 49 5.19 -19.63 15.93
N GLY C 50 6.26 -20.28 16.40
CA GLY C 50 7.34 -19.59 17.11
C GLY C 50 8.09 -18.60 16.21
N ALA C 51 8.87 -17.73 16.85
CA ALA C 51 9.62 -16.71 16.13
C ALA C 51 10.48 -17.42 15.03
N ALA C 52 10.40 -16.90 13.81
CA ALA C 52 11.04 -17.52 12.64
C ALA C 52 12.54 -17.62 12.76
N GLU C 53 13.16 -16.65 13.46
CA GLU C 53 14.63 -16.66 13.60
C GLU C 53 15.09 -17.74 14.53
N TRP C 54 14.16 -18.32 15.26
CA TRP C 54 14.41 -19.49 16.09
C TRP C 54 13.98 -20.86 15.46
N LEU C 55 13.64 -20.88 14.19
CA LEU C 55 13.18 -22.15 13.57
C LEU C 55 14.15 -23.30 13.72
N LYS C 56 15.47 -23.05 13.64
CA LYS C 56 16.45 -24.12 13.86
C LYS C 56 16.16 -24.86 15.15
N SER C 57 15.74 -24.11 16.13
CA SER C 57 15.41 -24.67 17.45
C SER C 57 14.02 -25.36 17.41
N TRP C 58 12.98 -24.69 16.93
CA TRP C 58 11.64 -25.29 16.96
C TRP C 58 11.59 -26.60 16.17
N ALA C 59 12.29 -26.64 15.03
CA ALA C 59 12.27 -27.83 14.12
C ALA C 59 13.43 -28.79 14.42
N LYS C 60 14.20 -28.52 15.47
CA LYS C 60 15.31 -29.37 15.89
C LYS C 60 16.33 -29.65 14.78
N VAL C 61 16.70 -28.61 14.03
CA VAL C 61 17.59 -28.80 12.87
C VAL C 61 19.04 -28.77 13.29
N PRO C 62 19.81 -29.83 12.97
CA PRO C 62 21.26 -29.77 13.28
C PRO C 62 21.95 -28.61 12.58
N ALA C 63 23.01 -28.14 13.20
CA ALA C 63 23.81 -27.03 12.63
C ALA C 63 24.23 -27.26 11.17
N ASP C 64 24.78 -28.45 10.83
CA ASP C 64 25.31 -28.73 9.50
C ASP C 64 24.20 -28.52 8.52
N GLU C 65 23.03 -29.06 8.83
CA GLU C 65 21.92 -28.93 7.90
C GLU C 65 21.36 -27.49 7.86
N TRP C 66 21.19 -26.87 9.02
CA TRP C 66 20.71 -25.50 9.00
C TRP C 66 21.61 -24.62 8.10
N LEU C 67 22.91 -24.73 8.30
CA LEU C 67 23.89 -23.83 7.62
C LEU C 67 24.02 -24.09 6.13
N LYS C 68 23.54 -25.27 5.68
CA LYS C 68 23.40 -25.51 4.26
C LYS C 68 22.46 -24.57 3.59
N LEU C 69 21.65 -23.85 4.36
CA LEU C 69 20.86 -22.80 3.76
C LEU C 69 21.71 -21.78 3.06
N MET C 70 22.97 -21.66 3.48
CA MET C 70 23.92 -20.76 2.79
C MET C 70 23.94 -20.96 1.28
N ASP C 71 23.75 -22.22 0.86
CA ASP C 71 23.75 -22.56 -0.55
C ASP C 71 22.57 -21.94 -1.28
N GLN C 72 21.49 -21.54 -0.57
CA GLN C 72 20.40 -20.84 -1.21
C GLN C 72 20.36 -19.35 -1.00
N TRP C 73 21.36 -18.81 -0.31
CA TRP C 73 21.41 -17.37 -0.05
C TRP C 73 21.78 -16.63 -1.30
N ASN C 74 20.78 -16.00 -1.93
CA ASN C 74 20.96 -15.20 -3.11
C ASN C 74 19.93 -14.10 -3.28
N PRO C 75 19.96 -13.07 -2.41
CA PRO C 75 18.99 -12.03 -2.39
C PRO C 75 19.11 -11.06 -3.55
N THR C 76 18.63 -11.52 -4.70
CA THR C 76 18.86 -10.73 -5.89
C THR C 76 18.13 -9.44 -5.93
N LYS C 77 17.05 -9.26 -5.15
CA LYS C 77 16.38 -7.98 -5.10
C LYS C 77 17.02 -7.02 -4.05
N PHE C 78 18.06 -7.47 -3.37
CA PHE C 78 18.76 -6.61 -2.37
C PHE C 78 19.37 -5.39 -3.01
N ASP C 79 19.04 -4.23 -2.48
CA ASP C 79 19.65 -3.01 -2.96
C ASP C 79 19.78 -2.11 -1.72
N ALA C 80 20.99 -1.94 -1.24
CA ALA C 80 21.23 -1.22 0.02
C ALA C 80 20.74 0.21 -0.07
N LYS C 81 20.87 0.85 -1.24
CA LYS C 81 20.43 2.19 -1.39
C LYS C 81 18.91 2.28 -1.19
N LYS C 82 18.18 1.28 -1.66
CA LYS C 82 16.74 1.32 -1.48
C LYS C 82 16.36 1.11 -0.02
N TRP C 83 17.07 0.22 0.64
CA TRP C 83 16.85 -0.04 2.06
C TRP C 83 17.06 1.25 2.82
N ALA C 84 18.11 1.97 2.47
CA ALA C 84 18.41 3.20 3.16
C ALA C 84 17.37 4.25 2.87
N LYS C 85 16.85 4.28 1.63
CA LYS C 85 15.82 5.23 1.28
C LYS C 85 14.52 4.91 2.06
N MET C 86 14.20 3.65 2.17
CA MET C 86 13.02 3.26 2.97
C MET C 86 13.17 3.78 4.42
N ALA C 87 14.35 3.63 4.99
CA ALA C 87 14.55 4.02 6.38
C ALA C 87 14.49 5.51 6.49
N LYS C 88 15.09 6.23 5.52
CA LYS C 88 14.97 7.71 5.49
C LYS C 88 13.54 8.16 5.44
N GLU C 89 12.77 7.55 4.56
CA GLU C 89 11.37 7.91 4.33
C GLU C 89 10.51 7.62 5.57
N MET C 90 10.83 6.55 6.28
CA MET C 90 10.15 6.23 7.53
C MET C 90 10.43 7.25 8.63
N GLY C 91 11.53 7.98 8.53
CA GLY C 91 11.90 8.96 9.58
C GLY C 91 12.81 8.35 10.64
N THR C 92 13.38 7.20 10.39
CA THR C 92 14.35 6.61 11.33
C THR C 92 15.67 7.33 11.26
N LYS C 93 16.31 7.54 12.41
CA LYS C 93 17.60 8.24 12.44
C LYS C 93 18.76 7.28 12.60
N TYR C 94 18.40 6.00 12.84
CA TYR C 94 19.37 4.96 12.97
C TYR C 94 18.77 3.60 12.71
N VAL C 95 19.63 2.67 12.35
CA VAL C 95 19.24 1.30 12.09
C VAL C 95 20.18 0.36 12.80
N LYS C 96 19.58 -0.60 13.52
CA LYS C 96 20.26 -1.67 14.22
C LYS C 96 20.18 -2.94 13.34
N ILE C 97 21.32 -3.54 13.01
CA ILE C 97 21.41 -4.64 12.07
C ILE C 97 21.93 -5.87 12.76
N THR C 98 21.27 -7.03 12.51
CA THR C 98 21.79 -8.29 12.96
C THR C 98 23.04 -8.63 12.16
N THR C 99 24.20 -8.45 12.77
CA THR C 99 25.49 -8.85 12.14
C THR C 99 25.65 -10.37 12.14
N LYS C 100 25.19 -11.00 13.20
CA LYS C 100 25.17 -12.43 13.36
C LYS C 100 24.06 -12.69 14.40
N HIS C 101 23.09 -13.54 14.05
CA HIS C 101 22.06 -13.97 15.04
C HIS C 101 22.49 -15.26 15.64
N HIS C 102 21.63 -15.91 16.43
CA HIS C 102 22.04 -17.12 17.14
C HIS C 102 22.53 -18.23 16.18
N GLU C 103 21.95 -18.28 14.97
CA GLU C 103 22.35 -19.27 13.97
C GLU C 103 23.85 -19.18 13.60
N GLY C 104 24.47 -17.98 13.76
CA GLY C 104 25.90 -17.84 13.58
C GLY C 104 26.37 -17.46 12.21
N PHE C 105 25.43 -17.31 11.27
CA PHE C 105 25.74 -16.84 9.96
C PHE C 105 26.04 -15.36 10.02
N CYS C 106 27.18 -14.97 9.43
CA CYS C 106 27.59 -13.57 9.47
C CYS C 106 27.28 -12.81 8.23
N LEU C 107 26.69 -11.63 8.39
CA LEU C 107 26.36 -10.82 7.24
C LEU C 107 27.56 -10.06 6.67
N TRP C 108 28.71 -10.25 7.28
CA TRP C 108 29.97 -9.69 6.80
C TRP C 108 30.89 -10.85 6.65
N PRO C 109 31.94 -10.70 5.83
CA PRO C 109 32.85 -11.80 5.55
C PRO C 109 33.87 -11.97 6.63
N SER C 110 33.47 -12.54 7.76
CA SER C 110 34.34 -12.71 8.84
C SER C 110 35.45 -13.65 8.44
N LYS C 111 36.60 -13.36 8.98
CA LYS C 111 37.76 -14.17 8.76
C LYS C 111 37.86 -15.30 9.73
N TYR C 112 36.99 -15.33 10.75
CA TYR C 112 37.08 -16.27 11.82
C TYR C 112 36.08 -17.46 11.77
N THR C 113 35.28 -17.56 10.73
CA THR C 113 34.41 -18.71 10.48
C THR C 113 34.14 -18.76 9.00
N LYS C 114 33.74 -19.93 8.52
CA LYS C 114 33.28 -20.04 7.11
C LYS C 114 31.82 -19.76 6.92
N TYR C 115 31.08 -19.62 8.02
CA TYR C 115 29.63 -19.34 7.91
C TYR C 115 29.32 -17.89 7.73
N THR C 116 29.59 -17.39 6.52
CA THR C 116 29.43 -16.02 6.18
C THR C 116 28.89 -15.79 4.79
N VAL C 117 28.50 -14.56 4.54
CA VAL C 117 28.04 -14.14 3.25
C VAL C 117 29.03 -14.43 2.11
N ALA C 118 30.32 -14.48 2.43
CA ALA C 118 31.38 -14.78 1.43
C ALA C 118 31.19 -16.14 0.76
N ASN C 119 30.74 -17.13 1.54
CA ASN C 119 30.57 -18.47 1.06
C ASN C 119 29.14 -18.83 0.68
N THR C 120 28.50 -17.92 0.00
CA THR C 120 27.15 -18.10 -0.50
C THR C 120 27.20 -17.69 -1.96
N PRO C 121 26.19 -18.04 -2.71
CA PRO C 121 26.21 -17.58 -4.09
C PRO C 121 26.30 -16.07 -4.19
N TYR C 122 25.69 -15.35 -3.24
CA TYR C 122 25.61 -13.94 -3.40
C TYR C 122 27.01 -13.35 -3.20
N LYS C 123 27.83 -13.97 -2.36
CA LYS C 123 29.21 -13.52 -2.03
C LYS C 123 29.42 -12.14 -1.34
N ARG C 124 28.61 -11.15 -1.63
CA ARG C 124 28.91 -9.79 -1.24
C ARG C 124 28.76 -9.45 0.25
N ASP C 125 29.52 -8.43 0.68
CA ASP C 125 29.54 -7.97 2.09
C ASP C 125 28.33 -7.15 2.31
N ILE C 126 27.22 -7.85 2.61
CA ILE C 126 25.94 -7.18 2.85
C ILE C 126 26.06 -6.08 3.93
N LEU C 127 26.71 -6.43 5.01
CA LEU C 127 26.80 -5.48 6.14
C LEU C 127 27.54 -4.18 5.71
N GLY C 128 28.64 -4.38 4.98
CA GLY C 128 29.40 -3.24 4.45
C GLY C 128 28.59 -2.39 3.53
N GLU C 129 27.78 -3.02 2.67
CA GLU C 129 26.93 -2.26 1.75
C GLU C 129 25.89 -1.50 2.48
N LEU C 130 25.34 -2.11 3.56
CA LEU C 130 24.35 -1.40 4.32
C LEU C 130 24.94 -0.23 5.09
N VAL C 131 26.09 -0.44 5.70
CA VAL C 131 26.72 0.62 6.46
C VAL C 131 26.92 1.87 5.58
N LYS C 132 27.45 1.64 4.39
CA LYS C 132 27.69 2.71 3.42
C LYS C 132 26.40 3.43 3.06
N ALA C 133 25.39 2.62 2.71
CA ALA C 133 24.12 3.18 2.24
C ALA C 133 23.37 3.95 3.28
N TYR C 134 23.29 3.37 4.48
CA TYR C 134 22.64 4.10 5.55
C TYR C 134 23.39 5.37 5.91
N ASN C 135 24.71 5.25 6.07
CA ASN C 135 25.52 6.42 6.40
C ASN C 135 25.40 7.52 5.32
N ASP C 136 25.28 7.12 4.06
CA ASP C 136 25.09 8.07 2.94
C ASP C 136 23.80 8.83 3.06
N GLU C 137 22.84 8.29 3.79
CA GLU C 137 21.60 8.98 4.03
C GLU C 137 21.57 9.72 5.35
N GLY C 138 22.69 9.76 6.07
CA GLY C 138 22.78 10.43 7.34
C GLY C 138 22.15 9.62 8.46
N ILE C 139 22.13 8.33 8.30
CA ILE C 139 21.53 7.42 9.29
C ILE C 139 22.65 6.65 10.00
N ASP C 140 22.63 6.66 11.33
CA ASP C 140 23.60 5.93 12.14
C ASP C 140 23.33 4.44 12.06
N VAL C 141 24.36 3.66 12.15
CA VAL C 141 24.27 2.24 12.16
C VAL C 141 24.76 1.63 13.49
N HIS C 142 23.93 0.74 14.00
CA HIS C 142 24.18 0.02 15.26
C HIS C 142 24.27 -1.49 14.89
N PHE C 143 25.10 -2.24 15.58
CA PHE C 143 25.32 -3.67 15.32
C PHE C 143 24.73 -4.55 16.44
N TYR C 144 23.69 -5.27 16.08
CA TYR C 144 23.24 -6.37 16.94
C TYR C 144 24.26 -7.45 16.84
N PHE C 145 24.60 -8.07 17.92
CA PHE C 145 25.50 -9.22 17.92
C PHE C 145 25.04 -10.26 18.92
N SER C 146 24.86 -11.51 18.47
CA SER C 146 24.53 -12.61 19.37
C SER C 146 25.75 -13.31 19.88
N VAL C 147 25.93 -13.31 21.18
CA VAL C 147 27.03 -14.05 21.76
C VAL C 147 26.82 -15.57 21.57
N MET C 148 25.70 -16.07 22.02
CA MET C 148 25.31 -17.47 21.71
C MET C 148 25.38 -17.71 20.25
N ASP C 149 26.06 -18.79 19.86
CA ASP C 149 26.34 -19.06 18.46
C ASP C 149 26.16 -20.55 18.24
N TRP C 150 25.08 -20.90 17.54
CA TRP C 150 24.72 -22.27 17.30
C TRP C 150 25.62 -22.96 16.25
N SER C 151 26.46 -22.16 15.56
CA SER C 151 27.31 -22.66 14.50
C SER C 151 28.67 -23.09 14.98
N ASN C 152 29.05 -22.67 16.17
CA ASN C 152 30.43 -22.83 16.63
C ASN C 152 30.38 -23.89 17.68
N PRO C 153 31.03 -25.04 17.40
CA PRO C 153 30.98 -26.13 18.35
C PRO C 153 31.71 -25.87 19.68
N ASP C 154 32.44 -24.77 19.81
CA ASP C 154 33.03 -24.42 21.12
C ASP C 154 32.07 -23.71 22.08
N TYR C 155 30.93 -23.29 21.56
CA TYR C 155 29.94 -22.63 22.45
C TYR C 155 29.49 -23.66 23.45
N ARG C 156 29.28 -23.20 24.69
CA ARG C 156 28.68 -23.99 25.73
C ARG C 156 27.55 -23.22 26.43
N TYR C 157 26.48 -23.94 26.81
CA TYR C 157 25.32 -23.35 27.59
C TYR C 157 25.64 -23.21 29.07
N ASP C 158 26.50 -24.10 29.54
CA ASP C 158 27.02 -24.05 30.88
C ASP C 158 28.43 -24.72 30.95
N ILE C 159 29.16 -24.44 32.01
CA ILE C 159 30.49 -24.99 32.22
C ILE C 159 30.42 -26.13 33.25
N LYS C 160 30.44 -27.36 32.79
CA LYS C 160 30.27 -28.54 33.69
C LYS C 160 31.52 -29.45 33.75
N SER C 161 32.62 -29.06 33.07
CA SER C 161 33.85 -29.88 32.99
C SER C 161 35.01 -29.02 32.56
N LYS C 162 36.21 -29.56 32.70
CA LYS C 162 37.42 -28.88 32.24
C LYS C 162 37.38 -28.76 30.75
N GLU C 163 36.81 -29.78 30.08
CA GLU C 163 36.70 -29.76 28.62
C GLU C 163 35.76 -28.62 28.15
N ASP C 164 34.69 -28.41 28.90
CA ASP C 164 33.77 -27.29 28.66
C ASP C 164 34.51 -25.96 28.76
N SER C 165 35.31 -25.84 29.81
CA SER C 165 36.00 -24.60 30.10
CA SER C 165 36.02 -24.59 30.09
C SER C 165 37.04 -24.27 29.00
N ILE C 166 37.71 -25.31 28.54
CA ILE C 166 38.69 -25.15 27.45
C ILE C 166 38.04 -24.64 26.21
N ALA C 167 36.96 -25.32 25.83
CA ALA C 167 36.18 -24.99 24.65
C ALA C 167 35.66 -23.58 24.74
N PHE C 168 35.07 -23.23 25.89
CA PHE C 168 34.40 -21.92 26.04
C PHE C 168 35.40 -20.77 26.07
N SER C 169 36.58 -21.02 26.62
CA SER C 169 37.61 -19.99 26.60
C SER C 169 38.00 -19.66 25.22
N ARG C 170 38.14 -20.69 24.37
CA ARG C 170 38.41 -20.46 22.96
C ARG C 170 37.25 -19.75 22.27
N PHE C 171 36.03 -20.09 22.65
CA PHE C 171 34.83 -19.42 22.16
C PHE C 171 34.80 -17.89 22.44
N LEU C 172 35.20 -17.51 23.66
CA LEU C 172 35.27 -16.11 24.03
C LEU C 172 36.35 -15.39 23.26
N GLU C 173 37.44 -16.09 22.94
CA GLU C 173 38.47 -15.47 22.10
C GLU C 173 37.98 -15.24 20.68
N PHE C 174 37.29 -16.25 20.14
CA PHE C 174 36.59 -16.16 18.87
C PHE C 174 35.67 -15.00 18.85
N THR C 175 34.88 -14.86 19.89
CA THR C 175 33.92 -13.77 19.95
C THR C 175 34.61 -12.42 19.95
N ASP C 176 35.64 -12.30 20.76
CA ASP C 176 36.43 -11.06 20.81
C ASP C 176 36.98 -10.74 19.42
N ASN C 177 37.46 -11.77 18.74
CA ASN C 177 37.98 -11.62 17.39
C ASN C 177 36.98 -11.07 16.43
N GLN C 178 35.76 -11.61 16.44
CA GLN C 178 34.73 -11.06 15.61
C GLN C 178 34.36 -9.63 16.01
N LEU C 179 34.27 -9.37 17.31
CA LEU C 179 33.90 -8.03 17.75
C LEU C 179 34.94 -6.97 17.29
N LYS C 180 36.22 -7.29 17.44
CA LYS C 180 37.30 -6.40 16.99
C LYS C 180 37.26 -6.21 15.51
N GLU C 181 36.96 -7.28 14.78
CA GLU C 181 36.88 -7.25 13.34
C GLU C 181 35.77 -6.35 12.88
N LEU C 182 34.61 -6.49 13.50
CA LEU C 182 33.54 -5.62 13.20
C LEU C 182 33.87 -4.13 13.47
N ALA C 183 34.48 -3.88 14.61
CA ALA C 183 34.79 -2.52 15.08
C ALA C 183 35.81 -1.84 14.12
N THR C 184 36.72 -2.63 13.60
CA THR C 184 37.81 -2.09 12.75
C THR C 184 37.45 -2.07 11.28
N ARG C 185 36.69 -3.08 10.81
CA ARG C 185 36.15 -2.98 9.45
C ARG C 185 35.15 -1.91 9.23
N TYR C 186 34.31 -1.58 10.24
CA TYR C 186 33.20 -0.67 10.07
C TYR C 186 33.24 0.39 11.20
N PRO C 187 34.22 1.31 11.13
CA PRO C 187 34.46 2.21 12.26
C PRO C 187 33.40 3.28 12.48
N THR C 188 32.44 3.43 11.58
CA THR C 188 31.33 4.33 11.80
C THR C 188 30.22 3.76 12.72
N VAL C 189 30.36 2.50 13.08
CA VAL C 189 29.46 1.87 14.07
C VAL C 189 29.30 2.76 15.32
N LYS C 190 28.05 3.00 15.72
CA LYS C 190 27.76 3.80 16.91
C LYS C 190 27.34 3.05 18.14
N ASP C 191 27.07 1.74 18.01
CA ASP C 191 26.44 0.99 19.11
C ASP C 191 26.65 -0.47 18.86
N PHE C 192 26.86 -1.25 19.92
CA PHE C 192 26.81 -2.72 19.87
C PHE C 192 25.70 -3.16 20.84
N TRP C 193 24.76 -3.93 20.32
CA TRP C 193 23.58 -4.38 21.03
C TRP C 193 23.69 -5.87 21.14
N PHE C 194 24.13 -6.33 22.28
CA PHE C 194 24.35 -7.75 22.50
C PHE C 194 23.08 -8.49 22.88
N ASP C 195 23.00 -9.73 22.38
CA ASP C 195 21.88 -10.66 22.69
C ASP C 195 22.50 -12.04 22.95
N GLY C 196 21.69 -12.99 23.41
CA GLY C 196 22.15 -14.34 23.58
C GLY C 196 23.20 -14.42 24.64
N THR C 197 22.99 -13.67 25.73
CA THR C 197 23.92 -13.57 26.81
C THR C 197 23.34 -14.09 28.12
N TRP C 198 22.22 -14.81 28.05
CA TRP C 198 21.50 -15.22 29.25
C TRP C 198 22.03 -16.57 29.77
N ASP C 199 22.82 -17.31 28.98
CA ASP C 199 23.17 -18.69 29.39
C ASP C 199 24.09 -18.70 30.58
N ALA C 200 24.00 -19.77 31.38
CA ALA C 200 24.81 -19.89 32.57
C ALA C 200 26.31 -19.70 32.31
N SER C 201 26.77 -20.09 31.12
CA SER C 201 28.18 -19.95 30.75
C SER C 201 28.61 -18.47 30.74
N VAL C 202 27.72 -17.62 30.22
CA VAL C 202 28.02 -16.16 30.20
C VAL C 202 27.88 -15.54 31.60
N LYS C 203 26.81 -15.89 32.30
CA LYS C 203 26.56 -15.37 33.66
C LYS C 203 27.75 -15.64 34.59
N LYS C 204 28.35 -16.83 34.43
CA LYS C 204 29.52 -17.23 35.21
C LYS C 204 30.80 -16.52 34.78
N ASN C 205 30.75 -15.78 33.68
CA ASN C 205 31.91 -15.11 33.13
C ASN C 205 31.64 -13.63 32.97
N GLY C 206 31.12 -13.05 34.06
CA GLY C 206 30.86 -11.64 34.15
C GLY C 206 32.00 -10.79 33.64
N TRP C 207 33.19 -11.18 34.04
CA TRP C 207 34.44 -10.46 33.74
C TRP C 207 34.55 -10.24 32.24
N TRP C 208 34.11 -11.22 31.44
CA TRP C 208 34.27 -11.18 30.02
C TRP C 208 33.35 -10.08 29.46
N THR C 209 32.13 -10.02 30.00
CA THR C 209 31.18 -8.96 29.59
C THR C 209 31.70 -7.57 29.80
N ALA C 210 32.33 -7.35 30.96
CA ALA C 210 32.92 -6.02 31.24
C ALA C 210 34.11 -5.73 30.36
N HIS C 211 34.87 -6.76 30.06
CA HIS C 211 36.01 -6.65 29.17
C HIS C 211 35.57 -6.30 27.74
N ALA C 212 34.49 -6.93 27.32
CA ALA C 212 33.99 -6.70 25.96
C ALA C 212 33.56 -5.28 25.81
N GLU C 213 32.86 -4.77 26.83
CA GLU C 213 32.45 -3.36 26.83
C GLU C 213 33.65 -2.44 26.70
N GLN C 214 34.67 -2.67 27.54
CA GLN C 214 35.84 -1.82 27.57
C GLN C 214 36.66 -1.92 26.26
N MET C 215 36.83 -3.15 25.78
CA MET C 215 37.55 -3.37 24.54
C MET C 215 36.95 -2.58 23.39
N LEU C 216 35.62 -2.62 23.27
CA LEU C 216 34.96 -1.91 22.17
C LEU C 216 35.01 -0.41 22.36
N LYS C 217 34.84 0.04 23.60
CA LYS C 217 34.89 1.49 23.87
C LYS C 217 36.28 2.05 23.53
N GLU C 218 37.32 1.25 23.71
CA GLU C 218 38.68 1.65 23.30
C GLU C 218 38.84 1.68 21.81
N LEU C 219 38.21 0.75 21.09
CA LEU C 219 38.32 0.74 19.62
C LEU C 219 37.44 1.74 18.89
N VAL C 220 36.28 2.05 19.45
CA VAL C 220 35.32 2.91 18.78
C VAL C 220 34.94 4.10 19.69
N PRO C 221 35.55 5.28 19.45
CA PRO C 221 35.29 6.36 20.39
C PRO C 221 33.81 6.74 20.44
N GLY C 222 33.27 6.84 21.65
CA GLY C 222 31.89 7.23 21.89
C GLY C 222 30.83 6.12 21.66
N VAL C 223 31.27 4.93 21.29
CA VAL C 223 30.35 3.81 21.07
C VAL C 223 29.47 3.58 22.30
N ALA C 224 28.23 3.19 22.03
CA ALA C 224 27.26 2.81 23.08
C ALA C 224 27.23 1.30 23.17
N ILE C 225 26.92 0.82 24.36
CA ILE C 225 26.91 -0.61 24.65
C ILE C 225 25.70 -0.89 25.50
N ASN C 226 24.86 -1.86 25.10
CA ASN C 226 23.58 -2.13 25.82
C ASN C 226 23.77 -2.94 27.12
N SER C 227 22.79 -2.78 28.00
CA SER C 227 22.82 -3.41 29.30
C SER C 227 22.76 -4.95 29.21
N ARG C 228 22.09 -5.43 28.16
CA ARG C 228 21.88 -6.88 27.95
C ARG C 228 23.18 -7.70 27.80
N LEU C 229 24.23 -7.07 27.35
CA LEU C 229 25.58 -7.69 27.42
C LEU C 229 26.04 -8.12 28.79
N ARG C 230 25.73 -7.32 29.81
CA ARG C 230 26.51 -7.30 31.01
C ARG C 230 25.99 -8.16 32.14
N ALA C 231 26.93 -8.92 32.71
CA ALA C 231 26.75 -9.63 33.98
C ALA C 231 27.84 -9.19 34.93
N ASP C 232 27.51 -9.08 36.22
CA ASP C 232 28.51 -8.69 37.20
C ASP C 232 29.17 -9.98 37.77
N ASP C 233 30.02 -9.75 38.78
CA ASP C 233 30.75 -10.82 39.49
C ASP C 233 29.85 -11.94 39.97
N LYS C 234 28.60 -11.62 40.29
CA LYS C 234 27.69 -12.58 40.89
C LYS C 234 26.76 -13.19 39.88
N GLY C 235 26.91 -12.79 38.63
CA GLY C 235 26.06 -13.30 37.57
C GLY C 235 24.75 -12.53 37.41
N LYS C 236 24.59 -11.43 38.12
CA LYS C 236 23.42 -10.55 38.00
C LYS C 236 23.51 -9.74 36.67
N ARG C 237 22.43 -9.77 35.89
CA ARG C 237 22.42 -9.18 34.51
C ARG C 237 21.71 -7.81 34.40
N HIS C 238 22.15 -6.97 33.45
CA HIS C 238 21.62 -5.61 33.22
C HIS C 238 21.95 -4.59 34.31
N PHE C 239 21.42 -4.83 35.52
CA PHE C 239 21.76 -3.99 36.67
C PHE C 239 22.55 -4.84 37.66
N ASP C 240 23.63 -4.26 38.20
CA ASP C 240 24.55 -5.08 38.99
C ASP C 240 23.93 -5.35 40.38
N SER C 241 24.69 -6.07 41.20
CA SER C 241 24.25 -6.47 42.54
C SER C 241 23.97 -5.28 43.51
N ASN C 242 24.52 -4.10 43.23
CA ASN C 242 24.16 -2.89 43.96
C ASN C 242 23.07 -2.05 43.26
N GLY C 243 22.34 -2.66 42.33
CA GLY C 243 21.23 -1.98 41.61
C GLY C 243 21.66 -0.93 40.59
N ARG C 244 22.95 -0.85 40.22
CA ARG C 244 23.41 0.16 39.23
C ARG C 244 23.41 -0.43 37.78
N LEU C 245 22.94 0.38 36.87
CA LEU C 245 22.86 -0.02 35.46
C LEU C 245 24.26 -0.22 34.88
N MET C 246 24.49 -1.36 34.25
CA MET C 246 25.72 -1.65 33.51
C MET C 246 25.48 -1.35 32.02
N GLY C 247 26.55 -1.06 31.33
CA GLY C 247 26.45 -0.51 29.97
C GLY C 247 25.97 0.91 29.97
N ASP C 248 25.63 1.42 28.79
CA ASP C 248 25.31 2.81 28.59
C ASP C 248 23.82 3.14 28.61
N TYR C 249 23.01 2.11 28.42
CA TYR C 249 21.57 2.26 28.42
C TYR C 249 20.87 0.93 28.67
N GLU C 250 19.67 1.04 29.18
CA GLU C 250 18.90 -0.11 29.52
C GLU C 250 18.20 -0.63 28.28
N SER C 251 18.27 -1.93 28.08
CA SER C 251 17.78 -2.60 26.87
C SER C 251 16.95 -3.85 27.21
N GLY C 252 16.19 -3.85 28.26
CA GLY C 252 15.30 -4.97 28.55
C GLY C 252 13.83 -4.81 28.11
N TYR C 253 13.40 -3.68 27.55
CA TYR C 253 11.99 -3.48 27.24
C TYR C 253 11.87 -3.91 25.83
N GLU C 254 11.50 -5.17 25.66
CA GLU C 254 11.54 -5.81 24.35
C GLU C 254 10.11 -6.28 24.22
N ARG C 255 9.37 -5.67 23.31
CA ARG C 255 7.96 -6.00 23.16
C ARG C 255 7.13 -5.75 24.43
N ARG C 256 7.61 -4.86 25.29
CA ARG C 256 6.79 -4.30 26.38
C ARG C 256 7.39 -2.89 26.72
N LEU C 257 6.62 -2.03 27.45
CA LEU C 257 7.07 -0.64 27.77
C LEU C 257 6.80 -0.31 29.27
N PRO C 258 7.56 0.61 29.84
CA PRO C 258 7.29 0.98 31.20
C PRO C 258 5.98 1.73 31.36
N ASP C 259 5.32 1.49 32.49
CA ASP C 259 4.05 2.10 32.79
C ASP C 259 4.26 3.60 33.03
N PRO C 260 3.46 4.43 32.38
CA PRO C 260 3.66 5.90 32.43
C PRO C 260 3.36 6.54 33.79
N VAL C 261 2.73 5.78 34.69
CA VAL C 261 2.47 6.24 36.06
C VAL C 261 3.38 5.58 37.04
N LYS C 262 3.56 4.26 36.92
CA LYS C 262 4.26 3.47 37.94
C LYS C 262 5.74 3.25 37.74
N ASP C 263 6.25 3.51 36.52
CA ASP C 263 7.65 3.21 36.22
C ASP C 263 8.48 4.43 35.84
N LEU C 264 8.27 5.55 36.53
CA LEU C 264 9.04 6.78 36.25
C LEU C 264 10.52 6.70 36.58
N LYS C 265 10.91 5.70 37.33
CA LYS C 265 12.30 5.44 37.55
C LYS C 265 13.13 5.39 36.25
N VAL C 266 12.53 4.89 35.15
CA VAL C 266 13.29 4.73 33.90
C VAL C 266 13.77 6.07 33.36
N THR C 267 13.15 7.16 33.78
CA THR C 267 13.59 8.48 33.35
C THR C 267 14.96 8.86 33.88
N GLN C 268 15.49 8.09 34.84
CA GLN C 268 16.80 8.35 35.43
C GLN C 268 17.96 7.79 34.62
N TRP C 269 17.69 6.93 33.65
CA TRP C 269 18.76 6.44 32.79
C TRP C 269 18.34 6.45 31.33
N ASP C 270 19.32 6.34 30.46
CA ASP C 270 19.02 6.11 29.03
C ASP C 270 18.52 4.67 28.84
N TRP C 271 17.66 4.51 27.86
CA TRP C 271 17.06 3.25 27.62
C TRP C 271 16.52 3.20 26.20
N GLU C 272 16.41 1.98 25.67
CA GLU C 272 15.92 1.75 24.33
C GLU C 272 15.02 0.51 24.27
N ALA C 273 13.79 0.72 23.80
CA ALA C 273 12.84 -0.34 23.65
C ALA C 273 12.88 -0.81 22.18
N CYS C 274 12.67 -2.09 21.99
CA CYS C 274 12.56 -2.62 20.64
CA CYS C 274 12.62 -2.64 20.65
C CYS C 274 11.27 -3.37 20.54
N MET C 275 10.69 -3.37 19.35
CA MET C 275 9.39 -3.98 19.18
C MET C 275 9.27 -4.66 17.80
N THR C 276 8.34 -5.58 17.75
CA THR C 276 7.97 -6.27 16.55
C THR C 276 6.61 -5.78 16.10
N ILE C 277 6.35 -5.92 14.80
CA ILE C 277 5.07 -5.64 14.24
C ILE C 277 4.01 -6.71 14.60
N PRO C 278 4.25 -8.00 14.29
CA PRO C 278 3.44 -9.03 14.90
C PRO C 278 3.78 -9.20 16.35
N GLU C 279 3.15 -10.15 16.99
CA GLU C 279 3.32 -10.32 18.41
C GLU C 279 4.74 -10.74 18.76
N ASN C 280 5.31 -11.70 18.02
CA ASN C 280 6.68 -12.13 18.28
C ASN C 280 7.34 -12.82 17.09
N GLN C 281 7.64 -12.01 16.07
CA GLN C 281 8.39 -12.44 14.94
C GLN C 281 9.42 -11.33 14.68
N TRP C 282 10.70 -11.71 14.75
CA TRP C 282 11.78 -10.77 14.41
C TRP C 282 12.31 -11.03 13.02
N GLY C 283 12.77 -12.24 12.77
CA GLY C 283 13.06 -12.63 11.37
C GLY C 283 11.80 -12.83 10.52
N TYR C 284 11.98 -12.91 9.21
CA TYR C 284 10.93 -13.09 8.25
C TYR C 284 10.18 -14.38 8.52
N HIS C 285 8.90 -14.22 8.74
CA HIS C 285 7.91 -15.36 8.86
C HIS C 285 6.87 -15.22 7.76
N LYS C 286 6.68 -16.27 6.96
CA LYS C 286 5.85 -16.18 5.78
C LYS C 286 4.36 -16.04 6.09
N ASP C 287 3.93 -16.31 7.31
CA ASP C 287 2.54 -16.20 7.64
C ASP C 287 2.24 -15.33 8.87
N TRP C 288 1.89 -14.09 8.60
CA TRP C 288 1.57 -13.15 9.68
C TRP C 288 0.12 -13.26 10.16
N SER C 289 -0.68 -14.12 9.52
CA SER C 289 -2.03 -14.40 10.03
C SER C 289 -2.03 -15.14 11.36
N LEU C 290 -0.90 -15.69 11.80
CA LEU C 290 -0.91 -16.47 13.02
C LEU C 290 -0.93 -15.71 14.36
N SER C 291 -0.72 -14.39 14.35
CA SER C 291 -0.79 -13.60 15.61
C SER C 291 -1.25 -12.22 15.25
N TYR C 292 -1.54 -11.42 16.27
CA TYR C 292 -1.95 -10.05 16.08
C TYR C 292 -0.83 -9.24 15.42
N VAL C 293 -1.19 -8.48 14.39
CA VAL C 293 -0.32 -7.55 13.71
C VAL C 293 -0.72 -6.10 14.05
N LYS C 294 0.23 -5.35 14.56
CA LYS C 294 -0.04 -3.96 14.96
C LYS C 294 -0.31 -3.06 13.78
N THR C 295 -1.22 -2.11 13.98
CA THR C 295 -1.47 -1.05 13.03
C THR C 295 -0.47 0.04 13.19
N PRO C 296 -0.33 0.88 12.17
CA PRO C 296 0.59 2.00 12.31
C PRO C 296 0.34 2.92 13.49
N ILE C 297 -0.91 3.18 13.83
CA ILE C 297 -1.19 4.08 14.94
C ILE C 297 -0.78 3.36 16.27
N GLU C 298 -0.99 2.05 16.33
CA GLU C 298 -0.53 1.29 17.52
C GLU C 298 1.00 1.38 17.69
N VAL C 299 1.73 1.36 16.59
CA VAL C 299 3.17 1.51 16.60
C VAL C 299 3.59 2.94 16.98
N ILE C 300 2.95 3.91 16.38
CA ILE C 300 3.24 5.31 16.69
C ILE C 300 2.98 5.60 18.19
N ASP C 301 1.91 5.03 18.72
CA ASP C 301 1.63 5.16 20.15
C ASP C 301 2.81 4.69 21.01
N ARG C 302 3.37 3.54 20.66
CA ARG C 302 4.55 2.99 21.35
C ARG C 302 5.77 3.82 21.19
N ILE C 303 5.99 4.39 20.00
CA ILE C 303 7.14 5.29 19.79
C ILE C 303 7.05 6.55 20.69
N VAL C 304 5.89 7.16 20.69
CA VAL C 304 5.71 8.39 21.47
C VAL C 304 5.73 8.07 22.97
N HIS C 305 5.10 6.97 23.36
CA HIS C 305 5.22 6.45 24.74
C HIS C 305 6.67 6.42 25.17
N ALA C 306 7.53 5.79 24.36
CA ALA C 306 8.93 5.65 24.78
C ALA C 306 9.60 7.01 25.01
N VAL C 307 9.46 7.92 24.04
CA VAL C 307 10.09 9.20 24.14
C VAL C 307 9.55 10.00 25.33
N SER C 308 8.26 9.89 25.59
CA SER C 308 7.61 10.54 26.71
C SER C 308 8.18 10.11 28.00
N MET C 309 8.81 8.96 28.05
CA MET C 309 9.47 8.49 29.27
C MET C 309 10.97 8.41 29.16
N GLY C 310 11.51 9.18 28.23
CA GLY C 310 12.95 9.34 28.16
C GLY C 310 13.68 8.23 27.43
N GLY C 311 12.97 7.48 26.58
CA GLY C 311 13.59 6.31 25.92
C GLY C 311 13.47 6.32 24.38
N ASN C 312 14.34 5.56 23.74
CA ASN C 312 14.31 5.35 22.30
C ASN C 312 13.37 4.24 21.97
N MET C 313 12.85 4.21 20.74
CA MET C 313 12.06 3.08 20.25
C MET C 313 12.58 2.59 18.88
N VAL C 314 12.72 1.27 18.76
CA VAL C 314 13.29 0.68 17.54
C VAL C 314 12.24 -0.30 17.01
N VAL C 315 11.83 -0.08 15.78
CA VAL C 315 10.76 -0.84 15.17
C VAL C 315 11.44 -1.88 14.27
N ASN C 316 11.14 -3.15 14.50
CA ASN C 316 11.72 -4.21 13.75
C ASN C 316 11.12 -4.48 12.34
N PHE C 317 12.00 -4.86 11.42
CA PHE C 317 11.70 -5.36 10.07
C PHE C 317 12.44 -6.66 9.86
N GLY C 318 11.78 -7.64 9.24
CA GLY C 318 12.41 -8.89 8.89
C GLY C 318 12.39 -9.08 7.38
N PRO C 319 13.44 -8.62 6.68
CA PRO C 319 13.36 -8.70 5.21
C PRO C 319 13.21 -10.13 4.65
N GLN C 320 12.58 -10.20 3.47
CA GLN C 320 12.43 -11.48 2.73
C GLN C 320 13.77 -12.02 2.30
N ALA C 321 13.84 -13.32 2.04
CA ALA C 321 15.04 -13.95 1.52
C ALA C 321 15.52 -13.25 0.22
N ASP C 322 14.63 -12.73 -0.60
CA ASP C 322 15.07 -12.11 -1.85
C ASP C 322 15.71 -10.74 -1.68
N GLY C 323 15.63 -10.15 -0.46
CA GLY C 323 16.27 -8.86 -0.20
C GLY C 323 15.32 -7.71 -0.34
N ASP C 324 14.03 -8.02 -0.51
CA ASP C 324 13.00 -7.01 -0.54
C ASP C 324 12.18 -7.12 0.78
N PHE C 325 11.33 -6.14 1.01
CA PHE C 325 10.46 -6.14 2.18
C PHE C 325 9.08 -6.51 1.79
N ARG C 326 8.43 -7.24 2.66
CA ARG C 326 7.02 -7.53 2.53
C ARG C 326 6.15 -6.30 2.54
N PRO C 327 4.92 -6.43 2.01
CA PRO C 327 4.10 -5.25 1.81
C PRO C 327 3.64 -4.63 3.10
N GLU C 328 3.41 -5.45 4.12
CA GLU C 328 2.94 -4.91 5.42
C GLU C 328 4.03 -3.99 6.02
N GLU C 329 5.30 -4.32 5.76
CA GLU C 329 6.42 -3.52 6.25
C GLU C 329 6.63 -2.25 5.47
N LYS C 330 6.48 -2.33 4.14
CA LYS C 330 6.50 -1.08 3.35
C LYS C 330 5.41 -0.18 3.74
N ALA C 331 4.22 -0.69 3.98
CA ALA C 331 3.14 0.16 4.33
C ALA C 331 3.39 0.80 5.71
N MET C 332 3.88 0.00 6.63
CA MET C 332 4.23 0.48 8.00
C MET C 332 5.27 1.60 7.97
N ALA C 333 6.34 1.41 7.21
CA ALA C 333 7.36 2.41 7.12
C ALA C 333 6.84 3.71 6.52
N THR C 334 6.07 3.58 5.46
CA THR C 334 5.46 4.72 4.82
C THR C 334 4.49 5.46 5.72
N ALA C 335 3.61 4.75 6.43
CA ALA C 335 2.69 5.38 7.37
C ALA C 335 3.40 6.10 8.53
N ILE C 336 4.38 5.46 9.12
CA ILE C 336 5.17 6.08 10.16
C ILE C 336 5.87 7.34 9.64
N GLY C 337 6.51 7.22 8.49
CA GLY C 337 7.12 8.40 7.82
C GLY C 337 6.20 9.61 7.62
N LYS C 338 5.01 9.34 7.15
CA LYS C 338 4.00 10.36 6.91
C LYS C 338 3.66 11.10 8.20
N TRP C 339 3.47 10.35 9.28
CA TRP C 339 3.16 10.94 10.55
C TRP C 339 4.37 11.69 11.15
N MET C 340 5.57 11.10 11.05
CA MET C 340 6.78 11.72 11.59
C MET C 340 7.12 13.00 10.83
N ASN C 341 6.80 13.05 9.54
CA ASN C 341 7.08 14.25 8.74
C ASN C 341 6.20 15.40 9.23
N ARG C 342 4.99 15.08 9.64
CA ARG C 342 4.10 16.07 10.17
C ARG C 342 4.31 16.41 11.65
N TYR C 343 4.59 15.41 12.49
CA TYR C 343 4.58 15.61 13.94
C TYR C 343 5.91 15.32 14.67
N GLY C 344 6.96 15.01 13.91
CA GLY C 344 8.26 14.63 14.41
C GLY C 344 8.98 15.58 15.31
N LYS C 345 8.61 16.84 15.28
CA LYS C 345 9.17 17.79 16.23
C LYS C 345 8.89 17.40 17.68
N ALA C 346 7.82 16.65 17.90
CA ALA C 346 7.46 16.16 19.24
C ALA C 346 8.16 14.86 19.59
N VAL C 347 8.94 14.32 18.65
CA VAL C 347 9.66 13.06 18.92
C VAL C 347 11.17 13.25 18.95
N TYR C 348 11.72 13.69 17.82
CA TYR C 348 13.15 13.82 17.69
C TYR C 348 13.69 14.81 18.70
N ALA C 349 14.80 14.43 19.31
CA ALA C 349 15.44 15.26 20.33
C ALA C 349 14.52 15.66 21.51
N CYS C 350 13.49 14.87 21.78
CA CYS C 350 12.60 15.14 22.87
C CYS C 350 12.85 14.18 24.03
N ASP C 351 12.19 14.46 25.16
CA ASP C 351 12.44 13.77 26.41
C ASP C 351 11.25 13.89 27.34
N TYR C 352 11.39 13.25 28.49
CA TYR C 352 10.37 13.24 29.52
C TYR C 352 10.09 14.70 29.98
N ALA C 353 8.84 15.04 30.14
CA ALA C 353 8.43 16.41 30.42
C ALA C 353 8.14 16.68 31.88
N GLY C 354 8.09 15.65 32.69
CA GLY C 354 7.84 15.80 34.13
C GLY C 354 6.43 16.16 34.54
N PHE C 355 5.47 16.01 33.63
CA PHE C 355 4.05 16.29 33.90
C PHE C 355 3.34 15.01 34.25
N GLU C 356 2.33 15.11 35.09
CA GLU C 356 1.48 13.97 35.40
C GLU C 356 0.77 13.45 34.13
N LYS C 357 0.78 12.16 33.95
CA LYS C 357 0.15 11.54 32.80
C LYS C 357 -1.35 11.82 32.75
N GLN C 358 -1.87 12.13 31.58
CA GLN C 358 -3.25 12.26 31.34
C GLN C 358 -3.74 11.29 30.25
N ASP C 359 -5.05 11.06 30.21
CA ASP C 359 -5.64 10.00 29.43
C ASP C 359 -5.63 10.23 27.94
N TRP C 360 -5.54 11.50 27.52
CA TRP C 360 -5.60 11.84 26.14
C TRP C 360 -4.39 11.41 25.33
N GLY C 361 -3.28 11.15 26.00
CA GLY C 361 -2.03 10.87 25.31
C GLY C 361 -0.81 11.09 26.15
N TYR C 362 0.24 11.61 25.52
CA TYR C 362 1.56 11.73 26.14
C TYR C 362 2.09 13.16 26.00
N TYR C 363 2.82 13.60 26.97
CA TYR C 363 3.66 14.78 26.80
C TYR C 363 5.08 14.41 26.38
N THR C 364 5.69 15.26 25.55
CA THR C 364 7.11 15.25 25.41
C THR C 364 7.69 16.68 25.56
N ARG C 365 8.97 16.74 25.90
CA ARG C 365 9.66 18.01 26.12
C ARG C 365 10.77 18.18 25.09
N GLY C 366 10.75 19.33 24.41
CA GLY C 366 11.76 19.71 23.44
C GLY C 366 12.99 20.30 24.08
N LYS C 367 14.03 20.51 23.26
CA LYS C 367 15.29 21.05 23.75
C LYS C 367 15.17 22.48 24.26
N ASN C 368 14.20 23.24 23.78
CA ASN C 368 14.00 24.60 24.28
C ASN C 368 12.76 24.69 25.14
N ASP C 369 12.50 23.63 25.91
CA ASP C 369 11.38 23.60 26.84
C ASP C 369 10.00 23.76 26.23
N GLU C 370 9.87 23.47 24.96
CA GLU C 370 8.57 23.24 24.37
C GLU C 370 7.95 22.03 25.08
N VAL C 371 6.64 22.04 25.33
CA VAL C 371 5.96 20.86 25.88
C VAL C 371 4.89 20.49 24.90
N TYR C 372 5.03 19.30 24.31
CA TYR C 372 4.12 18.85 23.28
C TYR C 372 3.10 17.89 23.91
N MET C 373 1.84 18.07 23.54
CA MET C 373 0.74 17.21 23.88
C MET C 373 0.45 16.39 22.65
N VAL C 374 0.74 15.10 22.73
CA VAL C 374 0.50 14.20 21.63
C VAL C 374 -0.77 13.44 21.96
N VAL C 375 -1.86 13.79 21.25
CA VAL C 375 -3.21 13.33 21.54
C VAL C 375 -3.56 12.12 20.76
N PHE C 376 -3.78 10.99 21.47
CA PHE C 376 -4.21 9.72 20.83
C PHE C 376 -5.64 9.36 21.10
N ASN C 377 -6.18 9.89 22.22
CA ASN C 377 -7.52 9.55 22.68
C ASN C 377 -8.32 10.85 22.83
N GLN C 378 -9.30 11.06 21.95
CA GLN C 378 -9.96 12.36 21.84
C GLN C 378 -11.16 12.42 22.82
N PRO C 379 -11.13 13.38 23.76
CA PRO C 379 -12.20 13.43 24.73
C PRO C 379 -13.50 13.95 24.15
N TYR C 380 -14.60 13.28 24.46
CA TYR C 380 -15.95 13.79 24.13
C TYR C 380 -16.24 15.12 24.83
N SER C 381 -15.57 15.39 25.94
CA SER C 381 -15.69 16.68 26.62
C SER C 381 -15.15 17.86 25.83
N GLU C 382 -14.34 17.58 24.82
CA GLU C 382 -13.67 18.57 23.99
C GLU C 382 -12.65 19.37 24.74
N ARG C 383 -12.23 18.83 25.87
CA ARG C 383 -11.27 19.50 26.72
C ARG C 383 -10.17 18.50 27.04
N LEU C 384 -8.92 18.94 26.92
CA LEU C 384 -7.76 18.17 27.26
C LEU C 384 -7.17 18.65 28.56
N ILE C 385 -7.23 17.81 29.59
CA ILE C 385 -6.74 18.20 30.91
C ILE C 385 -5.23 18.29 30.96
N VAL C 386 -4.72 19.43 31.46
CA VAL C 386 -3.33 19.60 31.70
C VAL C 386 -3.13 20.04 33.13
N LYS C 387 -2.50 19.17 33.93
CA LYS C 387 -2.08 19.48 35.25
C LYS C 387 -0.60 19.75 35.25
N THR C 388 -0.22 20.94 35.73
CA THR C 388 1.16 21.40 35.66
C THR C 388 1.89 21.08 36.95
N PRO C 389 3.18 20.82 36.89
CA PRO C 389 3.96 20.71 38.11
C PRO C 389 4.01 22.07 38.85
N LYS C 390 4.42 22.04 40.12
CA LYS C 390 4.46 23.24 40.99
C LYS C 390 5.29 24.27 40.29
N GLY C 391 4.80 25.49 40.21
CA GLY C 391 5.57 26.58 39.63
C GLY C 391 5.57 26.72 38.13
N ILE C 392 4.85 25.85 37.42
CA ILE C 392 4.76 25.90 35.96
C ILE C 392 3.39 26.33 35.54
N THR C 393 3.35 27.31 34.62
CA THR C 393 2.11 27.78 34.05
C THR C 393 2.16 27.60 32.57
N VAL C 394 0.98 27.57 31.97
CA VAL C 394 0.83 27.45 30.57
C VAL C 394 0.48 28.82 30.07
N GLU C 395 1.30 29.37 29.17
CA GLU C 395 1.04 30.71 28.60
C GLU C 395 0.33 30.63 27.26
N LYS C 396 0.50 29.55 26.51
CA LYS C 396 -0.07 29.49 25.19
C LYS C 396 -0.15 28.03 24.71
N ALA C 397 -1.14 27.76 23.87
CA ALA C 397 -1.26 26.51 23.18
C ALA C 397 -1.46 26.77 21.72
N THR C 398 -0.78 25.94 20.91
CA THR C 398 -0.78 26.09 19.47
C THR C 398 -0.89 24.73 18.82
N LEU C 399 -1.75 24.61 17.85
CA LEU C 399 -1.78 23.40 17.04
C LEU C 399 -0.55 23.35 16.13
N LEU C 400 0.22 22.28 16.27
CA LEU C 400 1.54 22.21 15.62
C LEU C 400 1.50 22.36 14.13
N THR C 401 0.58 21.67 13.47
CA THR C 401 0.55 21.69 12.03
C THR C 401 0.18 23.07 11.47
N THR C 402 -0.78 23.76 12.09
CA THR C 402 -1.34 24.99 11.48
C THR C 402 -0.85 26.26 12.13
N GLY C 403 -0.33 26.18 13.35
CA GLY C 403 0.02 27.35 14.10
C GLY C 403 -1.21 28.05 14.70
N GLU C 404 -2.40 27.50 14.51
CA GLU C 404 -3.59 28.11 15.12
C GLU C 404 -3.55 28.10 16.66
N ASP C 405 -4.05 29.19 17.24
CA ASP C 405 -4.08 29.34 18.65
C ASP C 405 -5.15 28.44 19.23
N ILE C 406 -4.87 27.89 20.39
CA ILE C 406 -5.83 26.96 21.01
C ILE C 406 -6.18 27.55 22.37
N THR C 407 -7.47 27.60 22.69
CA THR C 407 -7.91 28.13 23.98
C THR C 407 -7.42 27.32 25.18
N VAL C 408 -6.85 28.02 26.17
CA VAL C 408 -6.44 27.43 27.43
C VAL C 408 -7.27 28.09 28.51
N VAL C 409 -7.97 27.29 29.30
CA VAL C 409 -8.81 27.80 30.40
C VAL C 409 -8.29 27.23 31.71
N GLU C 410 -8.00 28.09 32.66
CA GLU C 410 -7.55 27.63 33.95
C GLU C 410 -8.75 27.10 34.73
N THR C 411 -8.64 25.93 35.34
CA THR C 411 -9.81 25.35 35.98
C THR C 411 -9.61 25.35 37.45
N THR C 412 -8.36 25.17 37.87
CA THR C 412 -8.02 25.21 39.28
C THR C 412 -6.52 25.57 39.36
N ARG C 413 -5.99 25.69 40.58
CA ARG C 413 -4.57 25.97 40.77
C ARG C 413 -3.78 24.82 40.09
N ASN C 414 -2.86 25.10 39.21
CA ASN C 414 -2.13 23.99 38.57
C ASN C 414 -2.91 23.07 37.61
N GLU C 415 -4.12 23.43 37.22
CA GLU C 415 -4.79 22.71 36.18
C GLU C 415 -5.51 23.58 35.17
N TYR C 416 -5.47 23.11 33.92
CA TYR C 416 -6.13 23.73 32.81
C TYR C 416 -6.95 22.73 32.01
N ASN C 417 -7.96 23.25 31.31
CA ASN C 417 -8.53 22.64 30.15
C ASN C 417 -7.94 23.28 28.89
N VAL C 418 -7.23 22.48 28.07
CA VAL C 418 -6.80 22.91 26.73
C VAL C 418 -7.82 22.40 25.75
N SER C 419 -8.43 23.29 24.96
CA SER C 419 -9.48 22.87 24.04
C SER C 419 -8.91 22.01 22.93
N VAL C 420 -9.74 21.12 22.42
CA VAL C 420 -9.40 20.37 21.22
C VAL C 420 -9.49 21.34 20.05
N PRO C 421 -8.81 21.05 18.96
CA PRO C 421 -8.90 21.98 17.83
C PRO C 421 -10.32 22.09 17.28
N LYS C 422 -10.63 23.23 16.65
CA LYS C 422 -11.97 23.47 16.10
C LYS C 422 -12.34 22.36 15.13
N LYS C 423 -11.42 21.93 14.29
CA LYS C 423 -11.63 20.82 13.36
C LYS C 423 -10.86 19.58 13.85
N ASN C 424 -11.55 18.47 13.95
CA ASN C 424 -10.91 17.25 14.45
C ASN C 424 -9.80 16.84 13.50
N PRO C 425 -8.56 16.78 13.97
CA PRO C 425 -7.47 16.38 13.04
C PRO C 425 -7.62 14.99 12.40
N GLY C 426 -8.45 14.15 13.00
CA GLY C 426 -8.69 12.81 12.47
C GLY C 426 -7.53 11.83 12.51
N GLU C 427 -6.49 12.14 13.28
CA GLU C 427 -5.35 11.26 13.48
C GLU C 427 -4.70 11.75 14.78
N PRO C 428 -3.82 10.95 15.39
CA PRO C 428 -3.08 11.49 16.54
C PRO C 428 -2.37 12.76 16.17
N TYR C 429 -2.46 13.76 17.03
CA TYR C 429 -2.01 15.10 16.69
C TYR C 429 -1.28 15.77 17.84
N VAL C 430 -0.61 16.89 17.57
CA VAL C 430 0.19 17.58 18.54
C VAL C 430 -0.27 19.04 18.79
N ILE C 431 -0.40 19.39 20.06
CA ILE C 431 -0.59 20.76 20.48
C ILE C 431 0.65 21.13 21.24
N GLN C 432 1.31 22.20 20.82
CA GLN C 432 2.50 22.66 21.48
C GLN C 432 2.13 23.69 22.53
N LEU C 433 2.69 23.53 23.71
CA LEU C 433 2.49 24.47 24.79
C LEU C 433 3.71 25.32 24.98
N LYS C 434 3.48 26.59 25.33
CA LYS C 434 4.53 27.45 25.86
C LYS C 434 4.33 27.56 27.33
N VAL C 435 5.32 27.15 28.09
CA VAL C 435 5.18 27.12 29.54
C VAL C 435 6.17 28.08 30.17
N ARG C 436 5.92 28.47 31.41
CA ARG C 436 6.78 29.44 32.11
C ARG C 436 7.03 28.83 33.45
N ALA C 437 8.29 28.81 33.85
CA ALA C 437 8.68 28.26 35.13
C ALA C 437 8.97 29.46 36.03
N ALA C 438 9.84 29.32 37.05
CA ALA C 438 9.93 30.34 38.10
C ALA C 438 10.98 29.97 39.15
N GLU D 1 72.76 -14.87 4.69
CA GLU D 1 71.31 -15.07 4.85
C GLU D 1 70.81 -14.35 6.10
N ILE D 2 70.32 -13.13 5.96
CA ILE D 2 69.90 -12.23 7.06
C ILE D 2 68.46 -12.50 7.54
N PRO D 3 68.23 -12.65 8.86
CA PRO D 3 66.84 -12.86 9.28
C PRO D 3 66.07 -11.53 9.33
N LEU D 4 64.78 -11.59 9.04
CA LEU D 4 63.98 -10.41 8.85
C LEU D 4 62.59 -10.71 9.30
N LYS D 5 61.93 -9.75 9.91
CA LYS D 5 60.52 -9.89 10.20
C LYS D 5 59.62 -9.23 9.16
N TYR D 6 60.15 -8.27 8.41
CA TYR D 6 59.34 -7.49 7.48
C TYR D 6 59.84 -7.59 6.05
N GLY D 7 60.53 -8.68 5.72
CA GLY D 7 60.97 -8.94 4.36
C GLY D 7 59.94 -9.71 3.55
N ALA D 8 60.41 -10.38 2.49
CA ALA D 8 59.50 -10.97 1.53
C ALA D 8 58.57 -11.99 2.16
N THR D 9 57.36 -12.07 1.62
CA THR D 9 56.35 -13.02 2.05
C THR D 9 56.18 -14.15 0.99
N ASN D 10 55.98 -13.81 -0.29
CA ASN D 10 55.92 -14.80 -1.39
C ASN D 10 57.29 -15.40 -1.68
N GLU D 11 57.32 -16.67 -2.08
CA GLU D 11 58.51 -17.29 -2.69
C GLU D 11 58.09 -17.51 -4.12
N GLY D 12 58.61 -16.69 -5.03
CA GLY D 12 58.30 -16.72 -6.47
C GLY D 12 56.90 -16.18 -6.74
N LYS D 13 56.38 -16.41 -7.95
CA LYS D 13 55.12 -15.81 -8.41
C LYS D 13 53.88 -16.43 -7.75
N ARG D 14 52.92 -15.59 -7.39
CA ARG D 14 51.62 -16.06 -7.02
C ARG D 14 50.97 -16.74 -8.23
N GLN D 15 50.28 -17.84 -7.97
CA GLN D 15 49.52 -18.49 -9.03
C GLN D 15 48.04 -18.68 -8.74
N ASP D 16 47.53 -18.01 -7.72
CA ASP D 16 46.08 -17.96 -7.50
C ASP D 16 45.40 -17.26 -8.65
N PRO D 17 44.07 -17.44 -8.80
CA PRO D 17 43.37 -16.88 -9.93
C PRO D 17 43.43 -15.39 -10.03
N ALA D 18 43.40 -14.68 -8.88
CA ALA D 18 43.39 -13.21 -8.92
C ALA D 18 44.73 -12.71 -9.48
N MET D 19 45.83 -13.28 -9.08
CA MET D 19 47.12 -12.89 -9.65
C MET D 19 47.23 -13.28 -11.13
N GLN D 20 46.70 -14.45 -11.50
CA GLN D 20 46.66 -14.82 -12.92
C GLN D 20 45.86 -13.84 -13.75
N LYS D 21 44.78 -13.33 -13.19
CA LYS D 21 44.00 -12.36 -13.85
C LYS D 21 44.80 -11.05 -13.96
N PHE D 22 45.47 -10.66 -12.88
CA PHE D 22 46.28 -9.36 -12.88
C PHE D 22 47.29 -9.43 -14.03
N ARG D 23 47.94 -10.57 -14.12
CA ARG D 23 48.97 -10.86 -15.14
C ARG D 23 48.39 -10.89 -16.54
N ASP D 24 47.34 -11.69 -16.74
CA ASP D 24 46.81 -11.93 -18.07
C ASP D 24 46.23 -10.70 -18.67
N ASN D 25 45.72 -9.81 -17.83
CA ASN D 25 45.24 -8.56 -18.31
C ASN D 25 46.24 -7.84 -19.22
N ARG D 26 47.51 -7.84 -18.77
CA ARG D 26 48.67 -7.22 -19.43
C ARG D 26 48.67 -5.70 -19.69
N LEU D 27 47.64 -5.19 -20.33
CA LEU D 27 47.61 -3.80 -20.71
C LEU D 27 46.63 -3.04 -19.85
N GLY D 28 47.14 -1.99 -19.21
CA GLY D 28 46.32 -1.15 -18.38
C GLY D 28 46.45 0.32 -18.77
N ALA D 29 45.56 1.13 -18.23
CA ALA D 29 45.67 2.60 -18.32
C ALA D 29 45.85 3.19 -16.93
N PHE D 30 46.57 4.30 -16.88
CA PHE D 30 46.74 5.02 -15.60
C PHE D 30 45.92 6.28 -15.76
N ILE D 31 45.20 6.65 -14.70
CA ILE D 31 44.57 7.95 -14.61
C ILE D 31 45.22 8.74 -13.46
N HIS D 32 45.79 9.91 -13.79
CA HIS D 32 46.28 10.89 -12.79
C HIS D 32 45.34 12.09 -12.86
N TRP D 33 44.45 12.21 -11.88
CA TRP D 33 43.50 13.31 -11.85
C TRP D 33 43.43 13.82 -10.41
N GLY D 34 43.67 15.11 -10.30
CA GLY D 34 43.73 15.78 -9.02
C GLY D 34 43.70 17.29 -9.25
N LEU D 35 43.89 18.06 -8.19
CA LEU D 35 43.76 19.56 -8.29
C LEU D 35 44.74 20.21 -9.24
N TYR D 36 45.86 19.53 -9.44
CA TYR D 36 46.86 19.91 -10.45
C TYR D 36 46.35 20.06 -11.83
N ALA D 37 45.22 19.42 -12.14
CA ALA D 37 44.67 19.55 -13.47
C ALA D 37 44.18 20.98 -13.75
N ILE D 38 43.82 21.70 -12.69
CA ILE D 38 43.24 23.06 -12.86
C ILE D 38 44.29 24.02 -13.39
N PRO D 39 45.37 24.26 -12.66
CA PRO D 39 46.40 25.15 -13.22
C PRO D 39 47.15 24.59 -14.43
N GLY D 40 47.25 23.26 -14.48
CA GLY D 40 47.78 22.58 -15.67
C GLY D 40 49.21 22.98 -16.03
N GLY D 41 50.05 23.06 -15.02
CA GLY D 41 51.45 23.31 -15.18
C GLY D 41 51.84 24.79 -15.05
N GLU D 42 50.84 25.66 -14.88
CA GLU D 42 51.09 27.09 -14.83
C GLU D 42 50.65 27.68 -13.50
N TRP D 43 51.54 28.47 -12.90
CA TRP D 43 51.27 29.16 -11.65
C TRP D 43 51.71 30.63 -11.74
N ASN D 44 50.76 31.51 -11.46
CA ASN D 44 51.05 32.94 -11.36
C ASN D 44 51.75 33.40 -12.62
N GLY D 45 51.21 33.03 -13.78
CA GLY D 45 51.79 33.47 -15.04
C GLY D 45 53.07 32.78 -15.49
N LYS D 46 53.66 31.89 -14.68
CA LYS D 46 54.83 31.11 -15.11
C LYS D 46 54.41 29.66 -15.46
N VAL D 47 54.70 29.22 -16.68
CA VAL D 47 54.51 27.83 -17.07
C VAL D 47 55.75 27.09 -16.66
N TYR D 48 55.62 26.08 -15.81
CA TYR D 48 56.76 25.28 -15.39
C TYR D 48 56.85 24.01 -16.26
N GLY D 49 58.09 23.64 -16.63
CA GLY D 49 58.35 22.46 -17.51
C GLY D 49 58.27 21.11 -16.80
N GLY D 50 58.43 21.10 -15.47
CA GLY D 50 58.32 19.90 -14.70
C GLY D 50 56.94 19.25 -14.74
N ALA D 51 56.87 18.05 -14.17
CA ALA D 51 55.63 17.28 -14.15
C ALA D 51 54.51 18.12 -13.45
N ALA D 52 53.39 18.28 -14.13
CA ALA D 52 52.30 19.13 -13.68
C ALA D 52 51.76 18.75 -12.32
N GLU D 53 51.75 17.46 -12.00
CA GLU D 53 51.20 17.00 -10.73
C GLU D 53 52.09 17.39 -9.58
N TRP D 54 53.28 17.87 -9.92
CA TRP D 54 54.27 18.37 -8.94
C TRP D 54 54.35 19.92 -8.91
N LEU D 55 53.42 20.59 -9.58
CA LEU D 55 53.47 22.07 -9.66
C LEU D 55 53.50 22.74 -8.29
N LYS D 56 52.79 22.18 -7.31
CA LYS D 56 52.86 22.70 -5.94
C LYS D 56 54.31 22.87 -5.52
N SER D 57 55.10 21.86 -5.87
CA SER D 57 56.49 21.84 -5.51
C SER D 57 57.31 22.81 -6.40
N TRP D 58 57.19 22.73 -7.72
CA TRP D 58 57.97 23.61 -8.58
C TRP D 58 57.72 25.10 -8.27
N ALA D 59 56.48 25.46 -8.02
CA ALA D 59 56.10 26.86 -7.82
C ALA D 59 56.14 27.25 -6.35
N LYS D 60 56.59 26.34 -5.49
CA LYS D 60 56.68 26.60 -4.06
C LYS D 60 55.36 27.12 -3.46
N VAL D 61 54.25 26.44 -3.76
CA VAL D 61 52.93 26.86 -3.26
C VAL D 61 52.64 26.23 -1.89
N PRO D 62 52.31 27.08 -0.87
CA PRO D 62 51.93 26.50 0.42
C PRO D 62 50.65 25.64 0.34
N ALA D 63 50.57 24.68 1.22
CA ALA D 63 49.44 23.76 1.27
C ALA D 63 48.07 24.44 1.29
N ASP D 64 47.89 25.43 2.18
CA ASP D 64 46.62 26.14 2.28
C ASP D 64 46.26 26.69 0.94
N GLU D 65 47.20 27.37 0.29
CA GLU D 65 46.88 27.98 -0.98
C GLU D 65 46.68 26.97 -2.12
N TRP D 66 47.51 25.93 -2.15
CA TRP D 66 47.32 24.86 -3.18
C TRP D 66 45.93 24.21 -3.04
N LEU D 67 45.58 23.82 -1.82
CA LEU D 67 44.26 23.16 -1.54
C LEU D 67 42.99 24.03 -1.76
N LYS D 68 43.14 25.35 -1.78
CA LYS D 68 42.07 26.24 -2.26
C LYS D 68 41.63 25.99 -3.66
N LEU D 69 42.45 25.27 -4.44
CA LEU D 69 41.97 24.86 -5.76
C LEU D 69 40.70 24.02 -5.67
N MET D 70 40.46 23.35 -4.53
CA MET D 70 39.19 22.65 -4.29
C MET D 70 38.00 23.48 -4.66
N ASP D 71 38.10 24.79 -4.43
CA ASP D 71 36.98 25.69 -4.70
C ASP D 71 36.70 25.80 -6.18
N GLN D 72 37.65 25.49 -7.06
CA GLN D 72 37.41 25.48 -8.49
C GLN D 72 37.21 24.07 -9.06
N TRP D 73 37.20 23.05 -8.21
CA TRP D 73 36.94 21.66 -8.68
C TRP D 73 35.48 21.43 -9.01
N ASN D 74 35.18 21.51 -10.30
CA ASN D 74 33.83 21.32 -10.79
C ASN D 74 33.85 20.76 -12.24
N PRO D 75 34.30 19.51 -12.41
CA PRO D 75 34.46 18.86 -13.74
C PRO D 75 33.10 18.50 -14.37
N THR D 76 32.50 19.55 -14.91
CA THR D 76 31.26 19.58 -15.69
C THR D 76 31.11 18.47 -16.72
N LYS D 77 32.18 18.24 -17.46
CA LYS D 77 32.15 17.27 -18.55
C LYS D 77 32.45 15.82 -18.11
N PHE D 78 32.72 15.62 -16.83
CA PHE D 78 33.00 14.28 -16.37
C PHE D 78 31.83 13.33 -16.61
N ASP D 79 32.13 12.17 -17.17
CA ASP D 79 31.12 11.16 -17.31
C ASP D 79 31.83 9.84 -17.24
N ALA D 80 31.65 9.13 -16.12
CA ALA D 80 32.36 7.92 -15.86
C ALA D 80 32.12 6.84 -16.92
N LYS D 81 30.90 6.77 -17.46
CA LYS D 81 30.58 5.79 -18.50
C LYS D 81 31.39 6.05 -19.77
N LYS D 82 31.57 7.32 -20.12
CA LYS D 82 32.39 7.64 -21.28
C LYS D 82 33.84 7.28 -21.06
N TRP D 83 34.33 7.56 -19.86
CA TRP D 83 35.72 7.20 -19.50
C TRP D 83 35.90 5.72 -19.66
N ALA D 84 34.92 4.97 -19.18
CA ALA D 84 35.04 3.52 -19.21
C ALA D 84 34.98 3.03 -20.67
N LYS D 85 34.16 3.66 -21.48
CA LYS D 85 34.09 3.31 -22.91
C LYS D 85 35.42 3.64 -23.65
N MET D 86 36.02 4.77 -23.33
CA MET D 86 37.36 5.09 -23.87
C MET D 86 38.40 4.02 -23.52
N ALA D 87 38.35 3.54 -22.28
CA ALA D 87 39.30 2.52 -21.86
C ALA D 87 39.00 1.22 -22.58
N LYS D 88 37.72 0.87 -22.69
CA LYS D 88 37.34 -0.35 -23.38
C LYS D 88 37.85 -0.34 -24.83
N GLU D 89 37.65 0.78 -25.50
CA GLU D 89 37.98 0.94 -26.90
C GLU D 89 39.48 0.89 -27.08
N MET D 90 40.24 1.40 -26.11
CA MET D 90 41.72 1.31 -26.19
C MET D 90 42.23 -0.11 -26.08
N GLY D 91 41.41 -1.01 -25.59
CA GLY D 91 41.87 -2.37 -25.35
C GLY D 91 42.48 -2.59 -23.96
N THR D 92 42.29 -1.68 -23.03
CA THR D 92 42.79 -1.90 -21.68
C THR D 92 41.93 -2.86 -20.93
N LYS D 93 42.54 -3.71 -20.14
CA LYS D 93 41.79 -4.66 -19.33
C LYS D 93 41.66 -4.21 -17.86
N TYR D 94 42.36 -3.14 -17.54
CA TYR D 94 42.35 -2.54 -16.19
C TYR D 94 42.76 -1.08 -16.23
N VAL D 95 42.33 -0.37 -15.20
CA VAL D 95 42.68 1.01 -14.98
C VAL D 95 43.17 1.20 -13.54
N LYS D 96 44.29 1.93 -13.40
CA LYS D 96 44.87 2.33 -12.11
C LYS D 96 44.53 3.81 -11.93
N ILE D 97 43.90 4.18 -10.78
CA ILE D 97 43.37 5.52 -10.57
C ILE D 97 44.03 6.15 -9.33
N THR D 98 44.42 7.42 -9.47
CA THR D 98 45.01 8.14 -8.35
C THR D 98 43.88 8.44 -7.38
N THR D 99 43.78 7.65 -6.32
CA THR D 99 42.80 7.91 -5.25
C THR D 99 43.17 9.17 -4.48
N LYS D 100 44.47 9.35 -4.28
CA LYS D 100 45.06 10.55 -3.63
C LYS D 100 46.51 10.61 -4.15
N HIS D 101 46.92 11.74 -4.70
CA HIS D 101 48.29 11.96 -5.09
C HIS D 101 49.02 12.71 -3.96
N HIS D 102 50.26 13.15 -4.21
CA HIS D 102 51.04 13.78 -3.12
C HIS D 102 50.31 15.01 -2.52
N GLU D 103 49.57 15.75 -3.35
CA GLU D 103 48.82 16.93 -2.90
C GLU D 103 47.83 16.57 -1.78
N GLY D 104 47.40 15.30 -1.68
CA GLY D 104 46.53 14.86 -0.60
C GLY D 104 45.03 14.97 -0.82
N PHE D 105 44.63 15.56 -1.94
CA PHE D 105 43.25 15.73 -2.31
C PHE D 105 42.66 14.37 -2.72
N CYS D 106 41.59 13.96 -2.03
CA CYS D 106 41.04 12.62 -2.24
C CYS D 106 39.92 12.63 -3.24
N LEU D 107 39.95 11.68 -4.17
CA LEU D 107 38.90 11.56 -5.14
C LEU D 107 37.62 10.80 -4.60
N TRP D 108 37.67 10.34 -3.37
CA TRP D 108 36.51 9.75 -2.70
C TRP D 108 36.29 10.60 -1.45
N PRO D 109 35.10 10.51 -0.83
CA PRO D 109 34.78 11.35 0.34
C PRO D 109 35.29 10.76 1.63
N SER D 110 36.61 10.82 1.84
CA SER D 110 37.20 10.24 2.98
C SER D 110 36.63 10.94 4.24
N LYS D 111 36.44 10.14 5.27
CA LYS D 111 35.99 10.66 6.53
C LYS D 111 37.16 11.17 7.35
N TYR D 112 38.40 10.96 6.90
CA TYR D 112 39.58 11.30 7.67
C TYR D 112 40.32 12.59 7.31
N THR D 113 39.78 13.37 6.39
CA THR D 113 40.33 14.65 6.03
C THR D 113 39.25 15.39 5.37
N LYS D 114 39.36 16.70 5.38
CA LYS D 114 38.44 17.56 4.65
C LYS D 114 38.84 17.83 3.21
N TYR D 115 40.06 17.42 2.84
CA TYR D 115 40.55 17.68 1.48
C TYR D 115 40.10 16.58 0.51
N THR D 116 38.82 16.60 0.23
CA THR D 116 38.17 15.59 -0.60
C THR D 116 37.18 16.18 -1.56
N VAL D 117 36.79 15.35 -2.52
CA VAL D 117 35.76 15.69 -3.43
C VAL D 117 34.47 16.21 -2.76
N ALA D 118 34.17 15.73 -1.56
CA ALA D 118 32.96 16.10 -0.84
C ALA D 118 32.91 17.62 -0.61
N ASN D 119 34.04 18.25 -0.38
CA ASN D 119 34.08 19.68 -0.05
C ASN D 119 34.48 20.52 -1.24
N THR D 120 34.05 20.11 -2.42
CA THR D 120 34.23 20.86 -3.64
C THR D 120 32.84 21.16 -4.16
N PRO D 121 32.72 22.11 -5.05
CA PRO D 121 31.40 22.32 -5.62
C PRO D 121 30.81 21.05 -6.23
N TYR D 122 31.66 20.21 -6.78
CA TYR D 122 31.18 19.03 -7.48
C TYR D 122 30.58 18.02 -6.52
N LYS D 123 31.11 17.94 -5.30
CA LYS D 123 30.65 17.03 -4.20
C LYS D 123 30.67 15.52 -4.41
N ARG D 124 30.50 15.05 -5.64
CA ARG D 124 30.32 13.61 -5.90
C ARG D 124 31.53 12.69 -5.69
N ASP D 125 31.25 11.43 -5.38
CA ASP D 125 32.29 10.44 -5.18
C ASP D 125 32.81 9.98 -6.54
N ILE D 126 33.73 10.78 -7.12
CA ILE D 126 34.35 10.43 -8.41
C ILE D 126 34.91 9.03 -8.47
N LEU D 127 35.63 8.65 -7.43
CA LEU D 127 36.25 7.34 -7.40
C LEU D 127 35.17 6.21 -7.45
N GLY D 128 34.13 6.36 -6.67
CA GLY D 128 33.01 5.40 -6.67
C GLY D 128 32.34 5.31 -8.02
N GLU D 129 32.18 6.46 -8.67
CA GLU D 129 31.58 6.45 -10.00
C GLU D 129 32.46 5.74 -11.05
N LEU D 130 33.77 5.95 -10.94
CA LEU D 130 34.67 5.28 -11.86
C LEU D 130 34.71 3.79 -11.65
N VAL D 131 34.76 3.35 -10.40
CA VAL D 131 34.80 1.96 -10.08
C VAL D 131 33.62 1.22 -10.73
N LYS D 132 32.43 1.80 -10.53
CA LYS D 132 31.20 1.24 -11.09
C LYS D 132 31.28 1.12 -12.62
N ALA D 133 31.61 2.24 -13.25
CA ALA D 133 31.62 2.35 -14.70
C ALA D 133 32.66 1.45 -15.34
N TYR D 134 33.86 1.43 -14.77
CA TYR D 134 34.86 0.49 -15.31
C TYR D 134 34.46 -0.95 -15.11
N ASN D 135 34.03 -1.28 -13.89
CA ASN D 135 33.59 -2.63 -13.62
C ASN D 135 32.44 -3.07 -14.54
N ASP D 136 31.56 -2.13 -14.89
CA ASP D 136 30.42 -2.40 -15.79
C ASP D 136 30.90 -2.75 -17.18
N GLU D 137 32.10 -2.31 -17.55
CA GLU D 137 32.67 -2.67 -18.84
C GLU D 137 33.57 -3.88 -18.75
N GLY D 138 33.61 -4.56 -17.60
CA GLY D 138 34.45 -5.69 -17.41
C GLY D 138 35.94 -5.34 -17.23
N ILE D 139 36.24 -4.14 -16.77
CA ILE D 139 37.63 -3.62 -16.58
C ILE D 139 37.97 -3.57 -15.09
N ASP D 140 39.09 -4.18 -14.71
CA ASP D 140 39.48 -4.26 -13.28
C ASP D 140 39.94 -2.87 -12.86
N VAL D 141 39.76 -2.53 -11.58
CA VAL D 141 40.22 -1.22 -11.05
C VAL D 141 41.25 -1.39 -9.98
N HIS D 142 42.32 -0.63 -10.13
CA HIS D 142 43.47 -0.66 -9.22
C HIS D 142 43.57 0.73 -8.61
N PHE D 143 44.01 0.80 -7.37
CA PHE D 143 44.10 2.12 -6.67
C PHE D 143 45.55 2.56 -6.46
N TYR D 144 45.90 3.62 -7.12
CA TYR D 144 47.16 4.31 -6.79
C TYR D 144 46.91 5.03 -5.46
N PHE D 145 47.89 5.00 -4.58
CA PHE D 145 47.77 5.73 -3.29
C PHE D 145 49.15 6.31 -2.92
N SER D 146 49.25 7.63 -2.72
CA SER D 146 50.49 8.26 -2.29
C SER D 146 50.58 8.30 -0.77
N VAL D 147 51.59 7.66 -0.21
CA VAL D 147 51.79 7.73 1.22
C VAL D 147 52.19 9.19 1.59
N MET D 148 53.22 9.72 0.95
CA MET D 148 53.58 11.15 1.10
C MET D 148 52.36 11.99 0.81
N ASP D 149 52.05 12.88 1.76
CA ASP D 149 50.85 13.64 1.69
C ASP D 149 51.19 15.08 2.13
N TRP D 150 51.14 15.98 1.17
CA TRP D 150 51.53 17.39 1.38
C TRP D 150 50.45 18.17 2.12
N SER D 151 49.29 17.55 2.32
CA SER D 151 48.13 18.23 2.94
C SER D 151 48.04 18.02 4.42
N ASN D 152 48.74 17.02 4.93
CA ASN D 152 48.63 16.62 6.30
C ASN D 152 49.92 17.08 6.99
N PRO D 153 49.81 18.06 7.90
CA PRO D 153 51.01 18.56 8.58
C PRO D 153 51.70 17.54 9.48
N ASP D 154 51.11 16.37 9.76
CA ASP D 154 51.82 15.31 10.51
C ASP D 154 52.81 14.50 9.67
N TYR D 155 52.79 14.70 8.36
CA TYR D 155 53.76 13.99 7.48
C TYR D 155 55.14 14.50 7.84
N ARG D 156 56.12 13.59 7.85
CA ARG D 156 57.55 13.92 8.02
C ARG D 156 58.43 13.23 6.96
N TYR D 157 59.42 13.97 6.46
CA TYR D 157 60.37 13.46 5.48
C TYR D 157 61.38 12.54 6.14
N ASP D 158 61.65 12.84 7.41
CA ASP D 158 62.54 12.05 8.21
C ASP D 158 62.15 12.17 9.69
N ILE D 159 62.61 11.23 10.50
CA ILE D 159 62.39 11.23 11.94
C ILE D 159 63.68 11.69 12.66
N LYS D 160 63.70 12.94 13.12
CA LYS D 160 64.91 13.53 13.72
C LYS D 160 64.67 13.90 15.20
N SER D 161 63.48 13.63 15.74
CA SER D 161 63.13 14.04 17.11
C SER D 161 61.95 13.23 17.62
N LYS D 162 61.66 13.36 18.92
CA LYS D 162 60.47 12.69 19.50
C LYS D 162 59.22 13.34 18.96
N GLU D 163 59.28 14.67 18.71
CA GLU D 163 58.14 15.40 18.14
C GLU D 163 57.81 14.84 16.71
N ASP D 164 58.86 14.63 15.92
CA ASP D 164 58.74 14.05 14.61
C ASP D 164 58.07 12.68 14.70
N SER D 165 58.57 11.87 15.61
CA SER D 165 58.06 10.51 15.79
C SER D 165 56.58 10.46 16.19
N ILE D 166 56.21 11.39 17.08
CA ILE D 166 54.82 11.49 17.53
C ILE D 166 53.90 11.82 16.34
N ALA D 167 54.30 12.87 15.60
CA ALA D 167 53.56 13.39 14.45
C ALA D 167 53.42 12.29 13.38
N PHE D 168 54.52 11.63 13.07
CA PHE D 168 54.53 10.58 12.04
C PHE D 168 53.71 9.34 12.45
N SER D 169 53.73 9.00 13.72
CA SER D 169 52.96 7.87 14.20
C SER D 169 51.46 8.12 13.97
N ARG D 170 51.03 9.34 14.20
CA ARG D 170 49.67 9.74 13.94
C ARG D 170 49.38 9.72 12.43
N PHE D 171 50.38 10.14 11.64
CA PHE D 171 50.28 10.11 10.21
C PHE D 171 50.04 8.69 9.63
N LEU D 172 50.73 7.71 10.18
CA LEU D 172 50.59 6.31 9.80
C LEU D 172 49.24 5.79 10.17
N GLU D 173 48.67 6.27 11.29
CA GLU D 173 47.29 5.85 11.69
C GLU D 173 46.24 6.44 10.75
N PHE D 174 46.41 7.71 10.41
CA PHE D 174 45.63 8.39 9.41
C PHE D 174 45.68 7.66 8.04
N THR D 175 46.89 7.25 7.65
CA THR D 175 47.08 6.50 6.40
C THR D 175 46.36 5.15 6.46
N ASP D 176 46.55 4.41 7.55
CA ASP D 176 45.81 3.14 7.72
C ASP D 176 44.31 3.30 7.61
N ASN D 177 43.81 4.39 8.20
CA ASN D 177 42.40 4.69 8.20
C ASN D 177 41.87 4.92 6.80
N GLN D 178 42.59 5.72 6.02
CA GLN D 178 42.20 5.90 4.62
C GLN D 178 42.27 4.57 3.82
N LEU D 179 43.33 3.79 4.03
CA LEU D 179 43.47 2.52 3.33
C LEU D 179 42.34 1.54 3.63
N LYS D 180 41.97 1.39 4.91
CA LYS D 180 40.84 0.52 5.30
C LYS D 180 39.53 1.00 4.73
N GLU D 181 39.35 2.31 4.75
CA GLU D 181 38.19 2.91 4.19
C GLU D 181 38.06 2.60 2.70
N LEU D 182 39.16 2.76 1.96
CA LEU D 182 39.12 2.46 0.53
C LEU D 182 38.80 0.97 0.26
N ALA D 183 39.41 0.10 1.05
CA ALA D 183 39.26 -1.34 0.89
C ALA D 183 37.84 -1.82 1.21
N THR D 184 37.18 -1.17 2.16
CA THR D 184 35.81 -1.53 2.53
C THR D 184 34.75 -0.81 1.75
N ARG D 185 34.98 0.44 1.36
CA ARG D 185 34.03 1.14 0.53
C ARG D 185 33.98 0.60 -0.86
N TYR D 186 35.10 0.10 -1.38
CA TYR D 186 35.19 -0.30 -2.83
C TYR D 186 35.79 -1.72 -2.91
N PRO D 187 35.00 -2.76 -2.51
CA PRO D 187 35.62 -4.08 -2.28
C PRO D 187 35.98 -4.84 -3.63
N THR D 188 35.60 -4.30 -4.76
CA THR D 188 36.03 -4.83 -6.07
C THR D 188 37.43 -4.40 -6.50
N VAL D 189 38.07 -3.53 -5.70
CA VAL D 189 39.46 -3.19 -5.91
C VAL D 189 40.34 -4.41 -6.04
N LYS D 190 41.23 -4.41 -7.05
CA LYS D 190 42.11 -5.59 -7.27
C LYS D 190 43.59 -5.38 -6.96
N ASP D 191 43.98 -4.12 -6.69
CA ASP D 191 45.38 -3.79 -6.48
C ASP D 191 45.44 -2.45 -5.75
N PHE D 192 46.45 -2.30 -4.89
CA PHE D 192 46.90 -1.03 -4.37
C PHE D 192 48.36 -0.83 -4.86
N TRP D 193 48.56 0.32 -5.50
CA TRP D 193 49.88 0.70 -6.05
C TRP D 193 50.36 1.93 -5.31
N PHE D 194 51.26 1.69 -4.36
CA PHE D 194 51.70 2.76 -3.48
C PHE D 194 52.84 3.56 -4.15
N ASP D 195 52.82 4.87 -3.92
CA ASP D 195 53.83 5.81 -4.40
C ASP D 195 54.15 6.73 -3.19
N GLY D 196 55.18 7.56 -3.34
CA GLY D 196 55.59 8.50 -2.29
C GLY D 196 56.06 7.79 -1.05
N THR D 197 56.83 6.72 -1.19
CA THR D 197 57.26 5.88 -0.06
C THR D 197 58.78 5.90 0.11
N TRP D 198 59.43 6.79 -0.62
CA TRP D 198 60.88 6.79 -0.69
C TRP D 198 61.49 7.59 0.45
N ASP D 199 60.71 8.36 1.21
CA ASP D 199 61.33 9.23 2.26
C ASP D 199 61.92 8.39 3.38
N ALA D 200 62.99 8.91 3.99
CA ALA D 200 63.63 8.26 5.13
C ALA D 200 62.66 7.86 6.22
N SER D 201 61.60 8.62 6.39
CA SER D 201 60.60 8.30 7.43
C SER D 201 59.99 6.92 7.22
N VAL D 202 59.68 6.65 5.95
CA VAL D 202 59.04 5.37 5.62
C VAL D 202 60.11 4.25 5.66
N LYS D 203 61.30 4.51 5.09
CA LYS D 203 62.44 3.53 5.09
C LYS D 203 62.77 3.06 6.52
N LYS D 204 62.66 3.99 7.49
CA LYS D 204 62.82 3.67 8.92
C LYS D 204 61.66 2.92 9.54
N ASN D 205 60.55 2.82 8.84
CA ASN D 205 59.36 2.17 9.37
C ASN D 205 58.89 1.04 8.48
N GLY D 206 59.85 0.17 8.17
CA GLY D 206 59.60 -1.04 7.37
C GLY D 206 58.42 -1.84 7.84
N TRP D 207 58.32 -2.02 9.17
CA TRP D 207 57.23 -2.77 9.80
C TRP D 207 55.87 -2.26 9.33
N TRP D 208 55.74 -0.95 9.14
CA TRP D 208 54.47 -0.39 8.76
C TRP D 208 54.07 -0.83 7.31
N THR D 209 55.04 -0.79 6.40
CA THR D 209 54.82 -1.25 5.01
C THR D 209 54.35 -2.71 4.95
N ALA D 210 54.96 -3.60 5.74
CA ALA D 210 54.52 -5.00 5.79
C ALA D 210 53.14 -5.12 6.41
N HIS D 211 52.86 -4.29 7.41
CA HIS D 211 51.54 -4.30 8.10
C HIS D 211 50.44 -3.81 7.12
N ALA D 212 50.75 -2.78 6.35
CA ALA D 212 49.81 -2.26 5.38
C ALA D 212 49.48 -3.34 4.32
N GLU D 213 50.46 -4.03 3.84
CA GLU D 213 50.27 -5.14 2.91
C GLU D 213 49.35 -6.21 3.49
N GLN D 214 49.65 -6.66 4.71
CA GLN D 214 48.86 -7.71 5.36
C GLN D 214 47.47 -7.27 5.66
N MET D 215 47.33 -6.04 6.15
CA MET D 215 46.05 -5.48 6.50
C MET D 215 45.13 -5.44 5.29
N LEU D 216 45.66 -5.03 4.14
CA LEU D 216 44.83 -4.95 2.97
C LEU D 216 44.49 -6.34 2.44
N LYS D 217 45.46 -7.24 2.48
CA LYS D 217 45.23 -8.59 1.96
C LYS D 217 44.12 -9.27 2.77
N GLU D 218 44.05 -8.93 4.06
CA GLU D 218 42.96 -9.47 4.92
C GLU D 218 41.63 -8.86 4.58
N LEU D 219 41.63 -7.61 4.18
CA LEU D 219 40.39 -6.98 3.81
C LEU D 219 39.85 -7.25 2.41
N VAL D 220 40.76 -7.55 1.46
CA VAL D 220 40.40 -7.69 0.05
C VAL D 220 40.98 -8.99 -0.49
N PRO D 221 40.17 -10.07 -0.48
CA PRO D 221 40.75 -11.34 -0.93
C PRO D 221 41.41 -11.28 -2.34
N GLY D 222 42.63 -11.79 -2.43
CA GLY D 222 43.38 -11.86 -3.70
C GLY D 222 43.99 -10.53 -4.19
N VAL D 223 43.80 -9.44 -3.42
CA VAL D 223 44.38 -8.16 -3.79
C VAL D 223 45.87 -8.26 -4.03
N ALA D 224 46.34 -7.47 -5.00
CA ALA D 224 47.73 -7.35 -5.34
C ALA D 224 48.27 -6.07 -4.72
N ILE D 225 49.54 -6.12 -4.38
CA ILE D 225 50.20 -5.00 -3.68
C ILE D 225 51.56 -4.81 -4.35
N ASN D 226 51.87 -3.57 -4.74
CA ASN D 226 53.18 -3.33 -5.46
C ASN D 226 54.41 -3.34 -4.59
N SER D 227 55.54 -3.58 -5.21
CA SER D 227 56.81 -3.67 -4.45
C SER D 227 57.20 -2.27 -3.87
N ARG D 228 56.75 -1.20 -4.52
CA ARG D 228 57.15 0.17 -4.18
C ARG D 228 56.69 0.57 -2.76
N LEU D 229 55.61 -0.05 -2.27
CA LEU D 229 55.21 0.08 -0.88
C LEU D 229 56.31 -0.30 0.10
N ARG D 230 57.08 -1.34 -0.20
CA ARG D 230 57.68 -2.12 0.84
C ARG D 230 59.13 -1.75 1.16
N ALA D 231 59.39 -1.65 2.46
CA ALA D 231 60.74 -1.59 3.01
C ALA D 231 60.88 -2.70 4.06
N ASP D 232 62.06 -3.30 4.13
CA ASP D 232 62.29 -4.35 5.14
C ASP D 232 62.83 -3.72 6.46
N ASP D 233 63.17 -4.61 7.40
CA ASP D 233 63.76 -4.25 8.71
C ASP D 233 64.93 -3.26 8.60
N LYS D 234 65.69 -3.34 7.52
CA LYS D 234 66.89 -2.54 7.34
C LYS D 234 66.70 -1.34 6.47
N GLY D 235 65.46 -1.11 6.04
CA GLY D 235 65.17 0.02 5.18
C GLY D 235 65.42 -0.23 3.69
N LYS D 236 65.72 -1.48 3.30
CA LYS D 236 65.92 -1.85 1.87
C LYS D 236 64.53 -1.88 1.20
N ARG D 237 64.37 -1.17 0.07
CA ARG D 237 63.07 -1.03 -0.62
C ARG D 237 62.91 -1.98 -1.85
N HIS D 238 61.67 -2.37 -2.16
CA HIS D 238 61.31 -3.25 -3.31
C HIS D 238 61.75 -4.69 -3.11
N PHE D 239 63.05 -4.93 -3.08
CA PHE D 239 63.59 -6.23 -2.74
C PHE D 239 64.24 -6.15 -1.34
N ASP D 240 64.02 -7.17 -0.51
CA ASP D 240 64.54 -7.16 0.83
C ASP D 240 66.04 -7.44 0.88
N SER D 241 66.59 -7.43 2.09
CA SER D 241 68.01 -7.62 2.32
C SER D 241 68.57 -9.00 1.85
N ASN D 242 67.71 -9.99 1.69
CA ASN D 242 68.10 -11.26 1.08
C ASN D 242 67.80 -11.32 -0.42
N GLY D 243 67.58 -10.17 -1.06
CA GLY D 243 67.32 -10.13 -2.50
C GLY D 243 65.97 -10.63 -2.95
N ARG D 244 65.03 -10.88 -2.03
CA ARG D 244 63.71 -11.38 -2.40
C ARG D 244 62.72 -10.21 -2.59
N LEU D 245 61.88 -10.35 -3.61
CA LEU D 245 60.89 -9.34 -3.93
C LEU D 245 59.84 -9.31 -2.85
N MET D 246 59.55 -8.11 -2.39
CA MET D 246 58.44 -7.86 -1.48
C MET D 246 57.25 -7.34 -2.27
N GLY D 247 56.08 -7.57 -1.71
CA GLY D 247 54.87 -7.36 -2.45
C GLY D 247 54.69 -8.42 -3.53
N ASP D 248 53.68 -8.22 -4.36
CA ASP D 248 53.25 -9.25 -5.30
C ASP D 248 53.86 -9.12 -6.70
N TYR D 249 54.42 -7.96 -6.97
CA TYR D 249 55.04 -7.68 -8.28
C TYR D 249 55.93 -6.44 -8.24
N GLU D 250 56.89 -6.45 -9.10
CA GLU D 250 57.89 -5.41 -9.12
C GLU D 250 57.34 -4.22 -9.90
N SER D 251 57.53 -3.02 -9.33
CA SER D 251 56.93 -1.80 -9.85
C SER D 251 57.92 -0.64 -9.95
N GLY D 252 59.17 -0.90 -10.27
CA GLY D 252 60.10 0.20 -10.46
C GLY D 252 60.30 0.72 -11.87
N TYR D 253 59.72 0.09 -12.90
CA TYR D 253 60.07 0.44 -14.29
C TYR D 253 59.07 1.49 -14.69
N GLU D 254 59.44 2.75 -14.47
CA GLU D 254 58.55 3.88 -14.60
C GLU D 254 59.21 4.78 -15.61
N ARG D 255 58.63 4.88 -16.79
CA ARG D 255 59.23 5.60 -17.90
C ARG D 255 60.58 4.99 -18.34
N ARG D 256 60.79 3.71 -18.02
CA ARG D 256 61.98 2.95 -18.49
C ARG D 256 61.56 1.46 -18.53
N LEU D 257 62.32 0.62 -19.28
CA LEU D 257 62.03 -0.83 -19.38
C LEU D 257 63.32 -1.67 -19.27
N PRO D 258 63.21 -2.91 -18.79
CA PRO D 258 64.36 -3.75 -18.73
C PRO D 258 64.93 -4.08 -20.10
N ASP D 259 66.24 -4.17 -20.16
CA ASP D 259 66.95 -4.46 -21.40
C ASP D 259 66.62 -5.93 -21.81
N PRO D 260 66.21 -6.13 -23.06
CA PRO D 260 65.78 -7.46 -23.50
C PRO D 260 66.85 -8.54 -23.59
N VAL D 261 68.12 -8.11 -23.54
CA VAL D 261 69.23 -9.03 -23.49
C VAL D 261 69.79 -9.17 -22.09
N LYS D 262 69.95 -8.05 -21.38
CA LYS D 262 70.70 -8.03 -20.12
C LYS D 262 69.89 -8.14 -18.86
N ASP D 263 68.59 -7.94 -18.94
CA ASP D 263 67.76 -7.94 -17.77
C ASP D 263 66.72 -9.04 -17.74
N LEU D 264 67.06 -10.22 -18.23
CA LEU D 264 66.17 -11.36 -18.23
C LEU D 264 65.75 -11.84 -16.82
N LYS D 265 66.48 -11.40 -15.83
CA LYS D 265 66.11 -11.72 -14.45
C LYS D 265 64.66 -11.37 -14.12
N VAL D 266 64.13 -10.34 -14.79
CA VAL D 266 62.78 -9.91 -14.51
C VAL D 266 61.74 -10.96 -14.82
N THR D 267 62.06 -11.92 -15.69
CA THR D 267 61.11 -12.93 -16.04
C THR D 267 60.82 -13.85 -14.88
N GLN D 268 61.59 -13.75 -13.82
CA GLN D 268 61.41 -14.61 -12.66
C GLN D 268 60.33 -14.13 -11.72
N TRP D 269 59.88 -12.91 -11.87
CA TRP D 269 58.81 -12.40 -11.07
C TRP D 269 57.75 -11.67 -11.90
N ASP D 270 56.60 -11.46 -11.31
CA ASP D 270 55.60 -10.54 -11.87
C ASP D 270 56.09 -9.10 -11.75
N TRP D 271 55.71 -8.27 -12.70
CA TRP D 271 56.17 -6.90 -12.75
C TRP D 271 55.28 -6.10 -13.65
N GLU D 272 55.17 -4.80 -13.36
CA GLU D 272 54.33 -3.92 -14.09
C GLU D 272 55.08 -2.60 -14.33
N ALA D 273 55.17 -2.21 -15.59
CA ALA D 273 55.76 -0.93 -15.96
C ALA D 273 54.69 0.08 -16.18
N CYS D 274 55.02 1.34 -15.97
CA CYS D 274 54.11 2.43 -16.29
CA CYS D 274 54.11 2.42 -16.26
C CYS D 274 54.84 3.44 -17.15
N MET D 275 54.11 4.15 -17.96
CA MET D 275 54.72 5.15 -18.85
C MET D 275 53.81 6.35 -19.12
N THR D 276 54.44 7.43 -19.58
CA THR D 276 53.77 8.66 -19.96
C THR D 276 53.89 8.87 -21.42
N ILE D 277 52.97 9.66 -21.97
CA ILE D 277 52.96 9.97 -23.39
C ILE D 277 54.02 11.03 -23.72
N PRO D 278 53.99 12.22 -23.05
CA PRO D 278 55.19 13.05 -23.11
C PRO D 278 56.33 12.44 -22.28
N GLU D 279 57.42 13.18 -22.18
CA GLU D 279 58.58 12.66 -21.48
C GLU D 279 58.37 12.49 -20.02
N ASN D 280 57.77 13.48 -19.36
CA ASN D 280 57.48 13.33 -17.93
C ASN D 280 56.33 14.26 -17.50
N GLN D 281 55.13 13.89 -17.89
CA GLN D 281 53.90 14.56 -17.41
C GLN D 281 52.93 13.44 -17.06
N TRP D 282 52.50 13.39 -15.81
CA TRP D 282 51.44 12.42 -15.42
C TRP D 282 50.08 13.09 -15.28
N GLY D 283 50.01 14.12 -14.45
CA GLY D 283 48.84 15.00 -14.46
C GLY D 283 48.78 15.89 -15.70
N TYR D 284 47.59 16.44 -15.96
CA TYR D 284 47.36 17.34 -17.06
C TYR D 284 48.28 18.55 -17.07
N HIS D 285 49.00 18.70 -18.16
CA HIS D 285 49.83 19.89 -18.44
C HIS D 285 49.33 20.54 -19.67
N LYS D 286 49.14 21.87 -19.62
CA LYS D 286 48.50 22.54 -20.72
C LYS D 286 49.36 22.66 -21.96
N ASP D 287 50.65 22.47 -21.85
CA ASP D 287 51.54 22.64 -23.02
C ASP D 287 52.48 21.42 -23.30
N TRP D 288 52.02 20.54 -24.15
CA TRP D 288 52.80 19.35 -24.50
C TRP D 288 53.91 19.65 -25.53
N SER D 289 53.98 20.88 -26.05
CA SER D 289 55.08 21.25 -26.95
C SER D 289 56.42 21.32 -26.22
N LEU D 290 56.43 21.29 -24.89
CA LEU D 290 57.69 21.45 -24.18
C LEU D 290 58.61 20.23 -24.13
N SER D 291 58.11 19.02 -24.45
CA SER D 291 58.96 17.80 -24.41
C SER D 291 58.49 16.89 -25.46
N TYR D 292 59.28 15.85 -25.70
CA TYR D 292 58.95 14.88 -26.74
C TYR D 292 57.67 14.12 -26.38
N VAL D 293 56.75 14.04 -27.33
CA VAL D 293 55.51 13.32 -27.23
C VAL D 293 55.61 12.04 -28.07
N LYS D 294 55.39 10.91 -27.41
CA LYS D 294 55.50 9.62 -28.12
C LYS D 294 54.41 9.41 -29.11
N THR D 295 54.74 8.77 -30.25
CA THR D 295 53.77 8.37 -31.23
C THR D 295 53.12 7.04 -30.80
N PRO D 296 51.98 6.71 -31.41
CA PRO D 296 51.34 5.47 -31.05
C PRO D 296 52.22 4.24 -31.28
N ILE D 297 53.02 4.22 -32.36
CA ILE D 297 53.87 3.05 -32.56
C ILE D 297 54.97 2.96 -31.47
N GLU D 298 55.48 4.11 -31.04
CA GLU D 298 56.43 4.16 -29.93
C GLU D 298 55.81 3.59 -28.64
N VAL D 299 54.54 3.87 -28.42
CA VAL D 299 53.86 3.33 -27.25
C VAL D 299 53.63 1.84 -27.40
N ILE D 300 53.18 1.44 -28.56
CA ILE D 300 52.90 0.04 -28.80
C ILE D 300 54.17 -0.81 -28.66
N ASP D 301 55.27 -0.27 -29.14
CA ASP D 301 56.59 -0.90 -28.92
C ASP D 301 56.85 -1.20 -27.43
N ARG D 302 56.64 -0.20 -26.58
CA ARG D 302 56.85 -0.36 -25.16
C ARG D 302 55.90 -1.37 -24.54
N ILE D 303 54.64 -1.38 -24.97
CA ILE D 303 53.71 -2.36 -24.45
C ILE D 303 54.16 -3.77 -24.73
N VAL D 304 54.53 -3.99 -25.98
CA VAL D 304 54.91 -5.38 -26.43
C VAL D 304 56.24 -5.79 -25.79
N HIS D 305 57.16 -4.83 -25.69
CA HIS D 305 58.39 -5.00 -24.96
C HIS D 305 58.12 -5.55 -23.54
N ALA D 306 57.21 -4.94 -22.82
CA ALA D 306 56.94 -5.36 -21.48
C ALA D 306 56.44 -6.81 -21.43
N VAL D 307 55.40 -7.08 -22.23
CA VAL D 307 54.82 -8.42 -22.29
C VAL D 307 55.84 -9.49 -22.72
N SER D 308 56.73 -9.13 -23.67
CA SER D 308 57.79 -10.03 -24.11
C SER D 308 58.72 -10.41 -23.03
N MET D 309 58.80 -9.59 -21.96
CA MET D 309 59.63 -9.90 -20.83
C MET D 309 58.84 -10.27 -19.56
N GLY D 310 57.61 -10.67 -19.76
CA GLY D 310 56.77 -11.21 -18.68
C GLY D 310 56.15 -10.15 -17.79
N GLY D 311 56.02 -8.91 -18.30
CA GLY D 311 55.48 -7.81 -17.49
C GLY D 311 54.25 -7.17 -18.08
N ASN D 312 53.50 -6.45 -17.24
CA ASN D 312 52.43 -5.61 -17.66
C ASN D 312 52.92 -4.26 -18.07
N MET D 313 52.16 -3.54 -18.88
CA MET D 313 52.37 -2.11 -19.18
C MET D 313 51.11 -1.25 -18.95
N VAL D 314 51.28 -0.11 -18.27
CA VAL D 314 50.20 0.79 -17.97
C VAL D 314 50.49 2.19 -18.57
N VAL D 315 49.64 2.62 -19.46
CA VAL D 315 49.84 3.84 -20.23
C VAL D 315 49.05 4.91 -19.53
N ASN D 316 49.74 6.00 -19.18
CA ASN D 316 49.08 7.10 -18.47
C ASN D 316 48.30 8.14 -19.27
N PHE D 317 47.16 8.57 -18.66
CA PHE D 317 46.35 9.68 -19.12
C PHE D 317 46.22 10.71 -17.95
N GLY D 318 46.28 12.00 -18.29
CA GLY D 318 46.05 13.07 -17.33
C GLY D 318 44.82 13.89 -17.76
N PRO D 319 43.64 13.51 -17.26
CA PRO D 319 42.44 14.20 -17.74
C PRO D 319 42.40 15.71 -17.44
N GLN D 320 41.70 16.46 -18.28
CA GLN D 320 41.55 17.91 -18.11
C GLN D 320 40.74 18.23 -16.84
N ALA D 321 40.88 19.46 -16.35
CA ALA D 321 40.12 19.92 -15.18
C ALA D 321 38.59 19.80 -15.44
N ASP D 322 38.15 19.96 -16.66
CA ASP D 322 36.71 19.81 -16.92
C ASP D 322 36.19 18.38 -16.92
N GLY D 323 37.07 17.36 -16.85
CA GLY D 323 36.61 15.95 -16.80
C GLY D 323 36.58 15.28 -18.16
N ASP D 324 37.02 15.98 -19.19
CA ASP D 324 37.22 15.37 -20.50
C ASP D 324 38.72 15.03 -20.69
N PHE D 325 39.04 14.31 -21.76
CA PHE D 325 40.44 14.08 -22.19
C PHE D 325 40.82 14.96 -23.36
N ARG D 326 42.04 15.44 -23.33
CA ARG D 326 42.60 16.20 -24.42
C ARG D 326 42.65 15.37 -25.71
N PRO D 327 42.75 16.07 -26.86
CA PRO D 327 42.68 15.37 -28.16
C PRO D 327 43.82 14.39 -28.43
N GLU D 328 45.02 14.72 -27.95
CA GLU D 328 46.17 13.85 -28.19
C GLU D 328 45.94 12.52 -27.49
N GLU D 329 45.30 12.55 -26.33
CA GLU D 329 45.02 11.33 -25.59
C GLU D 329 43.93 10.50 -26.24
N LYS D 330 42.88 11.15 -26.71
CA LYS D 330 41.84 10.42 -27.41
C LYS D 330 42.43 9.74 -28.65
N ALA D 331 43.29 10.44 -29.38
CA ALA D 331 43.87 9.88 -30.60
C ALA D 331 44.77 8.68 -30.24
N MET D 332 45.54 8.84 -29.18
CA MET D 332 46.39 7.74 -28.67
C MET D 332 45.58 6.50 -28.29
N ALA D 333 44.51 6.67 -27.52
CA ALA D 333 43.74 5.52 -27.08
C ALA D 333 43.16 4.81 -28.27
N THR D 334 42.64 5.61 -29.20
CA THR D 334 42.01 5.08 -30.37
C THR D 334 43.04 4.32 -31.26
N ALA D 335 44.22 4.88 -31.45
CA ALA D 335 45.28 4.20 -32.23
C ALA D 335 45.72 2.88 -31.57
N ILE D 336 45.92 2.92 -30.27
CA ILE D 336 46.28 1.68 -29.54
C ILE D 336 45.16 0.64 -29.66
N GLY D 337 43.91 1.07 -29.43
CA GLY D 337 42.73 0.18 -29.61
C GLY D 337 42.64 -0.54 -30.98
N LYS D 338 42.87 0.23 -32.03
CA LYS D 338 42.89 -0.26 -33.39
C LYS D 338 43.95 -1.39 -33.55
N TRP D 339 45.17 -1.16 -33.05
CA TRP D 339 46.26 -2.14 -33.21
C TRP D 339 45.99 -3.37 -32.35
N MET D 340 45.49 -3.14 -31.13
CA MET D 340 45.20 -4.24 -30.22
C MET D 340 44.07 -5.11 -30.69
N ASN D 341 43.07 -4.50 -31.33
CA ASN D 341 41.96 -5.28 -31.86
C ASN D 341 42.50 -6.25 -32.93
N ARG D 342 43.47 -5.80 -33.70
CA ARG D 342 44.07 -6.63 -34.73
C ARG D 342 45.11 -7.63 -34.21
N TYR D 343 45.98 -7.20 -33.29
CA TYR D 343 47.15 -8.00 -32.95
C TYR D 343 47.22 -8.46 -31.50
N GLY D 344 46.18 -8.16 -30.75
CA GLY D 344 46.09 -8.42 -29.30
C GLY D 344 46.18 -9.82 -28.83
N LYS D 345 45.97 -10.78 -29.71
CA LYS D 345 46.26 -12.17 -29.35
C LYS D 345 47.73 -12.39 -28.96
N ALA D 346 48.64 -11.55 -29.45
CA ALA D 346 50.05 -11.58 -29.09
C ALA D 346 50.40 -10.81 -27.82
N VAL D 347 49.40 -10.17 -27.23
CA VAL D 347 49.58 -9.41 -25.98
C VAL D 347 48.84 -9.95 -24.78
N TYR D 348 47.50 -9.98 -24.88
CA TYR D 348 46.68 -10.46 -23.78
C TYR D 348 46.98 -11.86 -23.44
N ALA D 349 47.12 -12.09 -22.16
CA ALA D 349 47.42 -13.45 -21.66
C ALA D 349 48.69 -14.06 -22.27
N CYS D 350 49.63 -13.23 -22.69
CA CYS D 350 50.91 -13.71 -23.15
C CYS D 350 52.05 -13.50 -22.12
N ASP D 351 53.21 -14.04 -22.41
CA ASP D 351 54.34 -14.03 -21.52
C ASP D 351 55.68 -14.17 -22.28
N TYR D 352 56.77 -14.21 -21.53
CA TYR D 352 58.10 -14.38 -22.05
C TYR D 352 58.22 -15.75 -22.77
N ALA D 353 58.87 -15.76 -23.91
CA ALA D 353 58.91 -16.95 -24.76
C ALA D 353 60.18 -17.74 -24.61
N GLY D 354 61.19 -17.18 -23.93
CA GLY D 354 62.43 -17.90 -23.76
C GLY D 354 63.33 -18.05 -24.97
N PHE D 355 63.11 -17.22 -25.98
CA PHE D 355 63.96 -17.14 -27.18
C PHE D 355 64.89 -15.93 -27.12
N GLU D 356 66.07 -16.09 -27.68
CA GLU D 356 67.05 -15.02 -27.82
C GLU D 356 66.48 -13.87 -28.63
N LYS D 357 66.65 -12.68 -28.11
CA LYS D 357 66.14 -11.45 -28.76
C LYS D 357 66.76 -11.23 -30.11
N GLN D 358 65.95 -10.86 -31.06
CA GLN D 358 66.37 -10.52 -32.38
C GLN D 358 65.96 -9.08 -32.73
N ASP D 359 66.61 -8.53 -33.74
CA ASP D 359 66.54 -7.09 -34.03
C ASP D 359 65.21 -6.65 -34.61
N TRP D 360 64.48 -7.54 -35.21
CA TRP D 360 63.22 -7.21 -35.85
C TRP D 360 62.06 -6.85 -34.91
N GLY D 361 62.16 -7.20 -33.64
CA GLY D 361 61.05 -7.02 -32.73
C GLY D 361 61.12 -7.98 -31.55
N TYR D 362 59.96 -8.45 -31.11
CA TYR D 362 59.82 -9.19 -29.85
C TYR D 362 59.09 -10.46 -30.05
N TYR D 363 59.45 -11.48 -29.28
CA TYR D 363 58.62 -12.66 -29.19
C TYR D 363 57.66 -12.54 -28.00
N THR D 364 56.45 -13.04 -28.16
CA THR D 364 55.64 -13.38 -26.98
C THR D 364 55.09 -14.80 -27.09
N ARG D 365 54.72 -15.36 -25.94
CA ARG D 365 54.22 -16.74 -25.85
C ARG D 365 52.79 -16.77 -25.32
N GLY D 366 51.89 -17.44 -26.07
CA GLY D 366 50.47 -17.61 -25.71
C GLY D 366 50.26 -18.76 -24.75
N LYS D 367 49.03 -18.88 -24.27
CA LYS D 367 48.70 -19.91 -23.28
C LYS D 367 48.79 -21.32 -23.81
N ASN D 368 48.67 -21.49 -25.10
CA ASN D 368 48.86 -22.83 -25.67
C ASN D 368 50.14 -22.95 -26.49
N ASP D 369 51.20 -22.30 -26.03
CA ASP D 369 52.50 -22.37 -26.64
C ASP D 369 52.62 -21.85 -28.02
N GLU D 370 51.69 -20.99 -28.42
CA GLU D 370 51.86 -20.18 -29.59
C GLU D 370 53.06 -19.27 -29.38
N VAL D 371 53.91 -19.05 -30.39
CA VAL D 371 55.03 -18.10 -30.27
C VAL D 371 54.81 -17.06 -31.32
N TYR D 372 54.59 -15.84 -30.88
CA TYR D 372 54.30 -14.74 -31.76
C TYR D 372 55.58 -13.94 -31.99
N MET D 373 55.78 -13.57 -33.23
CA MET D 373 56.80 -12.64 -33.62
C MET D 373 56.13 -11.36 -33.88
N VAL D 374 56.45 -10.34 -33.08
CA VAL D 374 55.90 -9.04 -33.29
C VAL D 374 56.98 -8.18 -33.92
N VAL D 375 56.81 -7.89 -35.18
CA VAL D 375 57.80 -7.21 -36.02
C VAL D 375 57.64 -5.72 -36.07
N PHE D 376 58.62 -5.00 -35.53
CA PHE D 376 58.64 -3.52 -35.52
C PHE D 376 59.67 -2.94 -36.48
N ASN D 377 60.68 -3.72 -36.84
CA ASN D 377 61.83 -3.24 -37.63
C ASN D 377 62.03 -4.18 -38.78
N GLN D 378 61.72 -3.73 -39.98
CA GLN D 378 61.56 -4.63 -41.14
C GLN D 378 62.92 -4.78 -41.86
N PRO D 379 63.43 -6.02 -41.93
CA PRO D 379 64.74 -6.21 -42.54
C PRO D 379 64.74 -6.10 -44.03
N TYR D 380 65.71 -5.34 -44.57
CA TYR D 380 65.87 -5.28 -46.03
C TYR D 380 66.22 -6.63 -46.61
N SER D 381 66.82 -7.52 -45.80
CA SER D 381 67.08 -8.87 -46.23
C SER D 381 65.84 -9.69 -46.57
N GLU D 382 64.68 -9.22 -46.11
CA GLU D 382 63.41 -9.90 -46.24
C GLU D 382 63.36 -11.19 -45.48
N ARG D 383 64.28 -11.34 -44.52
CA ARG D 383 64.35 -12.55 -43.72
C ARG D 383 64.42 -12.16 -42.22
N LEU D 384 63.61 -12.83 -41.42
CA LEU D 384 63.51 -12.59 -39.99
C LEU D 384 64.19 -13.73 -39.32
N ILE D 385 65.28 -13.44 -38.64
CA ILE D 385 66.07 -14.51 -38.01
C ILE D 385 65.34 -15.01 -36.78
N VAL D 386 65.24 -16.32 -36.69
CA VAL D 386 64.70 -16.99 -35.50
C VAL D 386 65.69 -18.05 -35.03
N LYS D 387 66.31 -17.79 -33.90
CA LYS D 387 67.18 -18.73 -33.26
C LYS D 387 66.41 -19.39 -32.11
N THR D 388 66.33 -20.71 -32.14
CA THR D 388 65.45 -21.45 -31.27
C THR D 388 66.27 -21.96 -30.12
N PRO D 389 65.63 -22.14 -28.97
CA PRO D 389 66.35 -22.78 -27.87
C PRO D 389 66.60 -24.27 -28.21
N LYS D 390 67.48 -24.92 -27.42
CA LYS D 390 67.88 -26.31 -27.62
C LYS D 390 66.62 -27.14 -27.57
N GLY D 391 66.47 -28.02 -28.54
CA GLY D 391 65.30 -28.90 -28.61
C GLY D 391 64.02 -28.38 -29.25
N ILE D 392 64.00 -27.11 -29.66
CA ILE D 392 62.81 -26.50 -30.19
C ILE D 392 62.98 -26.34 -31.68
N THR D 393 61.96 -26.74 -32.43
CA THR D 393 61.89 -26.51 -33.86
C THR D 393 60.66 -25.68 -34.20
N VAL D 394 60.74 -24.99 -35.33
CA VAL D 394 59.64 -24.25 -35.88
C VAL D 394 58.98 -25.10 -36.96
N GLU D 395 57.70 -25.45 -36.83
CA GLU D 395 56.99 -26.30 -37.81
C GLU D 395 56.20 -25.47 -38.79
N LYS D 396 55.78 -24.27 -38.43
CA LYS D 396 54.97 -23.48 -39.30
C LYS D 396 55.02 -22.04 -38.91
N ALA D 397 54.86 -21.15 -39.91
CA ALA D 397 54.69 -19.73 -39.68
C ALA D 397 53.48 -19.24 -40.43
N THR D 398 52.68 -18.42 -39.77
CA THR D 398 51.43 -17.94 -40.30
C THR D 398 51.33 -16.46 -40.00
N LEU D 399 50.93 -15.67 -40.97
CA LEU D 399 50.60 -14.28 -40.74
C LEU D 399 49.28 -14.16 -39.99
N LEU D 400 49.33 -13.53 -38.83
CA LEU D 400 48.19 -13.56 -37.89
C LEU D 400 46.92 -13.04 -38.50
N THR D 401 47.00 -11.90 -39.17
CA THR D 401 45.80 -11.27 -39.67
C THR D 401 45.14 -12.06 -40.78
N THR D 402 45.91 -12.65 -41.69
CA THR D 402 45.31 -13.30 -42.88
C THR D 402 45.26 -14.80 -42.81
N GLY D 403 46.02 -15.41 -41.91
CA GLY D 403 46.20 -16.85 -41.92
C GLY D 403 47.11 -17.36 -43.05
N GLU D 404 47.66 -16.48 -43.88
CA GLU D 404 48.54 -16.97 -44.96
C GLU D 404 49.82 -17.66 -44.40
N ASP D 405 50.25 -18.72 -45.08
CA ASP D 405 51.41 -19.43 -44.73
C ASP D 405 52.68 -18.62 -45.05
N ILE D 406 53.67 -18.74 -44.19
CA ILE D 406 54.89 -17.93 -44.36
C ILE D 406 56.05 -18.88 -44.43
N THR D 407 56.94 -18.69 -45.40
CA THR D 407 58.06 -19.58 -45.58
C THR D 407 59.05 -19.57 -44.41
N VAL D 408 59.43 -20.75 -43.95
CA VAL D 408 60.46 -20.92 -42.97
C VAL D 408 61.60 -21.73 -43.55
N VAL D 409 62.83 -21.21 -43.51
CA VAL D 409 63.99 -21.89 -44.05
C VAL D 409 65.00 -22.10 -42.95
N GLU D 410 65.43 -23.32 -42.79
CA GLU D 410 66.45 -23.61 -41.83
C GLU D 410 67.78 -23.13 -42.34
N THR D 411 68.53 -22.37 -41.53
CA THR D 411 69.83 -21.87 -42.00
C THR D 411 71.00 -22.58 -41.31
N THR D 412 70.84 -22.96 -40.05
CA THR D 412 71.84 -23.68 -39.28
C THR D 412 71.06 -24.56 -38.30
N ARG D 413 71.79 -25.34 -37.51
CA ARG D 413 71.20 -26.07 -36.39
C ARG D 413 70.57 -25.02 -35.44
N ASN D 414 69.32 -25.11 -35.09
CA ASN D 414 68.77 -24.05 -34.21
C ASN D 414 68.60 -22.61 -34.75
N GLU D 415 68.75 -22.41 -36.05
CA GLU D 415 68.35 -21.14 -36.63
C GLU D 415 67.60 -21.26 -37.93
N TYR D 416 66.61 -20.37 -38.09
CA TYR D 416 65.82 -20.23 -39.26
C TYR D 416 65.79 -18.78 -39.79
N ASN D 417 65.54 -18.63 -41.07
CA ASN D 417 65.01 -17.43 -41.68
C ASN D 417 63.51 -17.61 -41.89
N VAL D 418 62.73 -16.78 -41.21
CA VAL D 418 61.30 -16.68 -41.47
C VAL D 418 61.12 -15.54 -42.44
N SER D 419 60.48 -15.80 -43.58
CA SER D 419 60.30 -14.74 -44.59
C SER D 419 59.34 -13.67 -44.09
N VAL D 420 59.57 -12.44 -44.56
CA VAL D 420 58.59 -11.37 -44.40
C VAL D 420 57.39 -11.67 -45.31
N PRO D 421 56.21 -11.14 -44.99
CA PRO D 421 55.05 -11.44 -45.82
C PRO D 421 55.24 -10.87 -47.23
N LYS D 422 54.56 -11.50 -48.20
CA LYS D 422 54.68 -11.13 -49.59
C LYS D 422 54.35 -9.67 -49.76
N LYS D 423 53.31 -9.19 -49.07
CA LYS D 423 52.96 -7.77 -49.04
C LYS D 423 53.38 -7.15 -47.71
N ASN D 424 54.08 -6.05 -47.76
CA ASN D 424 54.50 -5.39 -46.53
C ASN D 424 53.30 -4.91 -45.73
N PRO D 425 53.12 -5.38 -44.49
CA PRO D 425 51.89 -4.99 -43.78
C PRO D 425 51.79 -3.50 -43.51
N GLY D 426 52.92 -2.80 -43.59
CA GLY D 426 52.93 -1.36 -43.40
C GLY D 426 52.73 -0.85 -41.98
N GLU D 427 52.81 -1.73 -40.99
CA GLU D 427 52.67 -1.39 -39.57
C GLU D 427 53.35 -2.55 -38.81
N PRO D 428 53.64 -2.39 -37.52
CA PRO D 428 54.06 -3.53 -36.75
C PRO D 428 53.09 -4.65 -36.86
N TYR D 429 53.58 -5.85 -37.12
CA TYR D 429 52.73 -6.97 -37.43
C TYR D 429 53.16 -8.23 -36.74
N VAL D 430 52.29 -9.23 -36.75
CA VAL D 430 52.55 -10.47 -36.08
C VAL D 430 52.58 -11.70 -37.02
N ILE D 431 53.59 -12.53 -36.85
CA ILE D 431 53.65 -13.83 -37.46
C ILE D 431 53.59 -14.82 -36.33
N GLN D 432 52.66 -15.75 -36.41
CA GLN D 432 52.52 -16.79 -35.39
C GLN D 432 53.28 -18.02 -35.80
N LEU D 433 54.06 -18.55 -34.89
CA LEU D 433 54.81 -19.75 -35.09
C LEU D 433 54.18 -20.90 -34.38
N LYS D 434 54.27 -22.07 -34.99
CA LYS D 434 53.95 -23.30 -34.34
C LYS D 434 55.25 -23.96 -34.06
N VAL D 435 55.51 -24.25 -32.80
CA VAL D 435 56.80 -24.81 -32.43
C VAL D 435 56.61 -26.15 -31.78
N ARG D 436 57.69 -26.92 -31.72
CA ARG D 436 57.61 -28.26 -31.21
C ARG D 436 58.83 -28.47 -30.36
N ALA D 437 58.67 -29.08 -29.20
CA ALA D 437 59.79 -29.38 -28.30
C ALA D 437 60.15 -30.89 -28.33
N ALA D 438 61.42 -31.25 -28.38
CA ALA D 438 61.78 -32.69 -28.27
C ALA D 438 61.62 -33.19 -26.81
N LYS D 439 61.33 -34.48 -26.60
CA LYS D 439 61.21 -35.05 -25.22
C LYS D 439 62.55 -34.85 -24.45
N GLY D 440 62.54 -33.92 -23.48
CA GLY D 440 63.77 -33.22 -22.99
C GLY D 440 63.95 -31.79 -23.57
N TYR D 445 57.29 -27.38 -23.38
CA TYR D 445 57.90 -26.05 -23.65
C TYR D 445 57.45 -24.98 -22.62
S SO4 E . -63.80 10.74 3.67
O1 SO4 E . -63.27 12.14 3.53
O2 SO4 E . -62.98 9.88 2.80
O3 SO4 E . -63.85 10.27 5.10
O4 SO4 E . -65.19 10.62 3.17
S SO4 F . -37.34 24.83 9.58
O1 SO4 F . -36.29 24.44 10.55
O2 SO4 F . -37.14 24.01 8.33
O3 SO4 F . -37.20 26.29 9.34
O4 SO4 F . -38.69 24.68 10.23
N1 IMD G . -42.20 9.75 13.60
C2 IMD G . -42.13 8.85 12.55
N3 IMD G . -40.86 8.89 12.04
C4 IMD G . -40.19 9.84 12.70
C5 IMD G . -41.04 10.39 13.67
N1 IMD H . -62.57 -10.94 27.47
C2 IMD H . -61.49 -11.81 27.60
N3 IMD H . -61.95 -13.05 27.96
C4 IMD H . -63.32 -13.00 27.99
C5 IMD H . -63.68 -11.68 27.67
N1 IMD I . -51.61 -18.50 31.08
C2 IMD I . -51.20 -17.59 32.01
N3 IMD I . -52.03 -17.70 33.08
C4 IMD I . -52.96 -18.66 32.85
C5 IMD I . -52.71 -19.15 31.58
N1 IMD J . -69.31 -11.20 38.64
C2 IMD J . -69.62 -11.09 39.96
N3 IMD J . -70.13 -12.28 40.36
C4 IMD J . -70.16 -13.12 39.31
C5 IMD J . -69.63 -12.46 38.22
N1 IMD K . -62.76 4.17 51.41
C2 IMD K . -62.00 3.04 51.46
N3 IMD K . -62.55 2.21 52.40
C4 IMD K . -63.64 2.83 52.94
C5 IMD K . -63.77 4.06 52.33
OAP H57 L . -53.84 14.05 4.57
CAC H57 L . -54.45 14.78 5.64
CAB H57 L . -55.62 13.92 6.19
CAO H57 L . -55.25 12.50 6.56
NAA H57 L . -56.56 14.01 5.07
CAE H57 L . -56.54 15.38 4.51
CAD H57 L . -55.34 15.98 5.28
OAQ H57 L . -54.66 17.03 4.60
CAF H57 L . -57.84 16.20 4.62
CAG H57 L . -59.17 15.47 4.44
NAH H57 L . -60.42 16.33 4.52
CAN H57 L . -61.09 16.56 3.22
CAJ H57 L . -62.54 16.95 3.13
CAK H57 L . -63.40 17.40 4.17
CAL H57 L . -64.69 17.46 3.59
CAM H57 L . -64.61 17.11 2.22
CAI H57 L . -63.26 16.82 1.92
CBJ H57 L . -62.22 20.34 3.05
CBI H57 L . -63.56 20.65 3.34
CBM H57 L . -64.28 20.55 2.15
CBL H57 L . -63.41 20.16 1.12
CBK H57 L . -62.13 20.04 1.69
FE H57 L . -63.44 18.75 2.60
S SO4 M . -27.12 -29.90 -5.99
O1 SO4 M . -26.39 -28.68 -5.60
O2 SO4 M . -26.64 -30.32 -7.32
O3 SO4 M . -26.90 -30.96 -4.96
O4 SO4 M . -28.58 -29.57 -6.03
N1 IMD N . -11.19 -2.79 -2.87
C2 IMD N . -10.00 -3.15 -2.36
N3 IMD N . -9.16 -3.53 -3.36
C4 IMD N . -9.81 -3.41 -4.55
C5 IMD N . -11.10 -2.97 -4.21
N1 IMD O . -19.56 -15.23 -22.23
C2 IMD O . -19.76 -16.15 -21.30
N3 IMD O . -19.34 -17.33 -21.80
C4 IMD O . -18.88 -17.13 -23.07
C5 IMD O . -19.01 -15.80 -23.33
N1 IMD P . -5.03 12.85 -32.23
C2 IMD P . -4.68 11.53 -32.59
N3 IMD P . -4.87 11.40 -33.97
C4 IMD P . -5.35 12.63 -34.51
C5 IMD P . -5.41 13.55 -33.42
OAP H57 Q . -16.75 -14.63 -12.10
CAC H57 Q . -15.55 -15.14 -12.64
CAB H57 Q . -15.33 -14.55 -14.04
CAO H57 Q . -15.48 -13.04 -14.12
NAA H57 Q . -16.30 -15.31 -14.86
CAE H57 Q . -16.41 -16.67 -14.33
CAD H57 Q . -15.55 -16.61 -13.04
OAQ H57 Q . -15.98 -17.51 -12.01
CAF H57 Q . -15.87 -17.72 -15.30
CAG H57 Q . -16.95 -18.31 -16.20
NAH H57 Q . -16.48 -19.50 -16.98
CAN H57 Q . -17.03 -20.79 -16.53
CAJ H57 Q . -16.81 -21.96 -17.45
CAK H57 Q . -17.67 -23.08 -17.62
CAL H57 Q . -16.92 -23.99 -18.39
CAM H57 Q . -15.68 -23.41 -18.74
CAI H57 Q . -15.61 -22.11 -18.20
CBJ H57 Q . -17.57 -20.51 -20.44
CBI H57 Q . -18.78 -21.11 -20.09
CBM H57 Q . -18.86 -22.38 -20.68
CBL H57 Q . -17.68 -22.55 -21.43
CBK H57 Q . -16.88 -21.42 -21.28
FE H57 Q . -17.22 -22.27 -19.46
S SO4 R . 17.28 -10.71 28.80
O1 SO4 R . 18.17 -9.54 28.81
O2 SO4 R . 17.90 -11.71 27.87
O3 SO4 R . 17.06 -11.26 30.17
O4 SO4 R . 15.94 -10.30 28.30
N1 IMD S . 16.03 -0.42 6.29
C2 IMD S . 15.55 -0.44 7.55
N3 IMD S . 14.19 -0.40 7.55
C4 IMD S . 13.80 -0.31 6.26
C5 IMD S . 14.96 -0.32 5.48
OAP H57 T . 16.73 -11.01 18.12
CAC H57 T . 15.44 -10.96 18.72
CAB H57 T . 15.34 -10.00 19.92
CAO H57 T . 15.88 -8.61 19.61
NAA H57 T . 15.91 -10.76 21.04
CAE H57 T . 15.59 -12.21 20.85
CAD H57 T . 15.00 -12.25 19.42
OAQ H57 T . 15.33 -13.46 18.74
CAF H57 T . 14.56 -12.88 21.77
CAG H57 T . 14.98 -13.97 22.76
NAH H57 T . 13.89 -14.97 23.00
CAN H57 T . 14.37 -16.27 23.50
CAJ H57 T . 13.66 -16.80 24.72
CAK H57 T . 13.35 -18.17 24.90
CAL H57 T . 12.47 -18.19 26.02
CAM H57 T . 12.35 -16.87 26.53
CAI H57 T . 13.13 -15.99 25.75
CBJ H57 T . 16.14 -16.70 27.05
CBI H57 T . 16.27 -18.00 26.54
CBM H57 T . 15.54 -18.88 27.36
CBL H57 T . 14.98 -18.10 28.40
CBK H57 T . 15.33 -16.76 28.20
FE H57 T . 14.29 -17.46 26.58
S SO4 U . 60.49 10.77 -11.91
O1 SO4 U . 61.37 11.77 -11.28
O2 SO4 U . 61.29 9.98 -12.86
O3 SO4 U . 60.01 9.85 -10.83
O4 SO4 U . 59.33 11.48 -12.56
N1 IMD V . 41.92 5.88 -19.88
C2 IMD V . 41.29 5.26 -18.81
N3 IMD V . 40.02 5.74 -18.73
C4 IMD V . 39.88 6.68 -19.70
C5 IMD V . 41.04 6.77 -20.43
N1 IMD W . 66.22 -26.73 -34.91
C2 IMD W . 66.78 -27.54 -35.83
N3 IMD W . 67.06 -26.80 -36.93
C4 IMD W . 66.69 -25.52 -36.72
C5 IMD W . 66.16 -25.49 -35.45
OAP H57 X . 52.57 9.55 -9.99
CAC H57 X . 53.64 9.80 -10.88
CAB H57 X . 54.48 8.56 -10.99
CAO H57 X . 53.71 7.27 -11.20
NAA H57 X . 55.24 8.55 -9.73
CAE H57 X . 55.58 9.94 -9.38
CAD H57 X . 54.75 10.74 -10.42
OAQ H57 X . 54.20 11.97 -9.96
CAF H57 X . 57.10 10.12 -9.23
CAG H57 X . 57.68 11.49 -9.53
NAH H57 X . 59.02 11.90 -8.85
CAN H57 X . 59.66 10.95 -7.92
CAJ H57 X . 61.07 11.19 -7.44
CAK H57 X . 62.24 11.00 -8.21
CAL H57 X . 63.32 11.10 -7.30
CAM H57 X . 62.82 11.38 -6.01
CAI H57 X . 61.41 11.48 -6.08
CBJ H57 X . 61.76 14.31 -8.69
CBI H57 X . 63.16 14.21 -8.60
CBM H57 X . 63.51 14.50 -7.27
CBL H57 X . 62.34 14.76 -6.53
CBK H57 X . 61.26 14.65 -7.42
FE H57 X . 62.28 12.87 -7.31
#